data_1ZC8
# 
_entry.id   1ZC8 
# 
_audit_conform.dict_name       mmcif_pdbx.dic 
_audit_conform.dict_version    5.387 
_audit_conform.dict_location   http://mmcif.pdb.org/dictionaries/ascii/mmcif_pdbx.dic 
# 
loop_
_database_2.database_id 
_database_2.database_code 
_database_2.pdbx_database_accession 
_database_2.pdbx_DOI 
PDB   1ZC8         pdb_00001zc8 10.2210/pdb1zc8/pdb 
RCSB  RCSB032557   ?            ?                   
WWPDB D_1000032557 ?            ?                   
# 
loop_
_pdbx_audit_revision_history.ordinal 
_pdbx_audit_revision_history.data_content_type 
_pdbx_audit_revision_history.major_revision 
_pdbx_audit_revision_history.minor_revision 
_pdbx_audit_revision_history.revision_date 
1 'Structure model' 1 0 2005-04-19 
2 'Structure model' 1 1 2008-04-30 
3 'Structure model' 1 2 2011-07-13 
4 'Structure model' 1 3 2013-12-11 
5 'Structure model' 1 4 2024-02-14 
# 
_pdbx_audit_revision_details.ordinal             1 
_pdbx_audit_revision_details.revision_ordinal    1 
_pdbx_audit_revision_details.data_content_type   'Structure model' 
_pdbx_audit_revision_details.provider            repository 
_pdbx_audit_revision_details.type                'Initial release' 
_pdbx_audit_revision_details.description         ? 
_pdbx_audit_revision_details.details             ? 
# 
loop_
_pdbx_audit_revision_group.ordinal 
_pdbx_audit_revision_group.revision_ordinal 
_pdbx_audit_revision_group.data_content_type 
_pdbx_audit_revision_group.group 
1 2 'Structure model' 'Version format compliance' 
2 3 'Structure model' 'Version format compliance' 
3 4 'Structure model' 'Structure summary'         
4 5 'Structure model' 'Data collection'           
5 5 'Structure model' 'Database references'       
6 5 'Structure model' 'Refinement description'    
# 
loop_
_pdbx_audit_revision_category.ordinal 
_pdbx_audit_revision_category.revision_ordinal 
_pdbx_audit_revision_category.data_content_type 
_pdbx_audit_revision_category.category 
1 5 'Structure model' chem_comp_atom                
2 5 'Structure model' chem_comp_bond                
3 5 'Structure model' database_2                    
4 5 'Structure model' em_3d_fitting_list            
5 5 'Structure model' em_image_scans                
6 5 'Structure model' pdbx_initial_refinement_model 
# 
loop_
_pdbx_audit_revision_item.ordinal 
_pdbx_audit_revision_item.revision_ordinal 
_pdbx_audit_revision_item.data_content_type 
_pdbx_audit_revision_item.item 
1 5 'Structure model' '_database_2.pdbx_DOI'                            
2 5 'Structure model' '_database_2.pdbx_database_accession'             
3 5 'Structure model' '_em_3d_fitting_list.accession_code'              
4 5 'Structure model' '_em_3d_fitting_list.initial_refinement_model_id' 
5 5 'Structure model' '_em_3d_fitting_list.source_name'                 
6 5 'Structure model' '_em_3d_fitting_list.type'                        
# 
_pdbx_database_status.status_code                     REL 
_pdbx_database_status.entry_id                        1ZC8 
_pdbx_database_status.recvd_initial_deposition_date   2005-04-11 
_pdbx_database_status.deposit_site                    RCSB 
_pdbx_database_status.process_site                    RCSB 
_pdbx_database_status.status_code_sf                  ? 
_pdbx_database_status.status_code_mr                  ? 
_pdbx_database_status.SG_entry                        ? 
_pdbx_database_status.status_code_cs                  ? 
_pdbx_database_status.methods_development_category    ? 
_pdbx_database_status.pdb_format_compatible           Y 
_pdbx_database_status.status_code_nmr_data            ? 
# 
loop_
_pdbx_database_related.db_name 
_pdbx_database_related.db_id 
_pdbx_database_related.details 
_pdbx_database_related.content_type 
PDB  1K8H     'Structure of SmpB'  unspecified            
PDB  1B23     'Structure of EF-Tu' unspecified            
PDB  1N32     'Structure of h44'   unspecified            
EMDB EMD-1122 .                    'associated EM volume' 
# 
loop_
_audit_author.name 
_audit_author.pdbx_ordinal 
'Valle, M.'        1 
'Gillet, R.'       2 
'Kaur, S.'         3 
'Henne, A.'        4 
'Ramakrishnan, V.' 5 
'Frank, J.'        6 
# 
loop_
_citation.id 
_citation.title 
_citation.journal_abbrev 
_citation.journal_volume 
_citation.page_first 
_citation.page_last 
_citation.year 
_citation.journal_id_ASTM 
_citation.country 
_citation.journal_id_ISSN 
_citation.journal_id_CSD 
_citation.book_publisher 
_citation.pdbx_database_id_PubMed 
_citation.pdbx_database_id_DOI 
primary 'Visualizing tmRNA Entry into a Stalled Ribosome'                                                  Science                 
300 127  130  2003 SCIEAS US 0036-8075 0038 ? 12677067 10.1126/science.1081798 
1       'Structure of small protein B: the protein component of the tmRNA SmpB system for ribosome rescue' 'Embo J.'               
21  1845 1854 2002 EMJODG UK 0261-4189 0897 ? ?        ?                       
2       'tmRDB (tmRNA database)'                                                                           'Nucleic Acids Res.'    
29  171  172  2001 NARHAD UK 0305-1048 0389 ? ?        ?                       
3       'Cryo-EM reveals an active role for aminoacyl-tRNA in the accommodation process'                   'Embo J.'               
21  3557 3567 2002 EMJODG UK 0261-4189 0897 ? ?        ?                       
4       'E. Coli Cysteinyl-tRNA and T. Aquaticus Elongation Factor Ef-Tu: GTP Ternary Complex'             'Structure Fold.Des.'   
7   143  156  1999 FODEFH UK 0969-2126 1263 ? ?        ?                       
5       'Selection of tRNA by the Ribosome Requires a Transition from an Open to a Closed Form'            'Cell(Cambridge,Mass.)' 
111 721  732  2002 CELLB5 US 0092-8674 0998 ? ?        ?                       
# 
loop_
_citation_author.citation_id 
_citation_author.name 
_citation_author.ordinal 
_citation_author.identifier_ORCID 
primary 'Valle, M.'        1  ? 
primary 'Gillet, R.'       2  ? 
primary 'Kaur, S.'         3  ? 
primary 'Henne, A.'        4  ? 
primary 'Ramakrishnan, V.' 5  ? 
primary 'Frank, J.'        6  ? 
1       'Dong, G.'         7  ? 
1       'Nowakowski, J.'   8  ? 
1       'Hoffman, D.W.'    9  ? 
2       'Knudsen, B.'      10 ? 
2       'Wower, J.'        11 ? 
2       'Zwieb, C.'        12 ? 
2       'Gorodkin, J.'     13 ? 
3       'Valle, M.'        14 ? 
3       'Sengupta, J.'     15 ? 
3       'Swami, N.K.'      16 ? 
3       'Grassucci, R.A.'  17 ? 
3       'Burkhardt, N.'    18 ? 
3       'Nierhaus, K.H.'   19 ? 
3       'Agrawal, R.K.'    20 ? 
3       'Frank, J.'        21 ? 
4       'Nissen, P.'       22 ? 
4       'Kjeldgaard, M.'   23 ? 
4       'Thirup, S.'       24 ? 
4       'Nyborg, J.'       25 ? 
5       'Ogle, J.M.'       26 ? 
5       'Murphy Iv, F.V.'  27 ? 
5       'Tarry, M.J.'      28 ? 
5       'Ramakrishnan, V.' 29 ? 
# 
loop_
_entity.id 
_entity.type 
_entity.src_method 
_entity.pdbx_description 
_entity.formula_weight 
_entity.pdbx_number_of_molecules 
_entity.pdbx_ec 
_entity.pdbx_mutation 
_entity.pdbx_fragment 
_entity.details 
1  polymer nat 'TLD 16S ribosomal RNA' 18951.215 1 ? ? ? ?   
2  polymer nat 'H2 16S rRNA'           5162.128  1 ? ? ? ?   
3  polymer nat 'H2b d mRNA'            10013.030 1 ? ? ? ?   
4  polymer nat 'protein kinase 4 mRNA' 9738.865  1 ? ? ? pk1 
5  polymer nat 'H5 16S ribosomal RNA'  9206.482  1 ? ? ? ?   
6  polymer nat 'protein kinase 2 mRNA' 18915.322 1 ? ? ? pk2 
7  polymer nat 'protein kinase 3'      15808.417 1 ? ? ? pk3 
8  polymer nat 'protein kinase 4 mRNA' 16781.955 1 ? ? ? pk4 
9  polymer nat 'H44 16S ribosomal RNA' 29593.672 1 ? ? ? ?   
10 polymer nat 'SsrA-binding protein'  15087.836 1 ? ? ? ?   
11 polymer nat 'Elongation factor Tu'  44742.980 1 ? ? ? ?   
# 
_entity_name_com.entity_id   11 
_entity_name_com.name        EF-Tu 
# 
loop_
_entity_poly.entity_id 
_entity_poly.type 
_entity_poly.nstd_linkage 
_entity_poly.nstd_monomer 
_entity_poly.pdbx_seq_one_letter_code 
_entity_poly.pdbx_seq_one_letter_code_can 
_entity_poly.pdbx_strand_id 
_entity_poly.pdbx_target_identifier 
1  polyribonucleotide no no GGGGCUGAUUCUGGAUUCGACGGGAUAUUUCGGACGCGGGUUCAACUCCCGCCAGCUCC 
GGGGCUGAUUCUGGAUUCGACGGGAUAUUUCGGACGCGGGUUCAACUCCCGCCAGCUCC A ? 
2  polyribonucleotide no no UUGCGAAACAUGUAGG UUGCGAAACAUGUAGG B ? 
3  polyribonucleotide no no CCCAAGGUGCAUGCGCAUGUAGUACCGAGGA CCCAAGGUGCAUGCGCAUGUAGUACCGAGGA C ? 
4  polyribonucleotide no no CGAGGGGCGGUUGGCCUCGUAAAAAGCCGC CGAGGGGCGGUUGGCCUCGUAAAAAGCCGC G ? 
5  polyribonucleotide no no CUUUAGCAGCUUAAUAACCUGCUUAGAGC CUUUAGCAGCUUAAUAACCUGCUUAGAGC F ? 
6  polyribonucleotide no no CCUCUCUCCCUAGCCUCCGCUCUUAGGACGGGGAUCAAGAGAGGUCAAACCCAAAAGAG 
CCUCUCUCCCUAGCCUCCGCUCUUAGGACGGGGAUCAAGAGAGGUCAAACCCAAAAGAG H ? 
7  polyribonucleotide no no AUCGCGUGGAAGCCCUGCCUGGGGUUGAAGCGUUAAAACUUAAUCAGGC AUCGCGUGGAAGCCCUGCCUGGGGUUGAAGCGUUAAAACUUAAUCAGGC I 
? 
8  polyribonucleotide no no GUUUGUUAGUGGCGUGUCCGUCCGCAGCUGGCAAGCGAAUGUAAAGACUGAC 
GUUUGUUAGUGGCGUGUCCGUCCGCAGCUGGCAAGCGAAUGUAAAGACUGAC J ? 
9  polyribonucleotide no no 
;GCCCGUCACGCCAUGGGAGCGGGCUCUACCCGAAGUCGCCGGGAGCCUACGGGCAGGCGCCGAGGGUAGGGCCCGUGACU
GGGGCGAAGUC
;
;GCCCGUCACGCCAUGGGAGCGGGCUCUACCCGAAGUCGCCGGGAGCCUACGGGCAGGCGCCGAGGGUAGGGCCCGUGACU
GGGGCGAAGUC
;
Z ? 
10 'polypeptide(L)'   no no 
;GKSDKIIPIAENKEAKAKYDILETYEAGIVLKGSEVKSLREKGTVSFKDSFVRIENGEAWLYNLYIAPYKHATIENHDPL
RKRKLLLHKREIMRLYGKVQEKGYTIIPLKLYWKNNKVKVLIALAKGKKL
;
;GKSDKIIPIAENKEAKAKYDILETYEAGIVLKGSEVKSLREKGTVSFKDSFVRIENGEAWLYNLYIAPYKHATIENHDPL
RKRKLLLHKREIMRLYGKVQEKGYTIIPLKLYWKNNKVKVLIALAKGKKL
;
K ? 
11 'polypeptide(L)'   no no 
;AKGEFIRTKPHVNVGTIGHVDHGKTTLTAALTYVAAAENPNVEVKDYGDIDKAPEERARGITINTAHVEYETAKRHYSHV
DCPGHADYIKNMITGAAQMDGAILVVSAADGPMPQTREHILLARQVGVPYIVVFMNKVDMVDDPELLDLVEMEVRDLLNQ
YEFPGDEVPVIRGSALLALEEMHKNPKTKRGENEWVDKIWELLDAIDEYIPTPVRDVDKPFLMPVEDVFTITGRGTVATG
RIERGKVKVGDEVEIVGLAPETRKTVVTGVEMHRKTLQEGIAGDNVGLLLRGVSREEVERGQVLAKPGSITPHTKFEASV
YILKKEEGGRHTGFFTGYRPQFYFRTTDVTGVVRLPQGVEMVMPGDNVTFTVELIKPVALEEGLRFAIREGGRTVGAGVV
TKILE
;
;AKGEFIRTKPHVNVGTIGHVDHGKTTLTAALTYVAAAENPNVEVKDYGDIDKAPEERARGITINTAHVEYETAKRHYSHV
DCPGHADYIKNMITGAAQMDGAILVVSAADGPMPQTREHILLARQVGVPYIVVFMNKVDMVDDPELLDLVEMEVRDLLNQ
YEFPGDEVPVIRGSALLALEEMHKNPKTKRGENEWVDKIWELLDAIDEYIPTPVRDVDKPFLMPVEDVFTITGRGTVATG
RIERGKVKVGDEVEIVGLAPETRKTVVTGVEMHRKTLQEGIAGDNVGLLLRGVSREEVERGQVLAKPGSITPHTKFEASV
YILKKEEGGRHTGFFTGYRPQFYFRTTDVTGVVRLPQGVEMVMPGDNVTFTVELIKPVALEEGLRFAIREGGRTVGAGVV
TKILE
;
Y ? 
# 
loop_
_entity_poly_seq.entity_id 
_entity_poly_seq.num 
_entity_poly_seq.mon_id 
_entity_poly_seq.hetero 
1  1   G   n 
1  2   G   n 
1  3   G   n 
1  4   G   n 
1  5   C   n 
1  6   U   n 
1  7   G   n 
1  8   A   n 
1  9   U   n 
1  10  U   n 
1  11  C   n 
1  12  U   n 
1  13  G   n 
1  14  G   n 
1  15  A   n 
1  16  U   n 
1  17  U   n 
1  18  C   n 
1  19  G   n 
1  20  A   n 
1  21  C   n 
1  22  G   n 
1  23  G   n 
1  24  G   n 
1  25  A   n 
1  26  U   n 
1  27  A   n 
1  28  U   n 
1  29  U   n 
1  30  U   n 
1  31  C   n 
1  32  G   n 
1  33  G   n 
1  34  A   n 
1  35  C   n 
1  36  G   n 
1  37  C   n 
1  38  G   n 
1  39  G   n 
1  40  G   n 
1  41  U   n 
1  42  U   n 
1  43  C   n 
1  44  A   n 
1  45  A   n 
1  46  C   n 
1  47  U   n 
1  48  C   n 
1  49  C   n 
1  50  C   n 
1  51  G   n 
1  52  C   n 
1  53  C   n 
1  54  A   n 
1  55  G   n 
1  56  C   n 
1  57  U   n 
1  58  C   n 
1  59  C   n 
2  1   U   n 
2  2   U   n 
2  3   G   n 
2  4   C   n 
2  5   G   n 
2  6   A   n 
2  7   A   n 
2  8   A   n 
2  9   C   n 
2  10  A   n 
2  11  U   n 
2  12  G   n 
2  13  U   n 
2  14  A   n 
2  15  G   n 
2  16  G   n 
3  1   C   n 
3  2   C   n 
3  3   C   n 
3  4   A   n 
3  5   A   n 
3  6   G   n 
3  7   G   n 
3  8   U   n 
3  9   G   n 
3  10  C   n 
3  11  A   n 
3  12  U   n 
3  13  G   n 
3  14  C   n 
3  15  G   n 
3  16  C   n 
3  17  A   n 
3  18  U   n 
3  19  G   n 
3  20  U   n 
3  21  A   n 
3  22  G   n 
3  23  U   n 
3  24  A   n 
3  25  C   n 
3  26  C   n 
3  27  G   n 
3  28  A   n 
3  29  G   n 
3  30  G   n 
3  31  A   n 
4  1   C   n 
4  2   G   n 
4  3   A   n 
4  4   G   n 
4  5   G   n 
4  6   G   n 
4  7   G   n 
4  8   C   n 
4  9   G   n 
4  10  G   n 
4  11  U   n 
4  12  U   n 
4  13  G   n 
4  14  G   n 
4  15  C   n 
4  16  C   n 
4  17  U   n 
4  18  C   n 
4  19  G   n 
4  20  U   n 
4  21  A   n 
4  22  A   n 
4  23  A   n 
4  24  A   n 
4  25  A   n 
4  26  G   n 
4  27  C   n 
4  28  C   n 
4  29  G   n 
4  30  C   n 
5  1   C   n 
5  2   U   n 
5  3   U   n 
5  4   U   n 
5  5   A   n 
5  6   G   n 
5  7   C   n 
5  8   A   n 
5  9   G   n 
5  10  C   n 
5  11  U   n 
5  12  U   n 
5  13  A   n 
5  14  A   n 
5  15  U   n 
5  16  A   n 
5  17  A   n 
5  18  C   n 
5  19  C   n 
5  20  U   n 
5  21  G   n 
5  22  C   n 
5  23  U   n 
5  24  U   n 
5  25  A   n 
5  26  G   n 
5  27  A   n 
5  28  G   n 
5  29  C   n 
6  1   C   n 
6  2   C   n 
6  3   U   n 
6  4   C   n 
6  5   U   n 
6  6   C   n 
6  7   U   n 
6  8   C   n 
6  9   C   n 
6  10  C   n 
6  11  U   n 
6  12  A   n 
6  13  G   n 
6  14  C   n 
6  15  C   n 
6  16  U   n 
6  17  C   n 
6  18  C   n 
6  19  G   n 
6  20  C   n 
6  21  U   n 
6  22  C   n 
6  23  U   n 
6  24  U   n 
6  25  A   n 
6  26  G   n 
6  27  G   n 
6  28  A   n 
6  29  C   n 
6  30  G   n 
6  31  G   n 
6  32  G   n 
6  33  G   n 
6  34  A   n 
6  35  U   n 
6  36  C   n 
6  37  A   n 
6  38  A   n 
6  39  G   n 
6  40  A   n 
6  41  G   n 
6  42  A   n 
6  43  G   n 
6  44  G   n 
6  45  U   n 
6  46  C   n 
6  47  A   n 
6  48  A   n 
6  49  A   n 
6  50  C   n 
6  51  C   n 
6  52  C   n 
6  53  A   n 
6  54  A   n 
6  55  A   n 
6  56  A   n 
6  57  G   n 
6  58  A   n 
6  59  G   n 
7  1   A   n 
7  2   U   n 
7  3   C   n 
7  4   G   n 
7  5   C   n 
7  6   G   n 
7  7   U   n 
7  8   G   n 
7  9   G   n 
7  10  A   n 
7  11  A   n 
7  12  G   n 
7  13  C   n 
7  14  C   n 
7  15  C   n 
7  16  U   n 
7  17  G   n 
7  18  C   n 
7  19  C   n 
7  20  U   n 
7  21  G   n 
7  22  G   n 
7  23  G   n 
7  24  G   n 
7  25  U   n 
7  26  U   n 
7  27  G   n 
7  28  A   n 
7  29  A   n 
7  30  G   n 
7  31  C   n 
7  32  G   n 
7  33  U   n 
7  34  U   n 
7  35  A   n 
7  36  A   n 
7  37  A   n 
7  38  A   n 
7  39  C   n 
7  40  U   n 
7  41  U   n 
7  42  A   n 
7  43  A   n 
7  44  U   n 
7  45  C   n 
7  46  A   n 
7  47  G   n 
7  48  G   n 
7  49  C   n 
8  1   G   n 
8  2   U   n 
8  3   U   n 
8  4   U   n 
8  5   G   n 
8  6   U   n 
8  7   U   n 
8  8   A   n 
8  9   G   n 
8  10  U   n 
8  11  G   n 
8  12  G   n 
8  13  C   n 
8  14  G   n 
8  15  U   n 
8  16  G   n 
8  17  U   n 
8  18  C   n 
8  19  C   n 
8  20  G   n 
8  21  U   n 
8  22  C   n 
8  23  C   n 
8  24  G   n 
8  25  C   n 
8  26  A   n 
8  27  G   n 
8  28  C   n 
8  29  U   n 
8  30  G   n 
8  31  G   n 
8  32  C   n 
8  33  A   n 
8  34  A   n 
8  35  G   n 
8  36  C   n 
8  37  G   n 
8  38  A   n 
8  39  A   n 
8  40  U   n 
8  41  G   n 
8  42  U   n 
8  43  A   n 
8  44  A   n 
8  45  A   n 
8  46  G   n 
8  47  A   n 
8  48  C   n 
8  49  U   n 
8  50  G   n 
8  51  A   n 
8  52  C   n 
9  1   G   n 
9  2   C   n 
9  3   C   n 
9  4   C   n 
9  5   G   n 
9  6   U   n 
9  7   C   n 
9  8   A   n 
9  9   C   n 
9  10  G   n 
9  11  C   n 
9  12  C   n 
9  13  A   n 
9  14  U   n 
9  15  G   n 
9  16  G   n 
9  17  G   n 
9  18  A   n 
9  19  G   n 
9  20  C   n 
9  21  G   n 
9  22  G   n 
9  23  G   n 
9  24  C   n 
9  25  U   n 
9  26  C   n 
9  27  U   n 
9  28  A   n 
9  29  C   n 
9  30  C   n 
9  31  C   n 
9  32  G   n 
9  33  A   n 
9  34  A   n 
9  35  G   n 
9  36  U   n 
9  37  C   n 
9  38  G   n 
9  39  C   n 
9  40  C   n 
9  41  G   n 
9  42  G   n 
9  43  G   n 
9  44  A   n 
9  45  G   n 
9  46  C   n 
9  47  C   n 
9  48  U   n 
9  49  A   n 
9  50  C   n 
9  51  G   n 
9  52  G   n 
9  53  G   n 
9  54  C   n 
9  55  A   n 
9  56  G   n 
9  57  G   n 
9  58  C   n 
9  59  G   n 
9  60  C   n 
9  61  C   n 
9  62  G   n 
9  63  A   n 
9  64  G   n 
9  65  G   n 
9  66  G   n 
9  67  U   n 
9  68  A   n 
9  69  G   n 
9  70  G   n 
9  71  G   n 
9  72  C   n 
9  73  C   n 
9  74  C   n 
9  75  G   n 
9  76  U   n 
9  77  G   n 
9  78  A   n 
9  79  C   n 
9  80  U   n 
9  81  G   n 
9  82  G   n 
9  83  G   n 
9  84  G   n 
9  85  C   n 
9  86  G   n 
9  87  A   n 
9  88  A   n 
9  89  G   n 
9  90  U   n 
9  91  C   n 
10 1   GLY n 
10 2   LYS n 
10 3   SER n 
10 4   ASP n 
10 5   LYS n 
10 6   ILE n 
10 7   ILE n 
10 8   PRO n 
10 9   ILE n 
10 10  ALA n 
10 11  GLU n 
10 12  ASN n 
10 13  LYS n 
10 14  GLU n 
10 15  ALA n 
10 16  LYS n 
10 17  ALA n 
10 18  LYS n 
10 19  TYR n 
10 20  ASP n 
10 21  ILE n 
10 22  LEU n 
10 23  GLU n 
10 24  THR n 
10 25  TYR n 
10 26  GLU n 
10 27  ALA n 
10 28  GLY n 
10 29  ILE n 
10 30  VAL n 
10 31  LEU n 
10 32  LYS n 
10 33  GLY n 
10 34  SER n 
10 35  GLU n 
10 36  VAL n 
10 37  LYS n 
10 38  SER n 
10 39  LEU n 
10 40  ARG n 
10 41  GLU n 
10 42  LYS n 
10 43  GLY n 
10 44  THR n 
10 45  VAL n 
10 46  SER n 
10 47  PHE n 
10 48  LYS n 
10 49  ASP n 
10 50  SER n 
10 51  PHE n 
10 52  VAL n 
10 53  ARG n 
10 54  ILE n 
10 55  GLU n 
10 56  ASN n 
10 57  GLY n 
10 58  GLU n 
10 59  ALA n 
10 60  TRP n 
10 61  LEU n 
10 62  TYR n 
10 63  ASN n 
10 64  LEU n 
10 65  TYR n 
10 66  ILE n 
10 67  ALA n 
10 68  PRO n 
10 69  TYR n 
10 70  LYS n 
10 71  HIS n 
10 72  ALA n 
10 73  THR n 
10 74  ILE n 
10 75  GLU n 
10 76  ASN n 
10 77  HIS n 
10 78  ASP n 
10 79  PRO n 
10 80  LEU n 
10 81  ARG n 
10 82  LYS n 
10 83  ARG n 
10 84  LYS n 
10 85  LEU n 
10 86  LEU n 
10 87  LEU n 
10 88  HIS n 
10 89  LYS n 
10 90  ARG n 
10 91  GLU n 
10 92  ILE n 
10 93  MET n 
10 94  ARG n 
10 95  LEU n 
10 96  TYR n 
10 97  GLY n 
10 98  LYS n 
10 99  VAL n 
10 100 GLN n 
10 101 GLU n 
10 102 LYS n 
10 103 GLY n 
10 104 TYR n 
10 105 THR n 
10 106 ILE n 
10 107 ILE n 
10 108 PRO n 
10 109 LEU n 
10 110 LYS n 
10 111 LEU n 
10 112 TYR n 
10 113 TRP n 
10 114 LYS n 
10 115 ASN n 
10 116 ASN n 
10 117 LYS n 
10 118 VAL n 
10 119 LYS n 
10 120 VAL n 
10 121 LEU n 
10 122 ILE n 
10 123 ALA n 
10 124 LEU n 
10 125 ALA n 
10 126 LYS n 
10 127 GLY n 
10 128 LYS n 
10 129 LYS n 
10 130 LEU n 
11 1   ALA n 
11 2   LYS n 
11 3   GLY n 
11 4   GLU n 
11 5   PHE n 
11 6   ILE n 
11 7   ARG n 
11 8   THR n 
11 9   LYS n 
11 10  PRO n 
11 11  HIS n 
11 12  VAL n 
11 13  ASN n 
11 14  VAL n 
11 15  GLY n 
11 16  THR n 
11 17  ILE n 
11 18  GLY n 
11 19  HIS n 
11 20  VAL n 
11 21  ASP n 
11 22  HIS n 
11 23  GLY n 
11 24  LYS n 
11 25  THR n 
11 26  THR n 
11 27  LEU n 
11 28  THR n 
11 29  ALA n 
11 30  ALA n 
11 31  LEU n 
11 32  THR n 
11 33  TYR n 
11 34  VAL n 
11 35  ALA n 
11 36  ALA n 
11 37  ALA n 
11 38  GLU n 
11 39  ASN n 
11 40  PRO n 
11 41  ASN n 
11 42  VAL n 
11 43  GLU n 
11 44  VAL n 
11 45  LYS n 
11 46  ASP n 
11 47  TYR n 
11 48  GLY n 
11 49  ASP n 
11 50  ILE n 
11 51  ASP n 
11 52  LYS n 
11 53  ALA n 
11 54  PRO n 
11 55  GLU n 
11 56  GLU n 
11 57  ARG n 
11 58  ALA n 
11 59  ARG n 
11 60  GLY n 
11 61  ILE n 
11 62  THR n 
11 63  ILE n 
11 64  ASN n 
11 65  THR n 
11 66  ALA n 
11 67  HIS n 
11 68  VAL n 
11 69  GLU n 
11 70  TYR n 
11 71  GLU n 
11 72  THR n 
11 73  ALA n 
11 74  LYS n 
11 75  ARG n 
11 76  HIS n 
11 77  TYR n 
11 78  SER n 
11 79  HIS n 
11 80  VAL n 
11 81  ASP n 
11 82  CYS n 
11 83  PRO n 
11 84  GLY n 
11 85  HIS n 
11 86  ALA n 
11 87  ASP n 
11 88  TYR n 
11 89  ILE n 
11 90  LYS n 
11 91  ASN n 
11 92  MET n 
11 93  ILE n 
11 94  THR n 
11 95  GLY n 
11 96  ALA n 
11 97  ALA n 
11 98  GLN n 
11 99  MET n 
11 100 ASP n 
11 101 GLY n 
11 102 ALA n 
11 103 ILE n 
11 104 LEU n 
11 105 VAL n 
11 106 VAL n 
11 107 SER n 
11 108 ALA n 
11 109 ALA n 
11 110 ASP n 
11 111 GLY n 
11 112 PRO n 
11 113 MET n 
11 114 PRO n 
11 115 GLN n 
11 116 THR n 
11 117 ARG n 
11 118 GLU n 
11 119 HIS n 
11 120 ILE n 
11 121 LEU n 
11 122 LEU n 
11 123 ALA n 
11 124 ARG n 
11 125 GLN n 
11 126 VAL n 
11 127 GLY n 
11 128 VAL n 
11 129 PRO n 
11 130 TYR n 
11 131 ILE n 
11 132 VAL n 
11 133 VAL n 
11 134 PHE n 
11 135 MET n 
11 136 ASN n 
11 137 LYS n 
11 138 VAL n 
11 139 ASP n 
11 140 MET n 
11 141 VAL n 
11 142 ASP n 
11 143 ASP n 
11 144 PRO n 
11 145 GLU n 
11 146 LEU n 
11 147 LEU n 
11 148 ASP n 
11 149 LEU n 
11 150 VAL n 
11 151 GLU n 
11 152 MET n 
11 153 GLU n 
11 154 VAL n 
11 155 ARG n 
11 156 ASP n 
11 157 LEU n 
11 158 LEU n 
11 159 ASN n 
11 160 GLN n 
11 161 TYR n 
11 162 GLU n 
11 163 PHE n 
11 164 PRO n 
11 165 GLY n 
11 166 ASP n 
11 167 GLU n 
11 168 VAL n 
11 169 PRO n 
11 170 VAL n 
11 171 ILE n 
11 172 ARG n 
11 173 GLY n 
11 174 SER n 
11 175 ALA n 
11 176 LEU n 
11 177 LEU n 
11 178 ALA n 
11 179 LEU n 
11 180 GLU n 
11 181 GLU n 
11 182 MET n 
11 183 HIS n 
11 184 LYS n 
11 185 ASN n 
11 186 PRO n 
11 187 LYS n 
11 188 THR n 
11 189 LYS n 
11 190 ARG n 
11 191 GLY n 
11 192 GLU n 
11 193 ASN n 
11 194 GLU n 
11 195 TRP n 
11 196 VAL n 
11 197 ASP n 
11 198 LYS n 
11 199 ILE n 
11 200 TRP n 
11 201 GLU n 
11 202 LEU n 
11 203 LEU n 
11 204 ASP n 
11 205 ALA n 
11 206 ILE n 
11 207 ASP n 
11 208 GLU n 
11 209 TYR n 
11 210 ILE n 
11 211 PRO n 
11 212 THR n 
11 213 PRO n 
11 214 VAL n 
11 215 ARG n 
11 216 ASP n 
11 217 VAL n 
11 218 ASP n 
11 219 LYS n 
11 220 PRO n 
11 221 PHE n 
11 222 LEU n 
11 223 MET n 
11 224 PRO n 
11 225 VAL n 
11 226 GLU n 
11 227 ASP n 
11 228 VAL n 
11 229 PHE n 
11 230 THR n 
11 231 ILE n 
11 232 THR n 
11 233 GLY n 
11 234 ARG n 
11 235 GLY n 
11 236 THR n 
11 237 VAL n 
11 238 ALA n 
11 239 THR n 
11 240 GLY n 
11 241 ARG n 
11 242 ILE n 
11 243 GLU n 
11 244 ARG n 
11 245 GLY n 
11 246 LYS n 
11 247 VAL n 
11 248 LYS n 
11 249 VAL n 
11 250 GLY n 
11 251 ASP n 
11 252 GLU n 
11 253 VAL n 
11 254 GLU n 
11 255 ILE n 
11 256 VAL n 
11 257 GLY n 
11 258 LEU n 
11 259 ALA n 
11 260 PRO n 
11 261 GLU n 
11 262 THR n 
11 263 ARG n 
11 264 LYS n 
11 265 THR n 
11 266 VAL n 
11 267 VAL n 
11 268 THR n 
11 269 GLY n 
11 270 VAL n 
11 271 GLU n 
11 272 MET n 
11 273 HIS n 
11 274 ARG n 
11 275 LYS n 
11 276 THR n 
11 277 LEU n 
11 278 GLN n 
11 279 GLU n 
11 280 GLY n 
11 281 ILE n 
11 282 ALA n 
11 283 GLY n 
11 284 ASP n 
11 285 ASN n 
11 286 VAL n 
11 287 GLY n 
11 288 LEU n 
11 289 LEU n 
11 290 LEU n 
11 291 ARG n 
11 292 GLY n 
11 293 VAL n 
11 294 SER n 
11 295 ARG n 
11 296 GLU n 
11 297 GLU n 
11 298 VAL n 
11 299 GLU n 
11 300 ARG n 
11 301 GLY n 
11 302 GLN n 
11 303 VAL n 
11 304 LEU n 
11 305 ALA n 
11 306 LYS n 
11 307 PRO n 
11 308 GLY n 
11 309 SER n 
11 310 ILE n 
11 311 THR n 
11 312 PRO n 
11 313 HIS n 
11 314 THR n 
11 315 LYS n 
11 316 PHE n 
11 317 GLU n 
11 318 ALA n 
11 319 SER n 
11 320 VAL n 
11 321 TYR n 
11 322 ILE n 
11 323 LEU n 
11 324 LYS n 
11 325 LYS n 
11 326 GLU n 
11 327 GLU n 
11 328 GLY n 
11 329 GLY n 
11 330 ARG n 
11 331 HIS n 
11 332 THR n 
11 333 GLY n 
11 334 PHE n 
11 335 PHE n 
11 336 THR n 
11 337 GLY n 
11 338 TYR n 
11 339 ARG n 
11 340 PRO n 
11 341 GLN n 
11 342 PHE n 
11 343 TYR n 
11 344 PHE n 
11 345 ARG n 
11 346 THR n 
11 347 THR n 
11 348 ASP n 
11 349 VAL n 
11 350 THR n 
11 351 GLY n 
11 352 VAL n 
11 353 VAL n 
11 354 ARG n 
11 355 LEU n 
11 356 PRO n 
11 357 GLN n 
11 358 GLY n 
11 359 VAL n 
11 360 GLU n 
11 361 MET n 
11 362 VAL n 
11 363 MET n 
11 364 PRO n 
11 365 GLY n 
11 366 ASP n 
11 367 ASN n 
11 368 VAL n 
11 369 THR n 
11 370 PHE n 
11 371 THR n 
11 372 VAL n 
11 373 GLU n 
11 374 LEU n 
11 375 ILE n 
11 376 LYS n 
11 377 PRO n 
11 378 VAL n 
11 379 ALA n 
11 380 LEU n 
11 381 GLU n 
11 382 GLU n 
11 383 GLY n 
11 384 LEU n 
11 385 ARG n 
11 386 PHE n 
11 387 ALA n 
11 388 ILE n 
11 389 ARG n 
11 390 GLU n 
11 391 GLY n 
11 392 GLY n 
11 393 ARG n 
11 394 THR n 
11 395 VAL n 
11 396 GLY n 
11 397 ALA n 
11 398 GLY n 
11 399 VAL n 
11 400 VAL n 
11 401 THR n 
11 402 LYS n 
11 403 ILE n 
11 404 LEU n 
11 405 GLU n 
# 
loop_
_entity_src_nat.entity_id 
_entity_src_nat.pdbx_src_id 
_entity_src_nat.pdbx_alt_source_flag 
_entity_src_nat.pdbx_beg_seq_num 
_entity_src_nat.pdbx_end_seq_num 
_entity_src_nat.common_name 
_entity_src_nat.pdbx_organism_scientific 
_entity_src_nat.pdbx_ncbi_taxonomy_id 
_entity_src_nat.genus 
_entity_src_nat.species 
_entity_src_nat.strain 
_entity_src_nat.tissue 
_entity_src_nat.tissue_fraction 
_entity_src_nat.pdbx_secretion 
_entity_src_nat.pdbx_fragment 
_entity_src_nat.pdbx_variant 
_entity_src_nat.pdbx_cell_line 
_entity_src_nat.pdbx_atcc 
_entity_src_nat.pdbx_cellular_location 
_entity_src_nat.pdbx_organ 
_entity_src_nat.pdbx_organelle 
_entity_src_nat.pdbx_cell 
_entity_src_nat.pdbx_plasmid_name 
_entity_src_nat.pdbx_plasmid_details 
_entity_src_nat.details 
1  1 sample ? ? ? 'Thermus thermophilus' 274 Thermus ? ? ? ? ? ? ? ? ? ? ? ? ? ? ? ? 
2  1 sample ? ? ? 'Thermus thermophilus' 274 Thermus ? ? ? ? ? ? ? ? ? ? ? ? ? ? ? ? 
3  1 sample ? ? ? 'Thermus thermophilus' 274 Thermus ? ? ? ? ? ? ? ? ? ? ? ? ? ? ? ? 
4  1 sample ? ? ? 'Thermus thermophilus' 274 Thermus ? ? ? ? ? ? ? ? ? ? ? ? ? ? ? ? 
5  1 sample ? ? ? 'Thermus thermophilus' 274 Thermus ? ? ? ? ? ? ? ? ? ? ? ? ? ? ? ? 
6  1 sample ? ? ? 'Thermus thermophilus' 274 Thermus ? ? ? ? ? ? ? ? ? ? ? ? ? ? ? ? 
7  1 sample ? ? ? 'Thermus thermophilus' 274 Thermus ? ? ? ? ? ? ? ? ? ? ? ? ? ? ? ? 
8  1 sample ? ? ? 'Thermus thermophilus' 274 Thermus ? ? ? ? ? ? ? ? ? ? ? ? ? ? ? ? 
9  1 sample ? ? ? 'Thermus thermophilus' 274 Thermus ? ? ? ? ? ? ? ? ? ? ? ? ? ? ? ? 
10 1 sample ? ? ? 'Thermus thermophilus' 274 Thermus ? ? ? ? ? ? ? ? ? ? ? ? ? ? ? ? 
11 1 sample ? ? ? 'Thermus thermophilus' 274 Thermus ? ? ? ? ? ? ? ? ? ? ? ? ? ? ? ? 
# 
loop_
_chem_comp.id 
_chem_comp.type 
_chem_comp.mon_nstd_flag 
_chem_comp.name 
_chem_comp.pdbx_synonyms 
_chem_comp.formula 
_chem_comp.formula_weight 
A   'RNA linking'       y "ADENOSINE-5'-MONOPHOSPHATE" ? 'C10 H14 N5 O7 P' 347.221 
ALA 'L-peptide linking' y ALANINE                      ? 'C3 H7 N O2'      89.093  
ARG 'L-peptide linking' y ARGININE                     ? 'C6 H15 N4 O2 1'  175.209 
ASN 'L-peptide linking' y ASPARAGINE                   ? 'C4 H8 N2 O3'     132.118 
ASP 'L-peptide linking' y 'ASPARTIC ACID'              ? 'C4 H7 N O4'      133.103 
C   'RNA linking'       y "CYTIDINE-5'-MONOPHOSPHATE"  ? 'C9 H14 N3 O8 P'  323.197 
CYS 'L-peptide linking' y CYSTEINE                     ? 'C3 H7 N O2 S'    121.158 
G   'RNA linking'       y "GUANOSINE-5'-MONOPHOSPHATE" ? 'C10 H14 N5 O8 P' 363.221 
GLN 'L-peptide linking' y GLUTAMINE                    ? 'C5 H10 N2 O3'    146.144 
GLU 'L-peptide linking' y 'GLUTAMIC ACID'              ? 'C5 H9 N O4'      147.129 
GLY 'peptide linking'   y GLYCINE                      ? 'C2 H5 N O2'      75.067  
HIS 'L-peptide linking' y HISTIDINE                    ? 'C6 H10 N3 O2 1'  156.162 
ILE 'L-peptide linking' y ISOLEUCINE                   ? 'C6 H13 N O2'     131.173 
LEU 'L-peptide linking' y LEUCINE                      ? 'C6 H13 N O2'     131.173 
LYS 'L-peptide linking' y LYSINE                       ? 'C6 H15 N2 O2 1'  147.195 
MET 'L-peptide linking' y METHIONINE                   ? 'C5 H11 N O2 S'   149.211 
PHE 'L-peptide linking' y PHENYLALANINE                ? 'C9 H11 N O2'     165.189 
PRO 'L-peptide linking' y PROLINE                      ? 'C5 H9 N O2'      115.130 
SER 'L-peptide linking' y SERINE                       ? 'C3 H7 N O3'      105.093 
THR 'L-peptide linking' y THREONINE                    ? 'C4 H9 N O3'      119.119 
TRP 'L-peptide linking' y TRYPTOPHAN                   ? 'C11 H12 N2 O2'   204.225 
TYR 'L-peptide linking' y TYROSINE                     ? 'C9 H11 N O3'     181.189 
U   'RNA linking'       y "URIDINE-5'-MONOPHOSPHATE"   ? 'C9 H13 N2 O9 P'  324.181 
VAL 'L-peptide linking' y VALINE                       ? 'C5 H11 N O2'     117.146 
# 
loop_
_pdbx_poly_seq_scheme.asym_id 
_pdbx_poly_seq_scheme.entity_id 
_pdbx_poly_seq_scheme.seq_id 
_pdbx_poly_seq_scheme.mon_id 
_pdbx_poly_seq_scheme.ndb_seq_num 
_pdbx_poly_seq_scheme.pdb_seq_num 
_pdbx_poly_seq_scheme.auth_seq_num 
_pdbx_poly_seq_scheme.pdb_mon_id 
_pdbx_poly_seq_scheme.auth_mon_id 
_pdbx_poly_seq_scheme.pdb_strand_id 
_pdbx_poly_seq_scheme.pdb_ins_code 
_pdbx_poly_seq_scheme.hetero 
A 1  1   G   1   1    1    G   G   A . n 
A 1  2   G   2   2    2    G   G   A . n 
A 1  3   G   3   3    3    G   G   A . n 
A 1  4   G   4   4    4    G   G   A . n 
A 1  5   C   5   5    5    C   C   A . n 
A 1  6   U   6   6    6    U   U   A . n 
A 1  7   G   7   7    7    G   G   A . n 
A 1  8   A   8   8    8    A   A   A . n 
A 1  9   U   9   9    9    U   U   A . n 
A 1  10  U   10  10   10   U   U   A . n 
A 1  11  C   11  11   11   C   C   A . n 
A 1  12  U   12  12   12   U   U   A . n 
A 1  13  G   13  13   13   G   G   A . n 
A 1  14  G   14  14   14   G   G   A . n 
A 1  15  A   15  15   15   A   A   A . n 
A 1  16  U   16  16   16   U   U   A . n 
A 1  17  U   17  17   17   U   U   A . n 
A 1  18  C   18  18   18   C   C   A . n 
A 1  19  G   19  19   19   G   G   A . n 
A 1  20  A   20  20   20   A   A   A . n 
A 1  21  C   21  21   21   C   C   A . n 
A 1  22  G   22  22   22   G   G   A . n 
A 1  23  G   23  23   23   G   G   A . n 
A 1  24  G   24  24   24   G   G   A . n 
A 1  25  A   25  25   25   A   A   A . n 
A 1  26  U   26  26   26   U   U   A . n 
A 1  27  A   27  327  327  A   A   A . n 
A 1  28  U   28  328  328  U   U   A . n 
A 1  29  U   29  329  329  U   U   A . n 
A 1  30  U   30  330  330  U   U   A . n 
A 1  31  C   31  331  331  C   C   A . n 
A 1  32  G   32  332  332  G   G   A . n 
A 1  33  G   33  333  333  G   G   A . n 
A 1  34  A   34  334  334  A   A   A . n 
A 1  35  C   35  335  335  C   C   A . n 
A 1  36  G   36  336  336  G   G   A . n 
A 1  37  C   37  337  337  C   C   A . n 
A 1  38  G   38  338  338  G   G   A . n 
A 1  39  G   39  339  339  G   G   A . n 
A 1  40  G   40  340  340  G   G   A . n 
A 1  41  U   41  341  341  U   U   A . n 
A 1  42  U   42  342  342  U   U   A . n 
A 1  43  C   43  343  343  C   C   A . n 
A 1  44  A   44  344  344  A   A   A . n 
A 1  45  A   45  345  345  A   A   A . n 
A 1  46  C   46  346  346  C   C   A . n 
A 1  47  U   47  347  347  U   U   A . n 
A 1  48  C   48  348  348  C   C   A . n 
A 1  49  C   49  349  349  C   C   A . n 
A 1  50  C   50  350  350  C   C   A . n 
A 1  51  G   51  351  351  G   G   A . n 
A 1  52  C   52  352  352  C   C   A . n 
A 1  53  C   53  353  353  C   C   A . n 
A 1  54  A   54  354  354  A   A   A . n 
A 1  55  G   55  355  355  G   G   A . n 
A 1  56  C   56  356  356  C   C   A . n 
A 1  57  U   57  357  357  U   U   A . n 
A 1  58  C   58  358  358  C   C   A . n 
A 1  59  C   59  359  359  C   C   A . n 
B 2  1   U   1   1    1    U   U   B . n 
B 2  2   U   2   2    2    U   U   B . n 
B 2  3   G   3   3    3    G   G   B . n 
B 2  4   C   4   4    4    C   C   B . n 
B 2  5   G   5   5    5    G   G   B . n 
B 2  6   A   6   6    6    A   A   B . n 
B 2  7   A   7   7    7    A   A   B . n 
B 2  8   A   8   8    8    A   A   B . n 
B 2  9   C   9   9    9    C   C   B . n 
B 2  10  A   10  10   10   A   A   B . n 
B 2  11  U   11  11   11   U   U   B . n 
B 2  12  G   12  12   12   G   G   B . n 
B 2  13  U   13  13   13   U   U   B . n 
B 2  14  A   14  14   14   A   A   B . n 
B 2  15  G   15  15   15   G   G   B . n 
B 2  16  G   16  16   16   G   G   B . n 
C 3  1   C   1   1    1    C   C   C . n 
C 3  2   C   2   2    2    C   C   C . n 
C 3  3   C   3   3    3    C   C   C . n 
C 3  4   A   4   4    4    A   A   C . n 
C 3  5   A   5   5    5    A   A   C . n 
C 3  6   G   6   6    6    G   G   C . n 
C 3  7   G   7   7    7    G   G   C . n 
C 3  8   U   8   8    8    U   U   C . n 
C 3  9   G   9   9    9    G   G   C . n 
C 3  10  C   10  10   10   C   C   C . n 
C 3  11  A   11  11   11   A   A   C . n 
C 3  12  U   12  12   12   U   U   C . n 
C 3  13  G   13  13   13   G   G   C . n 
C 3  14  C   14  14   14   C   C   C . n 
C 3  15  G   15  15   15   G   G   C . n 
C 3  16  C   16  16   16   C   C   C . n 
C 3  17  A   17  17   17   A   A   C . n 
C 3  18  U   18  18   18   U   U   C . n 
C 3  19  G   19  19   19   G   G   C . n 
C 3  20  U   20  20   20   U   U   C . n 
C 3  21  A   21  21   21   A   A   C . n 
C 3  22  G   22  22   22   G   G   C . n 
C 3  23  U   23  23   23   U   U   C . n 
C 3  24  A   24  24   24   A   A   C . n 
C 3  25  C   25  25   25   C   C   C . n 
C 3  26  C   26  26   26   C   C   C . n 
C 3  27  G   27  27   27   G   G   C . n 
C 3  28  A   28  28   28   A   A   C . n 
C 3  29  G   29  29   29   G   G   C . n 
C 3  30  G   30  30   30   G   G   C . n 
C 3  31  A   31  31   31   A   A   C . n 
D 4  1   C   1   1    1    C   C   G . n 
D 4  2   G   2   2    2    G   G   G . n 
D 4  3   A   3   3    3    A   A   G . n 
D 4  4   G   4   4    4    G   G   G . n 
D 4  5   G   5   5    5    G   G   G . n 
D 4  6   G   6   6    6    G   G   G . n 
D 4  7   G   7   7    7    G   G   G . n 
D 4  8   C   8   8    8    C   C   G . n 
D 4  9   G   9   9    9    G   G   G . n 
D 4  10  G   10  10   10   G   G   G . n 
D 4  11  U   11  11   11   U   U   G . n 
D 4  12  U   12  12   12   U   U   G . n 
D 4  13  G   13  13   13   G   G   G . n 
D 4  14  G   14  14   14   G   G   G . n 
D 4  15  C   15  15   15   C   C   G . n 
D 4  16  C   16  16   16   C   C   G . n 
D 4  17  U   17  17   17   U   U   G . n 
D 4  18  C   18  18   18   C   C   G . n 
D 4  19  G   19  19   19   G   G   G . n 
D 4  20  U   20  20   20   U   U   G . n 
D 4  21  A   21  21   21   A   A   G . n 
D 4  22  A   22  22   22   A   A   G . n 
D 4  23  A   23  23   23   A   A   G . n 
D 4  24  A   24  24   24   A   A   G . n 
D 4  25  A   25  25   25   A   A   G . n 
D 4  26  G   26  26   26   G   G   G . n 
D 4  27  C   27  27   27   C   C   G . n 
D 4  28  C   28  28   28   C   C   G . n 
D 4  29  G   29  29   29   G   G   G . n 
D 4  30  C   30  30   30   C   C   G . n 
E 5  1   C   1   1    1    C   C   F . n 
E 5  2   U   2   2    2    U   U   F . n 
E 5  3   U   3   3    3    U   U   F . n 
E 5  4   U   4   4    4    U   U   F . n 
E 5  5   A   5   5    5    A   A   F . n 
E 5  6   G   6   6    6    G   G   F . n 
E 5  7   C   7   7    7    C   C   F . n 
E 5  8   A   8   8    8    A   A   F . n 
E 5  9   G   9   9    9    G   G   F . n 
E 5  10  C   10  10   10   C   C   F . n 
E 5  11  U   11  11   11   U   U   F . n 
E 5  12  U   12  12   12   U   U   F . n 
E 5  13  A   13  13   13   A   A   F . n 
E 5  14  A   14  14   14   A   A   F . n 
E 5  15  U   15  15   15   U   U   F . n 
E 5  16  A   16  16   16   A   A   F . n 
E 5  17  A   17  17   17   A   A   F . n 
E 5  18  C   18  18   18   C   C   F . n 
E 5  19  C   19  19   19   C   C   F . n 
E 5  20  U   20  20   20   U   U   F . n 
E 5  21  G   21  21   21   G   G   F . n 
E 5  22  C   22  22   22   C   C   F . n 
E 5  23  U   23  23   23   U   U   F . n 
E 5  24  U   24  24   24   U   U   F . n 
E 5  25  A   25  25   25   A   A   F . n 
E 5  26  G   26  26   26   G   G   F . n 
E 5  27  A   27  27   27   A   A   F . n 
E 5  28  G   28  28   28   G   G   F . n 
E 5  29  C   29  29   29   C   C   F . n 
F 6  1   C   1   1    1    C   C   H . n 
F 6  2   C   2   2    2    C   C   H . n 
F 6  3   U   3   3    3    U   U   H . n 
F 6  4   C   4   4    4    C   C   H . n 
F 6  5   U   5   5    5    U   U   H . n 
F 6  6   C   6   6    6    C   C   H . n 
F 6  7   U   7   7    7    U   U   H . n 
F 6  8   C   8   8    8    C   C   H . n 
F 6  9   C   9   9    9    C   C   H . n 
F 6  10  C   10  10   10   C   C   H . n 
F 6  11  U   11  11   11   U   U   H . n 
F 6  12  A   12  12   12   A   A   H . n 
F 6  13  G   13  13   13   G   G   H . n 
F 6  14  C   14  14   14   C   C   H . n 
F 6  15  C   15  15   15   C   C   H . n 
F 6  16  U   16  16   16   U   U   H . n 
F 6  17  C   17  17   17   C   C   H . n 
F 6  18  C   18  18   18   C   C   H . n 
F 6  19  G   19  19   19   G   G   H . n 
F 6  20  C   20  20   20   C   C   H . n 
F 6  21  U   21  21   21   U   U   H . n 
F 6  22  C   22  22   22   C   C   H . n 
F 6  23  U   23  23   23   U   U   H . n 
F 6  24  U   24  24   24   U   U   H . n 
F 6  25  A   25  25   25   A   A   H . n 
F 6  26  G   26  26   26   G   G   H . n 
F 6  27  G   27  27   27   G   G   H . n 
F 6  28  A   28  28   28   A   A   H . n 
F 6  29  C   29  29   29   C   C   H . n 
F 6  30  G   30  30   30   G   G   H . n 
F 6  31  G   31  31   31   G   G   H . n 
F 6  32  G   32  32   32   G   G   H . n 
F 6  33  G   33  33   33   G   G   H . n 
F 6  34  A   34  34   34   A   A   H . n 
F 6  35  U   35  35   35   U   U   H . n 
F 6  36  C   36  36   36   C   C   H . n 
F 6  37  A   37  37   37   A   A   H . n 
F 6  38  A   38  38   38   A   A   H . n 
F 6  39  G   39  39   39   G   G   H . n 
F 6  40  A   40  40   40   A   A   H . n 
F 6  41  G   41  41   41   G   G   H . n 
F 6  42  A   42  42   42   A   A   H . n 
F 6  43  G   43  43   43   G   G   H . n 
F 6  44  G   44  44   44   G   G   H . n 
F 6  45  U   45  45   45   U   U   H . n 
F 6  46  C   46  46   46   C   C   H . n 
F 6  47  A   47  47   47   A   A   H . n 
F 6  48  A   48  48   48   A   A   H . n 
F 6  49  A   49  49   49   A   A   H . n 
F 6  50  C   50  50   50   C   C   H . n 
F 6  51  C   51  51   51   C   C   H . n 
F 6  52  C   52  52   52   C   C   H . n 
F 6  53  A   53  53   53   A   A   H . n 
F 6  54  A   54  54   54   A   A   H . n 
F 6  55  A   55  55   55   A   A   H . n 
F 6  56  A   56  56   56   A   A   H . n 
F 6  57  G   57  57   57   G   G   H . n 
F 6  58  A   58  58   58   A   A   H . n 
F 6  59  G   59  59   59   G   G   H . n 
G 7  1   A   1   1    1    A   A   I . n 
G 7  2   U   2   2    2    U   U   I . n 
G 7  3   C   3   3    3    C   C   I . n 
G 7  4   G   4   4    4    G   G   I . n 
G 7  5   C   5   5    5    C   C   I . n 
G 7  6   G   6   6    6    G   G   I . n 
G 7  7   U   7   7    7    U   U   I . n 
G 7  8   G   8   8    8    G   G   I . n 
G 7  9   G   9   9    9    G   G   I . n 
G 7  10  A   10  10   10   A   A   I . n 
G 7  11  A   11  11   11   A   A   I . n 
G 7  12  G   12  12   12   G   G   I . n 
G 7  13  C   13  13   13   C   C   I . n 
G 7  14  C   14  14   14   C   C   I . n 
G 7  15  C   15  15   15   C   C   I . n 
G 7  16  U   16  16   16   U   U   I . n 
G 7  17  G   17  17   17   G   G   I . n 
G 7  18  C   18  18   18   C   C   I . n 
G 7  19  C   19  19   19   C   C   I . n 
G 7  20  U   20  20   20   U   U   I . n 
G 7  21  G   21  21   21   G   G   I . n 
G 7  22  G   22  22   22   G   G   I . n 
G 7  23  G   23  23   23   G   G   I . n 
G 7  24  G   24  24   24   G   G   I . n 
G 7  25  U   25  25   25   U   U   I . n 
G 7  26  U   26  26   26   U   U   I . n 
G 7  27  G   27  27   27   G   G   I . n 
G 7  28  A   28  28   28   A   A   I . n 
G 7  29  A   29  29   29   A   A   I . n 
G 7  30  G   30  30   30   G   G   I . n 
G 7  31  C   31  31   31   C   C   I . n 
G 7  32  G   32  32   32   G   G   I . n 
G 7  33  U   33  33   33   U   U   I . n 
G 7  34  U   34  34   34   U   U   I . n 
G 7  35  A   35  35   35   A   A   I . n 
G 7  36  A   36  36   36   A   A   I . n 
G 7  37  A   37  37   37   A   A   I . n 
G 7  38  A   38  38   38   A   A   I . n 
G 7  39  C   39  39   39   C   C   I . n 
G 7  40  U   40  40   40   U   U   I . n 
G 7  41  U   41  41   41   U   U   I . n 
G 7  42  A   42  42   42   A   A   I . n 
G 7  43  A   43  43   43   A   A   I . n 
G 7  44  U   44  44   44   U   U   I . n 
G 7  45  C   45  45   45   C   C   I . n 
G 7  46  A   46  46   46   A   A   I . n 
G 7  47  G   47  47   47   G   G   I . n 
G 7  48  G   48  48   48   G   G   I . n 
G 7  49  C   49  49   49   C   C   I . n 
H 8  1   G   1   1    1    G   G   J . n 
H 8  2   U   2   2    2    U   U   J . n 
H 8  3   U   3   3    3    U   U   J . n 
H 8  4   U   4   4    4    U   U   J . n 
H 8  5   G   5   5    5    G   G   J . n 
H 8  6   U   6   6    6    U   U   J . n 
H 8  7   U   7   7    7    U   U   J . n 
H 8  8   A   8   8    8    A   A   J . n 
H 8  9   G   9   9    9    G   G   J . n 
H 8  10  U   10  10   10   U   U   J . n 
H 8  11  G   11  11   11   G   G   J . n 
H 8  12  G   12  12   12   G   G   J . n 
H 8  13  C   13  13   13   C   C   J . n 
H 8  14  G   14  14   14   G   G   J . n 
H 8  15  U   15  15   15   U   U   J . n 
H 8  16  G   16  16   16   G   G   J . n 
H 8  17  U   17  17   17   U   U   J . n 
H 8  18  C   18  18   18   C   C   J . n 
H 8  19  C   19  19   19   C   C   J . n 
H 8  20  G   20  20   20   G   G   J . n 
H 8  21  U   21  21   21   U   U   J . n 
H 8  22  C   22  22   22   C   C   J . n 
H 8  23  C   23  23   23   C   C   J . n 
H 8  24  G   24  24   24   G   G   J . n 
H 8  25  C   25  25   25   C   C   J . n 
H 8  26  A   26  26   26   A   A   J . n 
H 8  27  G   27  27   27   G   G   J . n 
H 8  28  C   28  28   28   C   C   J . n 
H 8  29  U   29  29   29   U   U   J . n 
H 8  30  G   30  30   30   G   G   J . n 
H 8  31  G   31  31   31   G   G   J . n 
H 8  32  C   32  32   32   C   C   J . n 
H 8  33  A   33  33   33   A   A   J . n 
H 8  34  A   34  34   34   A   A   J . n 
H 8  35  G   35  35   35   G   G   J . n 
H 8  36  C   36  36   36   C   C   J . n 
H 8  37  G   37  37   37   G   G   J . n 
H 8  38  A   38  38   38   A   A   J . n 
H 8  39  A   39  39   39   A   A   J . n 
H 8  40  U   40  40   40   U   U   J . n 
H 8  41  G   41  41   41   G   G   J . n 
H 8  42  U   42  42   42   U   U   J . n 
H 8  43  A   43  43   43   A   A   J . n 
H 8  44  A   44  44   44   A   A   J . n 
H 8  45  A   45  45   45   A   A   J . n 
H 8  46  G   46  46   46   G   G   J . n 
H 8  47  A   47  47   47   A   A   J . n 
H 8  48  C   48  48   48   C   C   J . n 
H 8  49  U   49  49   49   U   U   J . n 
H 8  50  G   50  50   50   G   G   J . n 
H 8  51  A   51  51   51   A   A   J . n 
H 8  52  C   52  52   52   C   C   J . n 
I 9  1   G   1   1406 1406 G   G   Z . n 
I 9  2   C   2   1407 1407 C   C   Z . n 
I 9  3   C   3   1408 1408 C   C   Z . n 
I 9  4   C   4   1409 1409 C   C   Z . n 
I 9  5   G   5   1410 1410 G   G   Z . n 
I 9  6   U   6   1411 1411 U   U   Z . n 
I 9  7   C   7   1412 1412 C   C   Z . n 
I 9  8   A   8   1413 1413 A   A   Z . n 
I 9  9   C   9   1414 1414 C   C   Z . n 
I 9  10  G   10  1415 1415 G   G   Z . n 
I 9  11  C   11  1416 1416 C   C   Z . n 
I 9  12  C   12  1417 1417 C   C   Z . n 
I 9  13  A   13  1418 1418 A   A   Z . n 
I 9  14  U   14  1419 1419 U   U   Z . n 
I 9  15  G   15  1420 1420 G   G   Z . n 
I 9  16  G   16  1421 1421 G   G   Z . n 
I 9  17  G   17  1422 1422 G   G   Z . n 
I 9  18  A   18  1423 1423 A   A   Z . n 
I 9  19  G   19  1424 1424 G   G   Z . n 
I 9  20  C   20  1425 1425 C   C   Z . n 
I 9  21  G   21  1426 1426 G   G   Z . n 
I 9  22  G   22  1427 1427 G   G   Z . n 
I 9  23  G   23  1428 1428 G   G   Z . n 
I 9  24  C   24  1429 1429 C   C   Z . n 
I 9  25  U   25  1430 1430 U   U   Z . n 
I 9  26  C   26  1431 1431 C   C   Z . n 
I 9  27  U   27  1432 1432 U   U   Z . n 
I 9  28  A   28  1433 1433 A   A   Z . n 
I 9  29  C   29  1434 1434 C   C   Z . n 
I 9  30  C   30  1435 1435 C   C   Z . n 
I 9  31  C   31  1436 1436 C   C   Z . n 
I 9  32  G   32  1437 1437 G   G   Z . n 
I 9  33  A   33  1438 1438 A   A   Z . n 
I 9  34  A   34  1439 1439 A   A   Z . n 
I 9  35  G   35  1440 1440 G   G   Z . n 
I 9  36  U   36  1441 1441 U   U   Z . n 
I 9  37  C   37  1442 1442 C   C   Z . n 
I 9  38  G   38  1443 1443 G   G   Z . n 
I 9  39  C   39  1444 1444 C   C   Z . n 
I 9  40  C   40  1445 1445 C   C   Z . n 
I 9  41  G   41  1446 1446 G   G   Z . n 
I 9  42  G   42  1447 1447 G   G   Z . n 
I 9  43  G   43  1448 1448 G   G   Z . n 
I 9  44  A   44  1449 1449 A   A   Z . n 
I 9  45  G   45  1450 1450 G   G   Z . n 
I 9  46  C   46  1451 1451 C   C   Z . n 
I 9  47  C   47  1452 1452 C   C   Z . n 
I 9  48  U   48  1453 1453 U   U   Z . n 
I 9  49  A   49  1454 1454 A   A   Z . n 
I 9  50  C   50  1455 1455 C   C   Z . n 
I 9  51  G   51  1456 1456 G   G   Z . n 
I 9  52  G   52  1457 1457 G   G   Z . n 
I 9  53  G   53  1458 1458 G   G   Z . n 
I 9  54  C   54  1459 1459 C   C   Z . n 
I 9  55  A   55  1460 1460 A   A   Z . n 
I 9  56  G   56  1461 1461 G   G   Z . n 
I 9  57  G   57  1462 1462 G   G   Z . n 
I 9  58  C   58  1463 1463 C   C   Z . n 
I 9  59  G   59  1464 1464 G   G   Z . n 
I 9  60  C   60  1465 1465 C   C   Z . n 
I 9  61  C   61  1466 1466 C   C   Z . n 
I 9  62  G   62  1467 1467 G   G   Z . n 
I 9  63  A   63  1468 1468 A   A   Z . n 
I 9  64  G   64  1469 1469 G   G   Z . n 
I 9  65  G   65  1470 1470 G   G   Z . n 
I 9  66  G   66  1471 1471 G   G   Z . n 
I 9  67  U   67  1472 1472 U   U   Z . n 
I 9  68  A   68  1473 1473 A   A   Z . n 
I 9  69  G   69  1474 1474 G   G   Z . n 
I 9  70  G   70  1475 1475 G   G   Z . n 
I 9  71  G   71  1476 1476 G   G   Z . n 
I 9  72  C   72  1477 1477 C   C   Z . n 
I 9  73  C   73  1478 1478 C   C   Z . n 
I 9  74  C   74  1479 1479 C   C   Z . n 
I 9  75  G   75  1480 1480 G   G   Z . n 
I 9  76  U   76  1481 1481 U   U   Z . n 
I 9  77  G   77  1482 1482 G   G   Z . n 
I 9  78  A   78  1483 1483 A   A   Z . n 
I 9  79  C   79  1484 1484 C   C   Z . n 
I 9  80  U   80  1485 1485 U   U   Z . n 
I 9  81  G   81  1486 1486 G   G   Z . n 
I 9  82  G   82  1487 1487 G   G   Z . n 
I 9  83  G   83  1488 1488 G   G   Z . n 
I 9  84  G   84  1489 1489 G   G   Z . n 
I 9  85  C   85  1490 1490 C   C   Z . n 
I 9  86  G   86  1491 1491 G   G   Z . n 
I 9  87  A   87  1492 1492 A   A   Z . n 
I 9  88  A   88  1493 1493 A   A   Z . n 
I 9  89  G   89  1494 1494 G   G   Z . n 
I 9  90  U   90  1495 1495 U   U   Z . n 
I 9  91  C   91  1496 1496 C   C   Z . n 
J 10 1   GLY 1   1    1    GLY GLY K . n 
J 10 2   LYS 2   2    2    LYS LYS K . n 
J 10 3   SER 3   3    3    SER SER K . n 
J 10 4   ASP 4   4    4    ASP ASP K . n 
J 10 5   LYS 5   5    5    LYS LYS K . n 
J 10 6   ILE 6   6    6    ILE ILE K . n 
J 10 7   ILE 7   7    7    ILE ILE K . n 
J 10 8   PRO 8   8    8    PRO PRO K . n 
J 10 9   ILE 9   9    9    ILE ILE K . n 
J 10 10  ALA 10  10   10   ALA ALA K . n 
J 10 11  GLU 11  11   11   GLU GLU K . n 
J 10 12  ASN 12  12   12   ASN ASN K . n 
J 10 13  LYS 13  13   13   LYS LYS K . n 
J 10 14  GLU 14  14   14   GLU GLU K . n 
J 10 15  ALA 15  15   15   ALA ALA K . n 
J 10 16  LYS 16  16   16   LYS LYS K . n 
J 10 17  ALA 17  17   17   ALA ALA K . n 
J 10 18  LYS 18  18   18   LYS LYS K . n 
J 10 19  TYR 19  19   19   TYR TYR K . n 
J 10 20  ASP 20  20   20   ASP ASP K . n 
J 10 21  ILE 21  21   21   ILE ILE K . n 
J 10 22  LEU 22  22   22   LEU LEU K . n 
J 10 23  GLU 23  23   23   GLU GLU K . n 
J 10 24  THR 24  24   24   THR THR K . n 
J 10 25  TYR 25  25   25   TYR TYR K . n 
J 10 26  GLU 26  26   26   GLU GLU K . n 
J 10 27  ALA 27  27   27   ALA ALA K . n 
J 10 28  GLY 28  28   28   GLY GLY K . n 
J 10 29  ILE 29  29   29   ILE ILE K . n 
J 10 30  VAL 30  30   30   VAL VAL K . n 
J 10 31  LEU 31  31   31   LEU LEU K . n 
J 10 32  LYS 32  32   32   LYS LYS K . n 
J 10 33  GLY 33  33   33   GLY GLY K . n 
J 10 34  SER 34  34   34   SER SER K . n 
J 10 35  GLU 35  35   35   GLU GLU K . n 
J 10 36  VAL 36  36   36   VAL VAL K . n 
J 10 37  LYS 37  37   37   LYS LYS K . n 
J 10 38  SER 38  38   38   SER SER K . n 
J 10 39  LEU 39  39   39   LEU LEU K . n 
J 10 40  ARG 40  40   40   ARG ARG K . n 
J 10 41  GLU 41  41   41   GLU GLU K . n 
J 10 42  LYS 42  42   42   LYS LYS K . n 
J 10 43  GLY 43  43   43   GLY GLY K . n 
J 10 44  THR 44  44   44   THR THR K . n 
J 10 45  VAL 45  45   45   VAL VAL K . n 
J 10 46  SER 46  46   46   SER SER K . n 
J 10 47  PHE 47  47   47   PHE PHE K . n 
J 10 48  LYS 48  48   48   LYS LYS K . n 
J 10 49  ASP 49  49   49   ASP ASP K . n 
J 10 50  SER 50  50   50   SER SER K . n 
J 10 51  PHE 51  51   51   PHE PHE K . n 
J 10 52  VAL 52  52   52   VAL VAL K . n 
J 10 53  ARG 53  53   53   ARG ARG K . n 
J 10 54  ILE 54  54   54   ILE ILE K . n 
J 10 55  GLU 55  55   55   GLU GLU K . n 
J 10 56  ASN 56  56   56   ASN ASN K . n 
J 10 57  GLY 57  57   57   GLY GLY K . n 
J 10 58  GLU 58  58   58   GLU GLU K . n 
J 10 59  ALA 59  59   59   ALA ALA K . n 
J 10 60  TRP 60  60   60   TRP TRP K . n 
J 10 61  LEU 61  61   61   LEU LEU K . n 
J 10 62  TYR 62  62   62   TYR TYR K . n 
J 10 63  ASN 63  63   63   ASN ASN K . n 
J 10 64  LEU 64  64   64   LEU LEU K . n 
J 10 65  TYR 65  65   65   TYR TYR K . n 
J 10 66  ILE 66  66   66   ILE ILE K . n 
J 10 67  ALA 67  67   67   ALA ALA K . n 
J 10 68  PRO 68  68   68   PRO PRO K . n 
J 10 69  TYR 69  69   69   TYR TYR K . n 
J 10 70  LYS 70  70   70   LYS LYS K . n 
J 10 71  HIS 71  71   71   HIS HIS K . n 
J 10 72  ALA 72  72   72   ALA ALA K . n 
J 10 73  THR 73  73   73   THR THR K . n 
J 10 74  ILE 74  74   74   ILE ILE K . n 
J 10 75  GLU 75  75   75   GLU GLU K . n 
J 10 76  ASN 76  76   76   ASN ASN K . n 
J 10 77  HIS 77  77   77   HIS HIS K . n 
J 10 78  ASP 78  78   78   ASP ASP K . n 
J 10 79  PRO 79  79   79   PRO PRO K . n 
J 10 80  LEU 80  80   80   LEU LEU K . n 
J 10 81  ARG 81  81   81   ARG ARG K . n 
J 10 82  LYS 82  82   82   LYS LYS K . n 
J 10 83  ARG 83  83   83   ARG ARG K . n 
J 10 84  LYS 84  84   84   LYS LYS K . n 
J 10 85  LEU 85  85   85   LEU LEU K . n 
J 10 86  LEU 86  86   86   LEU LEU K . n 
J 10 87  LEU 87  87   87   LEU LEU K . n 
J 10 88  HIS 88  88   88   HIS HIS K . n 
J 10 89  LYS 89  89   89   LYS LYS K . n 
J 10 90  ARG 90  90   90   ARG ARG K . n 
J 10 91  GLU 91  91   91   GLU GLU K . n 
J 10 92  ILE 92  92   92   ILE ILE K . n 
J 10 93  MET 93  93   93   MET MET K . n 
J 10 94  ARG 94  94   94   ARG ARG K . n 
J 10 95  LEU 95  95   95   LEU LEU K . n 
J 10 96  TYR 96  96   96   TYR TYR K . n 
J 10 97  GLY 97  97   97   GLY GLY K . n 
J 10 98  LYS 98  98   98   LYS LYS K . n 
J 10 99  VAL 99  99   99   VAL VAL K . n 
J 10 100 GLN 100 100  100  GLN GLN K . n 
J 10 101 GLU 101 101  101  GLU GLU K . n 
J 10 102 LYS 102 102  102  LYS LYS K . n 
J 10 103 GLY 103 103  103  GLY GLY K . n 
J 10 104 TYR 104 104  104  TYR TYR K . n 
J 10 105 THR 105 105  105  THR THR K . n 
J 10 106 ILE 106 106  106  ILE ILE K . n 
J 10 107 ILE 107 107  107  ILE ILE K . n 
J 10 108 PRO 108 108  108  PRO PRO K . n 
J 10 109 LEU 109 109  109  LEU LEU K . n 
J 10 110 LYS 110 110  110  LYS LYS K . n 
J 10 111 LEU 111 111  111  LEU LEU K . n 
J 10 112 TYR 112 112  112  TYR TYR K . n 
J 10 113 TRP 113 113  113  TRP TRP K . n 
J 10 114 LYS 114 114  114  LYS LYS K . n 
J 10 115 ASN 115 115  115  ASN ASN K . n 
J 10 116 ASN 116 116  116  ASN ASN K . n 
J 10 117 LYS 117 117  117  LYS LYS K . n 
J 10 118 VAL 118 118  118  VAL VAL K . n 
J 10 119 LYS 119 119  119  LYS LYS K . n 
J 10 120 VAL 120 120  120  VAL VAL K . n 
J 10 121 LEU 121 121  121  LEU LEU K . n 
J 10 122 ILE 122 122  122  ILE ILE K . n 
J 10 123 ALA 123 123  123  ALA ALA K . n 
J 10 124 LEU 124 124  124  LEU LEU K . n 
J 10 125 ALA 125 125  125  ALA ALA K . n 
J 10 126 LYS 126 126  126  LYS LYS K . n 
J 10 127 GLY 127 127  127  GLY GLY K . n 
J 10 128 LYS 128 128  128  LYS LYS K . n 
J 10 129 LYS 129 129  129  LYS LYS K . n 
J 10 130 LEU 130 130  130  LEU LEU K . n 
K 11 1   ALA 1   1    1    ALA ALA Y . n 
K 11 2   LYS 2   2    2    LYS LYS Y . n 
K 11 3   GLY 3   3    3    GLY GLY Y . n 
K 11 4   GLU 4   4    4    GLU GLU Y . n 
K 11 5   PHE 5   5    5    PHE PHE Y . n 
K 11 6   ILE 6   6    6    ILE ILE Y . n 
K 11 7   ARG 7   7    7    ARG ARG Y . n 
K 11 8   THR 8   8    8    THR THR Y . n 
K 11 9   LYS 9   9    9    LYS LYS Y . n 
K 11 10  PRO 10  10   10   PRO PRO Y . n 
K 11 11  HIS 11  11   11   HIS HIS Y . n 
K 11 12  VAL 12  12   12   VAL VAL Y . n 
K 11 13  ASN 13  13   13   ASN ASN Y . n 
K 11 14  VAL 14  14   14   VAL VAL Y . n 
K 11 15  GLY 15  15   15   GLY GLY Y . n 
K 11 16  THR 16  16   16   THR THR Y . n 
K 11 17  ILE 17  17   17   ILE ILE Y . n 
K 11 18  GLY 18  18   18   GLY GLY Y . n 
K 11 19  HIS 19  19   19   HIS HIS Y . n 
K 11 20  VAL 20  20   20   VAL VAL Y . n 
K 11 21  ASP 21  21   21   ASP ASP Y . n 
K 11 22  HIS 22  22   22   HIS HIS Y . n 
K 11 23  GLY 23  23   23   GLY GLY Y . n 
K 11 24  LYS 24  24   24   LYS LYS Y . n 
K 11 25  THR 25  25   25   THR THR Y . n 
K 11 26  THR 26  26   26   THR THR Y . n 
K 11 27  LEU 27  27   27   LEU LEU Y . n 
K 11 28  THR 28  28   28   THR THR Y . n 
K 11 29  ALA 29  29   29   ALA ALA Y . n 
K 11 30  ALA 30  30   30   ALA ALA Y . n 
K 11 31  LEU 31  31   31   LEU LEU Y . n 
K 11 32  THR 32  32   32   THR THR Y . n 
K 11 33  TYR 33  33   33   TYR TYR Y . n 
K 11 34  VAL 34  34   34   VAL VAL Y . n 
K 11 35  ALA 35  35   35   ALA ALA Y . n 
K 11 36  ALA 36  36   36   ALA ALA Y . n 
K 11 37  ALA 37  37   37   ALA ALA Y . n 
K 11 38  GLU 38  38   38   GLU GLU Y . n 
K 11 39  ASN 39  39   39   ASN ASN Y . n 
K 11 40  PRO 40  40   40   PRO PRO Y . n 
K 11 41  ASN 41  41   41   ASN ASN Y . n 
K 11 42  VAL 42  42   42   VAL VAL Y . n 
K 11 43  GLU 43  43   43   GLU GLU Y . n 
K 11 44  VAL 44  44   44   VAL VAL Y . n 
K 11 45  LYS 45  45   45   LYS LYS Y . n 
K 11 46  ASP 46  46   46   ASP ASP Y . n 
K 11 47  TYR 47  47   47   TYR TYR Y . n 
K 11 48  GLY 48  48   48   GLY GLY Y . n 
K 11 49  ASP 49  49   49   ASP ASP Y . n 
K 11 50  ILE 50  50   50   ILE ILE Y . n 
K 11 51  ASP 51  51   51   ASP ASP Y . n 
K 11 52  LYS 52  52   52   LYS LYS Y . n 
K 11 53  ALA 53  53   53   ALA ALA Y . n 
K 11 54  PRO 54  54   54   PRO PRO Y . n 
K 11 55  GLU 55  55   55   GLU GLU Y . n 
K 11 56  GLU 56  56   56   GLU GLU Y . n 
K 11 57  ARG 57  57   57   ARG ARG Y . n 
K 11 58  ALA 58  58   58   ALA ALA Y . n 
K 11 59  ARG 59  59   59   ARG ARG Y . n 
K 11 60  GLY 60  60   60   GLY GLY Y . n 
K 11 61  ILE 61  61   61   ILE ILE Y . n 
K 11 62  THR 62  62   62   THR THR Y . n 
K 11 63  ILE 63  63   63   ILE ILE Y . n 
K 11 64  ASN 64  64   64   ASN ASN Y . n 
K 11 65  THR 65  65   65   THR THR Y . n 
K 11 66  ALA 66  66   66   ALA ALA Y . n 
K 11 67  HIS 67  67   67   HIS HIS Y . n 
K 11 68  VAL 68  68   68   VAL VAL Y . n 
K 11 69  GLU 69  69   69   GLU GLU Y . n 
K 11 70  TYR 70  70   70   TYR TYR Y . n 
K 11 71  GLU 71  71   71   GLU GLU Y . n 
K 11 72  THR 72  72   72   THR THR Y . n 
K 11 73  ALA 73  73   73   ALA ALA Y . n 
K 11 74  LYS 74  74   74   LYS LYS Y . n 
K 11 75  ARG 75  75   75   ARG ARG Y . n 
K 11 76  HIS 76  76   76   HIS HIS Y . n 
K 11 77  TYR 77  77   77   TYR TYR Y . n 
K 11 78  SER 78  78   78   SER SER Y . n 
K 11 79  HIS 79  79   79   HIS HIS Y . n 
K 11 80  VAL 80  80   80   VAL VAL Y . n 
K 11 81  ASP 81  81   81   ASP ASP Y . n 
K 11 82  CYS 82  82   82   CYS CYS Y . n 
K 11 83  PRO 83  83   83   PRO PRO Y . n 
K 11 84  GLY 84  84   84   GLY GLY Y . n 
K 11 85  HIS 85  85   85   HIS HIS Y . n 
K 11 86  ALA 86  86   86   ALA ALA Y . n 
K 11 87  ASP 87  87   87   ASP ASP Y . n 
K 11 88  TYR 88  88   88   TYR TYR Y . n 
K 11 89  ILE 89  89   89   ILE ILE Y . n 
K 11 90  LYS 90  90   90   LYS LYS Y . n 
K 11 91  ASN 91  91   91   ASN ASN Y . n 
K 11 92  MET 92  92   92   MET MET Y . n 
K 11 93  ILE 93  93   93   ILE ILE Y . n 
K 11 94  THR 94  94   94   THR THR Y . n 
K 11 95  GLY 95  95   95   GLY GLY Y . n 
K 11 96  ALA 96  96   96   ALA ALA Y . n 
K 11 97  ALA 97  97   97   ALA ALA Y . n 
K 11 98  GLN 98  98   98   GLN GLN Y . n 
K 11 99  MET 99  99   99   MET MET Y . n 
K 11 100 ASP 100 100  100  ASP ASP Y . n 
K 11 101 GLY 101 101  101  GLY GLY Y . n 
K 11 102 ALA 102 102  102  ALA ALA Y . n 
K 11 103 ILE 103 103  103  ILE ILE Y . n 
K 11 104 LEU 104 104  104  LEU LEU Y . n 
K 11 105 VAL 105 105  105  VAL VAL Y . n 
K 11 106 VAL 106 106  106  VAL VAL Y . n 
K 11 107 SER 107 107  107  SER SER Y . n 
K 11 108 ALA 108 108  108  ALA ALA Y . n 
K 11 109 ALA 109 109  109  ALA ALA Y . n 
K 11 110 ASP 110 110  110  ASP ASP Y . n 
K 11 111 GLY 111 111  111  GLY GLY Y . n 
K 11 112 PRO 112 112  112  PRO PRO Y . n 
K 11 113 MET 113 113  113  MET MET Y . n 
K 11 114 PRO 114 114  114  PRO PRO Y . n 
K 11 115 GLN 115 115  115  GLN GLN Y . n 
K 11 116 THR 116 116  116  THR THR Y . n 
K 11 117 ARG 117 117  117  ARG ARG Y . n 
K 11 118 GLU 118 118  118  GLU GLU Y . n 
K 11 119 HIS 119 119  119  HIS HIS Y . n 
K 11 120 ILE 120 120  120  ILE ILE Y . n 
K 11 121 LEU 121 121  121  LEU LEU Y . n 
K 11 122 LEU 122 122  122  LEU LEU Y . n 
K 11 123 ALA 123 123  123  ALA ALA Y . n 
K 11 124 ARG 124 124  124  ARG ARG Y . n 
K 11 125 GLN 125 125  125  GLN GLN Y . n 
K 11 126 VAL 126 126  126  VAL VAL Y . n 
K 11 127 GLY 127 127  127  GLY GLY Y . n 
K 11 128 VAL 128 128  128  VAL VAL Y . n 
K 11 129 PRO 129 129  129  PRO PRO Y . n 
K 11 130 TYR 130 130  130  TYR TYR Y . n 
K 11 131 ILE 131 131  131  ILE ILE Y . n 
K 11 132 VAL 132 132  132  VAL VAL Y . n 
K 11 133 VAL 133 133  133  VAL VAL Y . n 
K 11 134 PHE 134 134  134  PHE PHE Y . n 
K 11 135 MET 135 135  135  MET MET Y . n 
K 11 136 ASN 136 136  136  ASN ASN Y . n 
K 11 137 LYS 137 137  137  LYS LYS Y . n 
K 11 138 VAL 138 138  138  VAL VAL Y . n 
K 11 139 ASP 139 139  139  ASP ASP Y . n 
K 11 140 MET 140 140  140  MET MET Y . n 
K 11 141 VAL 141 141  141  VAL VAL Y . n 
K 11 142 ASP 142 142  142  ASP ASP Y . n 
K 11 143 ASP 143 143  143  ASP ASP Y . n 
K 11 144 PRO 144 144  144  PRO PRO Y . n 
K 11 145 GLU 145 145  145  GLU GLU Y . n 
K 11 146 LEU 146 146  146  LEU LEU Y . n 
K 11 147 LEU 147 147  147  LEU LEU Y . n 
K 11 148 ASP 148 148  148  ASP ASP Y . n 
K 11 149 LEU 149 149  149  LEU LEU Y . n 
K 11 150 VAL 150 150  150  VAL VAL Y . n 
K 11 151 GLU 151 151  151  GLU GLU Y . n 
K 11 152 MET 152 152  152  MET MET Y . n 
K 11 153 GLU 153 153  153  GLU GLU Y . n 
K 11 154 VAL 154 154  154  VAL VAL Y . n 
K 11 155 ARG 155 155  155  ARG ARG Y . n 
K 11 156 ASP 156 156  156  ASP ASP Y . n 
K 11 157 LEU 157 157  157  LEU LEU Y . n 
K 11 158 LEU 158 158  158  LEU LEU Y . n 
K 11 159 ASN 159 159  159  ASN ASN Y . n 
K 11 160 GLN 160 160  160  GLN GLN Y . n 
K 11 161 TYR 161 161  161  TYR TYR Y . n 
K 11 162 GLU 162 162  162  GLU GLU Y . n 
K 11 163 PHE 163 163  163  PHE PHE Y . n 
K 11 164 PRO 164 164  164  PRO PRO Y . n 
K 11 165 GLY 165 165  165  GLY GLY Y . n 
K 11 166 ASP 166 166  166  ASP ASP Y . n 
K 11 167 GLU 167 167  167  GLU GLU Y . n 
K 11 168 VAL 168 168  168  VAL VAL Y . n 
K 11 169 PRO 169 169  169  PRO PRO Y . n 
K 11 170 VAL 170 170  170  VAL VAL Y . n 
K 11 171 ILE 171 171  171  ILE ILE Y . n 
K 11 172 ARG 172 172  172  ARG ARG Y . n 
K 11 173 GLY 173 173  173  GLY GLY Y . n 
K 11 174 SER 174 174  174  SER SER Y . n 
K 11 175 ALA 175 175  175  ALA ALA Y . n 
K 11 176 LEU 176 176  176  LEU LEU Y . n 
K 11 177 LEU 177 177  177  LEU LEU Y . n 
K 11 178 ALA 178 178  178  ALA ALA Y . n 
K 11 179 LEU 179 179  179  LEU LEU Y . n 
K 11 180 GLU 180 180  180  GLU GLU Y . n 
K 11 181 GLU 181 181  181  GLU GLU Y . n 
K 11 182 MET 182 182  182  MET MET Y . n 
K 11 183 HIS 183 183  183  HIS HIS Y . n 
K 11 184 LYS 184 184  184  LYS LYS Y . n 
K 11 185 ASN 185 185  185  ASN ASN Y . n 
K 11 186 PRO 186 186  186  PRO PRO Y . n 
K 11 187 LYS 187 187  187  LYS LYS Y . n 
K 11 188 THR 188 188  188  THR THR Y . n 
K 11 189 LYS 189 189  189  LYS LYS Y . n 
K 11 190 ARG 190 190  190  ARG ARG Y . n 
K 11 191 GLY 191 191  191  GLY GLY Y . n 
K 11 192 GLU 192 192  192  GLU GLU Y . n 
K 11 193 ASN 193 193  193  ASN ASN Y . n 
K 11 194 GLU 194 194  194  GLU GLU Y . n 
K 11 195 TRP 195 195  195  TRP TRP Y . n 
K 11 196 VAL 196 196  196  VAL VAL Y . n 
K 11 197 ASP 197 197  197  ASP ASP Y . n 
K 11 198 LYS 198 198  198  LYS LYS Y . n 
K 11 199 ILE 199 199  199  ILE ILE Y . n 
K 11 200 TRP 200 200  200  TRP TRP Y . n 
K 11 201 GLU 201 201  201  GLU GLU Y . n 
K 11 202 LEU 202 202  202  LEU LEU Y . n 
K 11 203 LEU 203 203  203  LEU LEU Y . n 
K 11 204 ASP 204 204  204  ASP ASP Y . n 
K 11 205 ALA 205 205  205  ALA ALA Y . n 
K 11 206 ILE 206 206  206  ILE ILE Y . n 
K 11 207 ASP 207 207  207  ASP ASP Y . n 
K 11 208 GLU 208 208  208  GLU GLU Y . n 
K 11 209 TYR 209 209  209  TYR TYR Y . n 
K 11 210 ILE 210 210  210  ILE ILE Y . n 
K 11 211 PRO 211 211  211  PRO PRO Y . n 
K 11 212 THR 212 212  212  THR THR Y . n 
K 11 213 PRO 213 213  213  PRO PRO Y . n 
K 11 214 VAL 214 214  214  VAL VAL Y . n 
K 11 215 ARG 215 215  215  ARG ARG Y . n 
K 11 216 ASP 216 216  216  ASP ASP Y . n 
K 11 217 VAL 217 217  217  VAL VAL Y . n 
K 11 218 ASP 218 218  218  ASP ASP Y . n 
K 11 219 LYS 219 219  219  LYS LYS Y . n 
K 11 220 PRO 220 220  220  PRO PRO Y . n 
K 11 221 PHE 221 221  221  PHE PHE Y . n 
K 11 222 LEU 222 222  222  LEU LEU Y . n 
K 11 223 MET 223 223  223  MET MET Y . n 
K 11 224 PRO 224 224  224  PRO PRO Y . n 
K 11 225 VAL 225 225  225  VAL VAL Y . n 
K 11 226 GLU 226 226  226  GLU GLU Y . n 
K 11 227 ASP 227 227  227  ASP ASP Y . n 
K 11 228 VAL 228 228  228  VAL VAL Y . n 
K 11 229 PHE 229 229  229  PHE PHE Y . n 
K 11 230 THR 230 230  230  THR THR Y . n 
K 11 231 ILE 231 231  231  ILE ILE Y . n 
K 11 232 THR 232 232  232  THR THR Y . n 
K 11 233 GLY 233 233  233  GLY GLY Y . n 
K 11 234 ARG 234 234  234  ARG ARG Y . n 
K 11 235 GLY 235 235  235  GLY GLY Y . n 
K 11 236 THR 236 236  236  THR THR Y . n 
K 11 237 VAL 237 237  237  VAL VAL Y . n 
K 11 238 ALA 238 238  238  ALA ALA Y . n 
K 11 239 THR 239 239  239  THR THR Y . n 
K 11 240 GLY 240 240  240  GLY GLY Y . n 
K 11 241 ARG 241 241  241  ARG ARG Y . n 
K 11 242 ILE 242 242  242  ILE ILE Y . n 
K 11 243 GLU 243 243  243  GLU GLU Y . n 
K 11 244 ARG 244 244  244  ARG ARG Y . n 
K 11 245 GLY 245 245  245  GLY GLY Y . n 
K 11 246 LYS 246 246  246  LYS LYS Y . n 
K 11 247 VAL 247 247  247  VAL VAL Y . n 
K 11 248 LYS 248 248  248  LYS LYS Y . n 
K 11 249 VAL 249 249  249  VAL VAL Y . n 
K 11 250 GLY 250 250  250  GLY GLY Y . n 
K 11 251 ASP 251 251  251  ASP ASP Y . n 
K 11 252 GLU 252 252  252  GLU GLU Y . n 
K 11 253 VAL 253 253  253  VAL VAL Y . n 
K 11 254 GLU 254 254  254  GLU GLU Y . n 
K 11 255 ILE 255 255  255  ILE ILE Y . n 
K 11 256 VAL 256 256  256  VAL VAL Y . n 
K 11 257 GLY 257 257  257  GLY GLY Y . n 
K 11 258 LEU 258 258  258  LEU LEU Y . n 
K 11 259 ALA 259 259  259  ALA ALA Y . n 
K 11 260 PRO 260 260  260  PRO PRO Y . n 
K 11 261 GLU 261 261  261  GLU GLU Y . n 
K 11 262 THR 262 262  262  THR THR Y . n 
K 11 263 ARG 263 263  263  ARG ARG Y . n 
K 11 264 LYS 264 264  264  LYS LYS Y . n 
K 11 265 THR 265 265  265  THR THR Y . n 
K 11 266 VAL 266 266  266  VAL VAL Y . n 
K 11 267 VAL 267 267  267  VAL VAL Y . n 
K 11 268 THR 268 268  268  THR THR Y . n 
K 11 269 GLY 269 269  269  GLY GLY Y . n 
K 11 270 VAL 270 270  270  VAL VAL Y . n 
K 11 271 GLU 271 271  271  GLU GLU Y . n 
K 11 272 MET 272 272  272  MET MET Y . n 
K 11 273 HIS 273 273  273  HIS HIS Y . n 
K 11 274 ARG 274 274  274  ARG ARG Y . n 
K 11 275 LYS 275 275  275  LYS LYS Y . n 
K 11 276 THR 276 276  276  THR THR Y . n 
K 11 277 LEU 277 277  277  LEU LEU Y . n 
K 11 278 GLN 278 278  278  GLN GLN Y . n 
K 11 279 GLU 279 279  279  GLU GLU Y . n 
K 11 280 GLY 280 280  280  GLY GLY Y . n 
K 11 281 ILE 281 281  281  ILE ILE Y . n 
K 11 282 ALA 282 282  282  ALA ALA Y . n 
K 11 283 GLY 283 283  283  GLY GLY Y . n 
K 11 284 ASP 284 284  284  ASP ASP Y . n 
K 11 285 ASN 285 285  285  ASN ASN Y . n 
K 11 286 VAL 286 286  286  VAL VAL Y . n 
K 11 287 GLY 287 287  287  GLY GLY Y . n 
K 11 288 LEU 288 288  288  LEU LEU Y . n 
K 11 289 LEU 289 289  289  LEU LEU Y . n 
K 11 290 LEU 290 290  290  LEU LEU Y . n 
K 11 291 ARG 291 291  291  ARG ARG Y . n 
K 11 292 GLY 292 292  292  GLY GLY Y . n 
K 11 293 VAL 293 293  293  VAL VAL Y . n 
K 11 294 SER 294 294  294  SER SER Y . n 
K 11 295 ARG 295 295  295  ARG ARG Y . n 
K 11 296 GLU 296 296  296  GLU GLU Y . n 
K 11 297 GLU 297 297  297  GLU GLU Y . n 
K 11 298 VAL 298 298  298  VAL VAL Y . n 
K 11 299 GLU 299 299  299  GLU GLU Y . n 
K 11 300 ARG 300 300  300  ARG ARG Y . n 
K 11 301 GLY 301 301  301  GLY GLY Y . n 
K 11 302 GLN 302 302  302  GLN GLN Y . n 
K 11 303 VAL 303 303  303  VAL VAL Y . n 
K 11 304 LEU 304 304  304  LEU LEU Y . n 
K 11 305 ALA 305 305  305  ALA ALA Y . n 
K 11 306 LYS 306 306  306  LYS LYS Y . n 
K 11 307 PRO 307 307  307  PRO PRO Y . n 
K 11 308 GLY 308 308  308  GLY GLY Y . n 
K 11 309 SER 309 309  309  SER SER Y . n 
K 11 310 ILE 310 310  310  ILE ILE Y . n 
K 11 311 THR 311 311  311  THR THR Y . n 
K 11 312 PRO 312 312  312  PRO PRO Y . n 
K 11 313 HIS 313 313  313  HIS HIS Y . n 
K 11 314 THR 314 314  314  THR THR Y . n 
K 11 315 LYS 315 315  315  LYS LYS Y . n 
K 11 316 PHE 316 316  316  PHE PHE Y . n 
K 11 317 GLU 317 317  317  GLU GLU Y . n 
K 11 318 ALA 318 318  318  ALA ALA Y . n 
K 11 319 SER 319 319  319  SER SER Y . n 
K 11 320 VAL 320 320  320  VAL VAL Y . n 
K 11 321 TYR 321 321  321  TYR TYR Y . n 
K 11 322 ILE 322 322  322  ILE ILE Y . n 
K 11 323 LEU 323 323  323  LEU LEU Y . n 
K 11 324 LYS 324 324  324  LYS LYS Y . n 
K 11 325 LYS 325 325  325  LYS LYS Y . n 
K 11 326 GLU 326 326  326  GLU GLU Y . n 
K 11 327 GLU 327 327  327  GLU GLU Y . n 
K 11 328 GLY 328 328  328  GLY GLY Y . n 
K 11 329 GLY 329 329  329  GLY GLY Y . n 
K 11 330 ARG 330 330  330  ARG ARG Y . n 
K 11 331 HIS 331 331  331  HIS HIS Y . n 
K 11 332 THR 332 332  332  THR THR Y . n 
K 11 333 GLY 333 333  333  GLY GLY Y . n 
K 11 334 PHE 334 334  334  PHE PHE Y . n 
K 11 335 PHE 335 335  335  PHE PHE Y . n 
K 11 336 THR 336 336  336  THR THR Y . n 
K 11 337 GLY 337 337  337  GLY GLY Y . n 
K 11 338 TYR 338 338  338  TYR TYR Y . n 
K 11 339 ARG 339 339  339  ARG ARG Y . n 
K 11 340 PRO 340 340  340  PRO PRO Y . n 
K 11 341 GLN 341 341  341  GLN GLN Y . n 
K 11 342 PHE 342 342  342  PHE PHE Y . n 
K 11 343 TYR 343 343  343  TYR TYR Y . n 
K 11 344 PHE 344 344  344  PHE PHE Y . n 
K 11 345 ARG 345 345  345  ARG ARG Y . n 
K 11 346 THR 346 346  346  THR THR Y . n 
K 11 347 THR 347 347  347  THR THR Y . n 
K 11 348 ASP 348 348  348  ASP ASP Y . n 
K 11 349 VAL 349 349  349  VAL VAL Y . n 
K 11 350 THR 350 350  350  THR THR Y . n 
K 11 351 GLY 351 351  351  GLY GLY Y . n 
K 11 352 VAL 352 352  352  VAL VAL Y . n 
K 11 353 VAL 353 353  353  VAL VAL Y . n 
K 11 354 ARG 354 354  354  ARG ARG Y . n 
K 11 355 LEU 355 355  355  LEU LEU Y . n 
K 11 356 PRO 356 356  356  PRO PRO Y . n 
K 11 357 GLN 357 357  357  GLN GLN Y . n 
K 11 358 GLY 358 358  358  GLY GLY Y . n 
K 11 359 VAL 359 359  359  VAL VAL Y . n 
K 11 360 GLU 360 360  360  GLU GLU Y . n 
K 11 361 MET 361 361  361  MET MET Y . n 
K 11 362 VAL 362 362  362  VAL VAL Y . n 
K 11 363 MET 363 363  363  MET MET Y . n 
K 11 364 PRO 364 364  364  PRO PRO Y . n 
K 11 365 GLY 365 365  365  GLY GLY Y . n 
K 11 366 ASP 366 366  366  ASP ASP Y . n 
K 11 367 ASN 367 367  367  ASN ASN Y . n 
K 11 368 VAL 368 368  368  VAL VAL Y . n 
K 11 369 THR 369 369  369  THR THR Y . n 
K 11 370 PHE 370 370  370  PHE PHE Y . n 
K 11 371 THR 371 371  371  THR THR Y . n 
K 11 372 VAL 372 372  372  VAL VAL Y . n 
K 11 373 GLU 373 373  373  GLU GLU Y . n 
K 11 374 LEU 374 374  374  LEU LEU Y . n 
K 11 375 ILE 375 375  375  ILE ILE Y . n 
K 11 376 LYS 376 376  376  LYS LYS Y . n 
K 11 377 PRO 377 377  377  PRO PRO Y . n 
K 11 378 VAL 378 378  378  VAL VAL Y . n 
K 11 379 ALA 379 379  379  ALA ALA Y . n 
K 11 380 LEU 380 380  380  LEU LEU Y . n 
K 11 381 GLU 381 381  381  GLU GLU Y . n 
K 11 382 GLU 382 382  382  GLU GLU Y . n 
K 11 383 GLY 383 383  383  GLY GLY Y . n 
K 11 384 LEU 384 384  384  LEU LEU Y . n 
K 11 385 ARG 385 385  385  ARG ARG Y . n 
K 11 386 PHE 386 386  386  PHE PHE Y . n 
K 11 387 ALA 387 387  387  ALA ALA Y . n 
K 11 388 ILE 388 388  388  ILE ILE Y . n 
K 11 389 ARG 389 389  389  ARG ARG Y . n 
K 11 390 GLU 390 390  390  GLU GLU Y . n 
K 11 391 GLY 391 391  391  GLY GLY Y . n 
K 11 392 GLY 392 392  392  GLY GLY Y . n 
K 11 393 ARG 393 393  393  ARG ARG Y . n 
K 11 394 THR 394 394  394  THR THR Y . n 
K 11 395 VAL 395 395  395  VAL VAL Y . n 
K 11 396 GLY 396 396  396  GLY GLY Y . n 
K 11 397 ALA 397 397  397  ALA ALA Y . n 
K 11 398 GLY 398 398  398  GLY GLY Y . n 
K 11 399 VAL 399 399  399  VAL VAL Y . n 
K 11 400 VAL 400 400  400  VAL VAL Y . n 
K 11 401 THR 401 401  401  THR THR Y . n 
K 11 402 LYS 402 402  402  LYS LYS Y . n 
K 11 403 ILE 403 403  403  ILE ILE Y . n 
K 11 404 LEU 404 404  404  LEU LEU Y . n 
K 11 405 GLU 405 405  405  GLU GLU Y . n 
# 
_cell.entry_id           1ZC8 
_cell.length_a           1.000 
_cell.length_b           1.000 
_cell.length_c           1.000 
_cell.angle_alpha        90.00 
_cell.angle_beta         90.00 
_cell.angle_gamma        90.00 
_cell.pdbx_unique_axis   ? 
_cell.Z_PDB              1 
_cell.length_a_esd       ? 
_cell.length_b_esd       ? 
_cell.length_c_esd       ? 
_cell.angle_alpha_esd    ? 
_cell.angle_beta_esd     ? 
_cell.angle_gamma_esd    ? 
# 
_symmetry.entry_id                         1ZC8 
_symmetry.space_group_name_H-M             'P 1' 
_symmetry.pdbx_full_space_group_name_H-M   ? 
_symmetry.Int_Tables_number                1 
_symmetry.cell_setting                     ? 
# 
_exptl.entry_id          1ZC8 
_exptl.method            'ELECTRON MICROSCOPY' 
_exptl.crystals_number   ? 
# 
_exptl_crystal.id                    1 
_exptl_crystal.density_meas          ? 
_exptl_crystal.density_Matthews      ? 
_exptl_crystal.density_percent_sol   ? 
_exptl_crystal.description           ? 
_exptl_crystal.F_000                 ? 
_exptl_crystal.preparation           ? 
# 
_diffrn.id                     1 
_diffrn.ambient_temp           ? 
_diffrn.ambient_temp_details   ? 
_diffrn.crystal_id             1 
# 
_diffrn_radiation.diffrn_id                        1 
_diffrn_radiation.wavelength_id                    1 
_diffrn_radiation.pdbx_monochromatic_or_laue_m_l   M 
_diffrn_radiation.monochromator                    ? 
_diffrn_radiation.pdbx_diffrn_protocol             'SINGLE WAVELENGTH' 
_diffrn_radiation.pdbx_scattering_type             x-ray 
# 
_diffrn_radiation_wavelength.id           1 
_diffrn_radiation_wavelength.wavelength   . 
_diffrn_radiation_wavelength.wt           1.0 
# 
_refine_hist.pdbx_refine_id                   'ELECTRON MICROSCOPY' 
_refine_hist.cycle_id                         LAST 
_refine_hist.pdbx_number_atoms_protein        535 
_refine_hist.pdbx_number_atoms_nucleic_acid   416 
_refine_hist.pdbx_number_atoms_ligand         0 
_refine_hist.number_atoms_solvent             0 
_refine_hist.number_atoms_total               951 
_refine_hist.d_res_high                       . 
_refine_hist.d_res_low                        . 
# 
_struct.entry_id                  1ZC8 
_struct.title                     
'Coordinates of tmRNA, SmpB, EF-Tu and h44 fitted into Cryo-EM map of the 70S ribosome and tmRNA complex' 
_struct.pdbx_model_details        ? 
_struct.pdbx_CASP_flag            ? 
_struct.pdbx_model_type_details   ? 
# 
_struct_keywords.entry_id        1ZC8 
_struct_keywords.pdbx_keywords   'RNA binding protein/RNA' 
_struct_keywords.text            
'SmpB, tmRNA, EF-Tu, h44, 30S, 16s rRNA, Cryo-EM, trans-translation, 70S, RNA binding protein-RNA COMPLEX' 
# 
loop_
_struct_asym.id 
_struct_asym.pdbx_blank_PDB_chainid_flag 
_struct_asym.pdbx_modified 
_struct_asym.entity_id 
_struct_asym.details 
A N N 1  ? 
B N N 2  ? 
C N N 3  ? 
D N N 4  ? 
E N N 5  ? 
F N N 6  ? 
G N N 7  ? 
H N N 8  ? 
I N N 9  ? 
J N N 10 ? 
K N N 11 ? 
# 
loop_
_struct_ref.id 
_struct_ref.entity_id 
_struct_ref.db_name 
_struct_ref.db_code 
_struct_ref.pdbx_db_accession 
_struct_ref.pdbx_align_begin 
_struct_ref.pdbx_seq_one_letter_code 
_struct_ref.pdbx_db_isoform 
1  1  PDB 1ZC8 1ZC8 ? ? ? 
2  2  PDB 1ZC8 1ZC8 ? ? ? 
3  3  PDB 1ZC8 1ZC8 ? ? ? 
4  4  PDB 1ZC8 1ZC8 ? ? ? 
5  5  PDB 1ZC8 1ZC8 ? ? ? 
6  6  PDB 1ZC8 1ZC8 ? ? ? 
7  7  PDB 1ZC8 1ZC8 ? ? ? 
8  8  PDB 1ZC8 1ZC8 ? ? ? 
9  9  PDB 1ZC8 1ZC8 ? ? ? 
10 10 PDB 1ZC8 1ZC8 ? ? ? 
11 11 PDB 1ZC8 1ZC8 ? ? ? 
# 
loop_
_struct_ref_seq.align_id 
_struct_ref_seq.ref_id 
_struct_ref_seq.pdbx_PDB_id_code 
_struct_ref_seq.pdbx_strand_id 
_struct_ref_seq.seq_align_beg 
_struct_ref_seq.pdbx_seq_align_beg_ins_code 
_struct_ref_seq.seq_align_end 
_struct_ref_seq.pdbx_seq_align_end_ins_code 
_struct_ref_seq.pdbx_db_accession 
_struct_ref_seq.db_align_beg 
_struct_ref_seq.pdbx_db_align_beg_ins_code 
_struct_ref_seq.db_align_end 
_struct_ref_seq.pdbx_db_align_end_ins_code 
_struct_ref_seq.pdbx_auth_seq_align_beg 
_struct_ref_seq.pdbx_auth_seq_align_end 
1  1  1ZC8 A 1 ? 59  ? 1ZC8 1    ? 359  ? 1    359  
2  2  1ZC8 B 1 ? 16  ? 1ZC8 1    ? 16   ? 1    16   
3  3  1ZC8 C 1 ? 31  ? 1ZC8 1    ? 31   ? 1    31   
4  4  1ZC8 G 1 ? 30  ? 1ZC8 1    ? 30   ? 1    30   
5  5  1ZC8 F 1 ? 29  ? 1ZC8 1    ? 29   ? 1    29   
6  6  1ZC8 H 1 ? 59  ? 1ZC8 1    ? 59   ? 1    59   
7  7  1ZC8 I 1 ? 49  ? 1ZC8 1    ? 49   ? 1    49   
8  8  1ZC8 J 1 ? 52  ? 1ZC8 1    ? 52   ? 1    52   
9  9  1ZC8 Z 1 ? 91  ? 1ZC8 1406 ? 1496 ? 1406 1496 
10 10 1ZC8 K 1 ? 130 ? 1ZC8 1    ? 130  ? 1    130  
11 11 1ZC8 Y 1 ? 405 ? 1ZC8 1    ? 405  ? 1    405  
# 
_pdbx_struct_assembly.id                   1 
_pdbx_struct_assembly.details              author_defined_assembly 
_pdbx_struct_assembly.method_details       ? 
_pdbx_struct_assembly.oligomeric_details   undecameric 
_pdbx_struct_assembly.oligomeric_count     11 
# 
_pdbx_struct_assembly_gen.assembly_id       1 
_pdbx_struct_assembly_gen.oper_expression   1 
_pdbx_struct_assembly_gen.asym_id_list      A,B,C,D,E,F,G,H,I,J,K 
# 
_pdbx_struct_oper_list.id                   1 
_pdbx_struct_oper_list.type                 'identity operation' 
_pdbx_struct_oper_list.name                 1_555 
_pdbx_struct_oper_list.symmetry_operation   x,y,z 
_pdbx_struct_oper_list.matrix[1][1]         1.0000000000 
_pdbx_struct_oper_list.matrix[1][2]         0.0000000000 
_pdbx_struct_oper_list.matrix[1][3]         0.0000000000 
_pdbx_struct_oper_list.vector[1]            0.0000000000 
_pdbx_struct_oper_list.matrix[2][1]         0.0000000000 
_pdbx_struct_oper_list.matrix[2][2]         1.0000000000 
_pdbx_struct_oper_list.matrix[2][3]         0.0000000000 
_pdbx_struct_oper_list.vector[2]            0.0000000000 
_pdbx_struct_oper_list.matrix[3][1]         0.0000000000 
_pdbx_struct_oper_list.matrix[3][2]         0.0000000000 
_pdbx_struct_oper_list.matrix[3][3]         1.0000000000 
_pdbx_struct_oper_list.vector[3]            0.0000000000 
# 
_struct_biol.id                    1 
_struct_biol.pdbx_parent_biol_id   ? 
_struct_biol.details               ? 
# 
loop_
_pdbx_validate_close_contact.id 
_pdbx_validate_close_contact.PDB_model_num 
_pdbx_validate_close_contact.auth_atom_id_1 
_pdbx_validate_close_contact.auth_asym_id_1 
_pdbx_validate_close_contact.auth_comp_id_1 
_pdbx_validate_close_contact.auth_seq_id_1 
_pdbx_validate_close_contact.PDB_ins_code_1 
_pdbx_validate_close_contact.label_alt_id_1 
_pdbx_validate_close_contact.auth_atom_id_2 
_pdbx_validate_close_contact.auth_asym_id_2 
_pdbx_validate_close_contact.auth_comp_id_2 
_pdbx_validate_close_contact.auth_seq_id_2 
_pdbx_validate_close_contact.PDB_ins_code_2 
_pdbx_validate_close_contact.label_alt_id_2 
_pdbx_validate_close_contact.dist 
1 1 P I C 15  ? ? P  I U   44 ? ? 0.57 
2 1 P G C 18  ? ? P  J C   19 ? ? 0.79 
3 1 P A C 348 ? ? CA K TYR 19 ? ? 2.10 
# 
_pdbx_database_remark.id     999 
_pdbx_database_remark.text   
;SEQUENCE
Author states that the map was for Thermus thermophilus, but the EF-Tu model was from Thermus aquaticus (SWS code Q01698). 
;
# 
_em_3d_fitting.id                1 
_em_3d_fitting.entry_id          1ZC8 
_em_3d_fitting.ref_protocol      OTHER 
_em_3d_fitting.ref_space         REAL 
_em_3d_fitting.overall_b_value   ? 
_em_3d_fitting.target_criteria   ? 
_em_3d_fitting.details           'METHOD--manual fitting in O' 
_em_3d_fitting.method            ? 
# 
loop_
_em_3d_fitting_list.3d_fitting_id 
_em_3d_fitting_list.id 
_em_3d_fitting_list.pdb_entry_id 
_em_3d_fitting_list.pdb_chain_id 
_em_3d_fitting_list.details 
_em_3d_fitting_list.initial_refinement_model_id 
_em_3d_fitting_list.chain_id 
_em_3d_fitting_list.chain_residue_range 
_em_3d_fitting_list.pdb_chain_residue_range 
_em_3d_fitting_list.source_name 
_em_3d_fitting_list.type 
_em_3d_fitting_list.accession_code 
1 1 1K8H ? ? 1 ? ? ? PDB 'experimental model' 1K8H 
1 2 1B23 ? ? 2 ? ? ? PDB 'experimental model' 1B23 
1 3 1N32 ? ? 3 ? ? ? PDB 'experimental model' 1N32 
# 
_em_3d_reconstruction.entry_id                    1ZC8 
_em_3d_reconstruction.id                          1 
_em_3d_reconstruction.symmetry_type               POINT 
_em_3d_reconstruction.num_particles               27644 
_em_3d_reconstruction.image_processing_id         1 
_em_3d_reconstruction.method                      '3D projection matching: conjugate gradients with regularization' 
_em_3d_reconstruction.nominal_pixel_size          ? 
_em_3d_reconstruction.actual_pixel_size           2.82 
_em_3d_reconstruction.resolution                  13 
_em_3d_reconstruction.magnification_calibration   TMV 
_em_3d_reconstruction.details                     'SPIDER package, This entry contains only C alpha and P atoms.' 
_em_3d_reconstruction.resolution_method           ? 
_em_3d_reconstruction.num_class_averages          ? 
_em_3d_reconstruction.algorithm                   ? 
# 
_em_buffer.id            1 
_em_buffer.specimen_id   1 
_em_buffer.name          ? 
_em_buffer.pH            7.5 
_em_buffer.details       ? 
# 
_em_entity_assembly.id                   1 
_em_entity_assembly.name                 '70S ribosome' 
_em_entity_assembly.type                 RIBOSOME 
_em_entity_assembly.parent_id            0 
_em_entity_assembly.synonym              ? 
_em_entity_assembly.details              ? 
_em_entity_assembly.oligomeric_details   ? 
# 
_em_imaging.entry_id                        1ZC8 
_em_imaging.id                              1 
_em_imaging.mode                            'BRIGHT FIELD' 
_em_imaging.illumination_mode               'FLOOD BEAM' 
_em_imaging.electron_source                 'FIELD EMISSION GUN' 
_em_imaging.specimen_id                     1 
_em_imaging.date                            2003-08-01 
_em_imaging.temperature                     93 
_em_imaging.microscope_model                'FEI TECNAI F20' 
_em_imaging.nominal_defocus_min             3700 
_em_imaging.nominal_defocus_max             1450 
_em_imaging.tilt_angle_min                  0 
_em_imaging.tilt_angle_max                  0 
_em_imaging.nominal_cs                      2.0 
_em_imaging.nominal_magnification           49000 
_em_imaging.calibrated_magnification        52000 
_em_imaging.accelerating_voltage            200 
_em_imaging.details                         ? 
_em_imaging.specimen_holder_type            ? 
_em_imaging.specimen_holder_model           ? 
_em_imaging.citation_id                     ? 
_em_imaging.detector_distance               ? 
_em_imaging.recording_temperature_maximum   ? 
_em_imaging.recording_temperature_minimum   ? 
_em_imaging.astigmatism                     ? 
_em_imaging.electron_beam_tilt_params       ? 
# 
_em_sample_support.id               1 
_em_sample_support.specimen_id      1 
_em_sample_support.details          'Quantifoil holley-carbon film grids' 
_em_sample_support.film_material    ? 
_em_sample_support.grid_material    ? 
_em_sample_support.grid_mesh_size   ? 
_em_sample_support.grid_type        ? 
_em_sample_support.method           ? 
# 
_em_vitrification.entry_id              1ZC8 
_em_vitrification.id                    1 
_em_vitrification.instrument            'HOMEMADE PLUNGER' 
_em_vitrification.cryogen_name          ETHANE 
_em_vitrification.details               'Rapid-freezing in liquid ethane' 
_em_vitrification.citation_id           ? 
_em_vitrification.humidity              ? 
_em_vitrification.method                ? 
_em_vitrification.specimen_id           1 
_em_vitrification.temp                  ? 
_em_vitrification.time_resolved_state   ? 
# 
_em_experiment.entry_id                1ZC8 
_em_experiment.id                      1 
_em_experiment.aggregation_state       PARTICLE 
_em_experiment.entity_assembly_id      1 
_em_experiment.reconstruction_method   'SINGLE PARTICLE' 
# 
_em_single_particle_entity.entry_id              1ZC8 
_em_single_particle_entity.id                    1 
_em_single_particle_entity.point_symmetry        C1 
_em_single_particle_entity.image_processing_id   1 
# 
loop_
_chem_comp_atom.comp_id 
_chem_comp_atom.atom_id 
_chem_comp_atom.type_symbol 
_chem_comp_atom.pdbx_aromatic_flag 
_chem_comp_atom.pdbx_stereo_config 
_chem_comp_atom.pdbx_ordinal 
A   OP3    O N N 1   
A   P      P N N 2   
A   OP1    O N N 3   
A   OP2    O N N 4   
A   "O5'"  O N N 5   
A   "C5'"  C N N 6   
A   "C4'"  C N R 7   
A   "O4'"  O N N 8   
A   "C3'"  C N S 9   
A   "O3'"  O N N 10  
A   "C2'"  C N R 11  
A   "O2'"  O N N 12  
A   "C1'"  C N R 13  
A   N9     N Y N 14  
A   C8     C Y N 15  
A   N7     N Y N 16  
A   C5     C Y N 17  
A   C6     C Y N 18  
A   N6     N N N 19  
A   N1     N Y N 20  
A   C2     C Y N 21  
A   N3     N Y N 22  
A   C4     C Y N 23  
A   HOP3   H N N 24  
A   HOP2   H N N 25  
A   "H5'"  H N N 26  
A   "H5''" H N N 27  
A   "H4'"  H N N 28  
A   "H3'"  H N N 29  
A   "HO3'" H N N 30  
A   "H2'"  H N N 31  
A   "HO2'" H N N 32  
A   "H1'"  H N N 33  
A   H8     H N N 34  
A   H61    H N N 35  
A   H62    H N N 36  
A   H2     H N N 37  
ALA N      N N N 38  
ALA CA     C N S 39  
ALA C      C N N 40  
ALA O      O N N 41  
ALA CB     C N N 42  
ALA OXT    O N N 43  
ALA H      H N N 44  
ALA H2     H N N 45  
ALA HA     H N N 46  
ALA HB1    H N N 47  
ALA HB2    H N N 48  
ALA HB3    H N N 49  
ALA HXT    H N N 50  
ARG N      N N N 51  
ARG CA     C N S 52  
ARG C      C N N 53  
ARG O      O N N 54  
ARG CB     C N N 55  
ARG CG     C N N 56  
ARG CD     C N N 57  
ARG NE     N N N 58  
ARG CZ     C N N 59  
ARG NH1    N N N 60  
ARG NH2    N N N 61  
ARG OXT    O N N 62  
ARG H      H N N 63  
ARG H2     H N N 64  
ARG HA     H N N 65  
ARG HB2    H N N 66  
ARG HB3    H N N 67  
ARG HG2    H N N 68  
ARG HG3    H N N 69  
ARG HD2    H N N 70  
ARG HD3    H N N 71  
ARG HE     H N N 72  
ARG HH11   H N N 73  
ARG HH12   H N N 74  
ARG HH21   H N N 75  
ARG HH22   H N N 76  
ARG HXT    H N N 77  
ASN N      N N N 78  
ASN CA     C N S 79  
ASN C      C N N 80  
ASN O      O N N 81  
ASN CB     C N N 82  
ASN CG     C N N 83  
ASN OD1    O N N 84  
ASN ND2    N N N 85  
ASN OXT    O N N 86  
ASN H      H N N 87  
ASN H2     H N N 88  
ASN HA     H N N 89  
ASN HB2    H N N 90  
ASN HB3    H N N 91  
ASN HD21   H N N 92  
ASN HD22   H N N 93  
ASN HXT    H N N 94  
ASP N      N N N 95  
ASP CA     C N S 96  
ASP C      C N N 97  
ASP O      O N N 98  
ASP CB     C N N 99  
ASP CG     C N N 100 
ASP OD1    O N N 101 
ASP OD2    O N N 102 
ASP OXT    O N N 103 
ASP H      H N N 104 
ASP H2     H N N 105 
ASP HA     H N N 106 
ASP HB2    H N N 107 
ASP HB3    H N N 108 
ASP HD2    H N N 109 
ASP HXT    H N N 110 
C   OP3    O N N 111 
C   P      P N N 112 
C   OP1    O N N 113 
C   OP2    O N N 114 
C   "O5'"  O N N 115 
C   "C5'"  C N N 116 
C   "C4'"  C N R 117 
C   "O4'"  O N N 118 
C   "C3'"  C N S 119 
C   "O3'"  O N N 120 
C   "C2'"  C N R 121 
C   "O2'"  O N N 122 
C   "C1'"  C N R 123 
C   N1     N N N 124 
C   C2     C N N 125 
C   O2     O N N 126 
C   N3     N N N 127 
C   C4     C N N 128 
C   N4     N N N 129 
C   C5     C N N 130 
C   C6     C N N 131 
C   HOP3   H N N 132 
C   HOP2   H N N 133 
C   "H5'"  H N N 134 
C   "H5''" H N N 135 
C   "H4'"  H N N 136 
C   "H3'"  H N N 137 
C   "HO3'" H N N 138 
C   "H2'"  H N N 139 
C   "HO2'" H N N 140 
C   "H1'"  H N N 141 
C   H41    H N N 142 
C   H42    H N N 143 
C   H5     H N N 144 
C   H6     H N N 145 
CYS N      N N N 146 
CYS CA     C N R 147 
CYS C      C N N 148 
CYS O      O N N 149 
CYS CB     C N N 150 
CYS SG     S N N 151 
CYS OXT    O N N 152 
CYS H      H N N 153 
CYS H2     H N N 154 
CYS HA     H N N 155 
CYS HB2    H N N 156 
CYS HB3    H N N 157 
CYS HG     H N N 158 
CYS HXT    H N N 159 
G   OP3    O N N 160 
G   P      P N N 161 
G   OP1    O N N 162 
G   OP2    O N N 163 
G   "O5'"  O N N 164 
G   "C5'"  C N N 165 
G   "C4'"  C N R 166 
G   "O4'"  O N N 167 
G   "C3'"  C N S 168 
G   "O3'"  O N N 169 
G   "C2'"  C N R 170 
G   "O2'"  O N N 171 
G   "C1'"  C N R 172 
G   N9     N Y N 173 
G   C8     C Y N 174 
G   N7     N Y N 175 
G   C5     C Y N 176 
G   C6     C N N 177 
G   O6     O N N 178 
G   N1     N N N 179 
G   C2     C N N 180 
G   N2     N N N 181 
G   N3     N N N 182 
G   C4     C Y N 183 
G   HOP3   H N N 184 
G   HOP2   H N N 185 
G   "H5'"  H N N 186 
G   "H5''" H N N 187 
G   "H4'"  H N N 188 
G   "H3'"  H N N 189 
G   "HO3'" H N N 190 
G   "H2'"  H N N 191 
G   "HO2'" H N N 192 
G   "H1'"  H N N 193 
G   H8     H N N 194 
G   H1     H N N 195 
G   H21    H N N 196 
G   H22    H N N 197 
GLN N      N N N 198 
GLN CA     C N S 199 
GLN C      C N N 200 
GLN O      O N N 201 
GLN CB     C N N 202 
GLN CG     C N N 203 
GLN CD     C N N 204 
GLN OE1    O N N 205 
GLN NE2    N N N 206 
GLN OXT    O N N 207 
GLN H      H N N 208 
GLN H2     H N N 209 
GLN HA     H N N 210 
GLN HB2    H N N 211 
GLN HB3    H N N 212 
GLN HG2    H N N 213 
GLN HG3    H N N 214 
GLN HE21   H N N 215 
GLN HE22   H N N 216 
GLN HXT    H N N 217 
GLU N      N N N 218 
GLU CA     C N S 219 
GLU C      C N N 220 
GLU O      O N N 221 
GLU CB     C N N 222 
GLU CG     C N N 223 
GLU CD     C N N 224 
GLU OE1    O N N 225 
GLU OE2    O N N 226 
GLU OXT    O N N 227 
GLU H      H N N 228 
GLU H2     H N N 229 
GLU HA     H N N 230 
GLU HB2    H N N 231 
GLU HB3    H N N 232 
GLU HG2    H N N 233 
GLU HG3    H N N 234 
GLU HE2    H N N 235 
GLU HXT    H N N 236 
GLY N      N N N 237 
GLY CA     C N N 238 
GLY C      C N N 239 
GLY O      O N N 240 
GLY OXT    O N N 241 
GLY H      H N N 242 
GLY H2     H N N 243 
GLY HA2    H N N 244 
GLY HA3    H N N 245 
GLY HXT    H N N 246 
HIS N      N N N 247 
HIS CA     C N S 248 
HIS C      C N N 249 
HIS O      O N N 250 
HIS CB     C N N 251 
HIS CG     C Y N 252 
HIS ND1    N Y N 253 
HIS CD2    C Y N 254 
HIS CE1    C Y N 255 
HIS NE2    N Y N 256 
HIS OXT    O N N 257 
HIS H      H N N 258 
HIS H2     H N N 259 
HIS HA     H N N 260 
HIS HB2    H N N 261 
HIS HB3    H N N 262 
HIS HD1    H N N 263 
HIS HD2    H N N 264 
HIS HE1    H N N 265 
HIS HE2    H N N 266 
HIS HXT    H N N 267 
ILE N      N N N 268 
ILE CA     C N S 269 
ILE C      C N N 270 
ILE O      O N N 271 
ILE CB     C N S 272 
ILE CG1    C N N 273 
ILE CG2    C N N 274 
ILE CD1    C N N 275 
ILE OXT    O N N 276 
ILE H      H N N 277 
ILE H2     H N N 278 
ILE HA     H N N 279 
ILE HB     H N N 280 
ILE HG12   H N N 281 
ILE HG13   H N N 282 
ILE HG21   H N N 283 
ILE HG22   H N N 284 
ILE HG23   H N N 285 
ILE HD11   H N N 286 
ILE HD12   H N N 287 
ILE HD13   H N N 288 
ILE HXT    H N N 289 
LEU N      N N N 290 
LEU CA     C N S 291 
LEU C      C N N 292 
LEU O      O N N 293 
LEU CB     C N N 294 
LEU CG     C N N 295 
LEU CD1    C N N 296 
LEU CD2    C N N 297 
LEU OXT    O N N 298 
LEU H      H N N 299 
LEU H2     H N N 300 
LEU HA     H N N 301 
LEU HB2    H N N 302 
LEU HB3    H N N 303 
LEU HG     H N N 304 
LEU HD11   H N N 305 
LEU HD12   H N N 306 
LEU HD13   H N N 307 
LEU HD21   H N N 308 
LEU HD22   H N N 309 
LEU HD23   H N N 310 
LEU HXT    H N N 311 
LYS N      N N N 312 
LYS CA     C N S 313 
LYS C      C N N 314 
LYS O      O N N 315 
LYS CB     C N N 316 
LYS CG     C N N 317 
LYS CD     C N N 318 
LYS CE     C N N 319 
LYS NZ     N N N 320 
LYS OXT    O N N 321 
LYS H      H N N 322 
LYS H2     H N N 323 
LYS HA     H N N 324 
LYS HB2    H N N 325 
LYS HB3    H N N 326 
LYS HG2    H N N 327 
LYS HG3    H N N 328 
LYS HD2    H N N 329 
LYS HD3    H N N 330 
LYS HE2    H N N 331 
LYS HE3    H N N 332 
LYS HZ1    H N N 333 
LYS HZ2    H N N 334 
LYS HZ3    H N N 335 
LYS HXT    H N N 336 
MET N      N N N 337 
MET CA     C N S 338 
MET C      C N N 339 
MET O      O N N 340 
MET CB     C N N 341 
MET CG     C N N 342 
MET SD     S N N 343 
MET CE     C N N 344 
MET OXT    O N N 345 
MET H      H N N 346 
MET H2     H N N 347 
MET HA     H N N 348 
MET HB2    H N N 349 
MET HB3    H N N 350 
MET HG2    H N N 351 
MET HG3    H N N 352 
MET HE1    H N N 353 
MET HE2    H N N 354 
MET HE3    H N N 355 
MET HXT    H N N 356 
PHE N      N N N 357 
PHE CA     C N S 358 
PHE C      C N N 359 
PHE O      O N N 360 
PHE CB     C N N 361 
PHE CG     C Y N 362 
PHE CD1    C Y N 363 
PHE CD2    C Y N 364 
PHE CE1    C Y N 365 
PHE CE2    C Y N 366 
PHE CZ     C Y N 367 
PHE OXT    O N N 368 
PHE H      H N N 369 
PHE H2     H N N 370 
PHE HA     H N N 371 
PHE HB2    H N N 372 
PHE HB3    H N N 373 
PHE HD1    H N N 374 
PHE HD2    H N N 375 
PHE HE1    H N N 376 
PHE HE2    H N N 377 
PHE HZ     H N N 378 
PHE HXT    H N N 379 
PRO N      N N N 380 
PRO CA     C N S 381 
PRO C      C N N 382 
PRO O      O N N 383 
PRO CB     C N N 384 
PRO CG     C N N 385 
PRO CD     C N N 386 
PRO OXT    O N N 387 
PRO H      H N N 388 
PRO HA     H N N 389 
PRO HB2    H N N 390 
PRO HB3    H N N 391 
PRO HG2    H N N 392 
PRO HG3    H N N 393 
PRO HD2    H N N 394 
PRO HD3    H N N 395 
PRO HXT    H N N 396 
SER N      N N N 397 
SER CA     C N S 398 
SER C      C N N 399 
SER O      O N N 400 
SER CB     C N N 401 
SER OG     O N N 402 
SER OXT    O N N 403 
SER H      H N N 404 
SER H2     H N N 405 
SER HA     H N N 406 
SER HB2    H N N 407 
SER HB3    H N N 408 
SER HG     H N N 409 
SER HXT    H N N 410 
THR N      N N N 411 
THR CA     C N S 412 
THR C      C N N 413 
THR O      O N N 414 
THR CB     C N R 415 
THR OG1    O N N 416 
THR CG2    C N N 417 
THR OXT    O N N 418 
THR H      H N N 419 
THR H2     H N N 420 
THR HA     H N N 421 
THR HB     H N N 422 
THR HG1    H N N 423 
THR HG21   H N N 424 
THR HG22   H N N 425 
THR HG23   H N N 426 
THR HXT    H N N 427 
TRP N      N N N 428 
TRP CA     C N S 429 
TRP C      C N N 430 
TRP O      O N N 431 
TRP CB     C N N 432 
TRP CG     C Y N 433 
TRP CD1    C Y N 434 
TRP CD2    C Y N 435 
TRP NE1    N Y N 436 
TRP CE2    C Y N 437 
TRP CE3    C Y N 438 
TRP CZ2    C Y N 439 
TRP CZ3    C Y N 440 
TRP CH2    C Y N 441 
TRP OXT    O N N 442 
TRP H      H N N 443 
TRP H2     H N N 444 
TRP HA     H N N 445 
TRP HB2    H N N 446 
TRP HB3    H N N 447 
TRP HD1    H N N 448 
TRP HE1    H N N 449 
TRP HE3    H N N 450 
TRP HZ2    H N N 451 
TRP HZ3    H N N 452 
TRP HH2    H N N 453 
TRP HXT    H N N 454 
TYR N      N N N 455 
TYR CA     C N S 456 
TYR C      C N N 457 
TYR O      O N N 458 
TYR CB     C N N 459 
TYR CG     C Y N 460 
TYR CD1    C Y N 461 
TYR CD2    C Y N 462 
TYR CE1    C Y N 463 
TYR CE2    C Y N 464 
TYR CZ     C Y N 465 
TYR OH     O N N 466 
TYR OXT    O N N 467 
TYR H      H N N 468 
TYR H2     H N N 469 
TYR HA     H N N 470 
TYR HB2    H N N 471 
TYR HB3    H N N 472 
TYR HD1    H N N 473 
TYR HD2    H N N 474 
TYR HE1    H N N 475 
TYR HE2    H N N 476 
TYR HH     H N N 477 
TYR HXT    H N N 478 
U   OP3    O N N 479 
U   P      P N N 480 
U   OP1    O N N 481 
U   OP2    O N N 482 
U   "O5'"  O N N 483 
U   "C5'"  C N N 484 
U   "C4'"  C N R 485 
U   "O4'"  O N N 486 
U   "C3'"  C N S 487 
U   "O3'"  O N N 488 
U   "C2'"  C N R 489 
U   "O2'"  O N N 490 
U   "C1'"  C N R 491 
U   N1     N N N 492 
U   C2     C N N 493 
U   O2     O N N 494 
U   N3     N N N 495 
U   C4     C N N 496 
U   O4     O N N 497 
U   C5     C N N 498 
U   C6     C N N 499 
U   HOP3   H N N 500 
U   HOP2   H N N 501 
U   "H5'"  H N N 502 
U   "H5''" H N N 503 
U   "H4'"  H N N 504 
U   "H3'"  H N N 505 
U   "HO3'" H N N 506 
U   "H2'"  H N N 507 
U   "HO2'" H N N 508 
U   "H1'"  H N N 509 
U   H3     H N N 510 
U   H5     H N N 511 
U   H6     H N N 512 
VAL N      N N N 513 
VAL CA     C N S 514 
VAL C      C N N 515 
VAL O      O N N 516 
VAL CB     C N N 517 
VAL CG1    C N N 518 
VAL CG2    C N N 519 
VAL OXT    O N N 520 
VAL H      H N N 521 
VAL H2     H N N 522 
VAL HA     H N N 523 
VAL HB     H N N 524 
VAL HG11   H N N 525 
VAL HG12   H N N 526 
VAL HG13   H N N 527 
VAL HG21   H N N 528 
VAL HG22   H N N 529 
VAL HG23   H N N 530 
VAL HXT    H N N 531 
# 
loop_
_chem_comp_bond.comp_id 
_chem_comp_bond.atom_id_1 
_chem_comp_bond.atom_id_2 
_chem_comp_bond.value_order 
_chem_comp_bond.pdbx_aromatic_flag 
_chem_comp_bond.pdbx_stereo_config 
_chem_comp_bond.pdbx_ordinal 
A   OP3   P      sing N N 1   
A   OP3   HOP3   sing N N 2   
A   P     OP1    doub N N 3   
A   P     OP2    sing N N 4   
A   P     "O5'"  sing N N 5   
A   OP2   HOP2   sing N N 6   
A   "O5'" "C5'"  sing N N 7   
A   "C5'" "C4'"  sing N N 8   
A   "C5'" "H5'"  sing N N 9   
A   "C5'" "H5''" sing N N 10  
A   "C4'" "O4'"  sing N N 11  
A   "C4'" "C3'"  sing N N 12  
A   "C4'" "H4'"  sing N N 13  
A   "O4'" "C1'"  sing N N 14  
A   "C3'" "O3'"  sing N N 15  
A   "C3'" "C2'"  sing N N 16  
A   "C3'" "H3'"  sing N N 17  
A   "O3'" "HO3'" sing N N 18  
A   "C2'" "O2'"  sing N N 19  
A   "C2'" "C1'"  sing N N 20  
A   "C2'" "H2'"  sing N N 21  
A   "O2'" "HO2'" sing N N 22  
A   "C1'" N9     sing N N 23  
A   "C1'" "H1'"  sing N N 24  
A   N9    C8     sing Y N 25  
A   N9    C4     sing Y N 26  
A   C8    N7     doub Y N 27  
A   C8    H8     sing N N 28  
A   N7    C5     sing Y N 29  
A   C5    C6     sing Y N 30  
A   C5    C4     doub Y N 31  
A   C6    N6     sing N N 32  
A   C6    N1     doub Y N 33  
A   N6    H61    sing N N 34  
A   N6    H62    sing N N 35  
A   N1    C2     sing Y N 36  
A   C2    N3     doub Y N 37  
A   C2    H2     sing N N 38  
A   N3    C4     sing Y N 39  
ALA N     CA     sing N N 40  
ALA N     H      sing N N 41  
ALA N     H2     sing N N 42  
ALA CA    C      sing N N 43  
ALA CA    CB     sing N N 44  
ALA CA    HA     sing N N 45  
ALA C     O      doub N N 46  
ALA C     OXT    sing N N 47  
ALA CB    HB1    sing N N 48  
ALA CB    HB2    sing N N 49  
ALA CB    HB3    sing N N 50  
ALA OXT   HXT    sing N N 51  
ARG N     CA     sing N N 52  
ARG N     H      sing N N 53  
ARG N     H2     sing N N 54  
ARG CA    C      sing N N 55  
ARG CA    CB     sing N N 56  
ARG CA    HA     sing N N 57  
ARG C     O      doub N N 58  
ARG C     OXT    sing N N 59  
ARG CB    CG     sing N N 60  
ARG CB    HB2    sing N N 61  
ARG CB    HB3    sing N N 62  
ARG CG    CD     sing N N 63  
ARG CG    HG2    sing N N 64  
ARG CG    HG3    sing N N 65  
ARG CD    NE     sing N N 66  
ARG CD    HD2    sing N N 67  
ARG CD    HD3    sing N N 68  
ARG NE    CZ     sing N N 69  
ARG NE    HE     sing N N 70  
ARG CZ    NH1    sing N N 71  
ARG CZ    NH2    doub N N 72  
ARG NH1   HH11   sing N N 73  
ARG NH1   HH12   sing N N 74  
ARG NH2   HH21   sing N N 75  
ARG NH2   HH22   sing N N 76  
ARG OXT   HXT    sing N N 77  
ASN N     CA     sing N N 78  
ASN N     H      sing N N 79  
ASN N     H2     sing N N 80  
ASN CA    C      sing N N 81  
ASN CA    CB     sing N N 82  
ASN CA    HA     sing N N 83  
ASN C     O      doub N N 84  
ASN C     OXT    sing N N 85  
ASN CB    CG     sing N N 86  
ASN CB    HB2    sing N N 87  
ASN CB    HB3    sing N N 88  
ASN CG    OD1    doub N N 89  
ASN CG    ND2    sing N N 90  
ASN ND2   HD21   sing N N 91  
ASN ND2   HD22   sing N N 92  
ASN OXT   HXT    sing N N 93  
ASP N     CA     sing N N 94  
ASP N     H      sing N N 95  
ASP N     H2     sing N N 96  
ASP CA    C      sing N N 97  
ASP CA    CB     sing N N 98  
ASP CA    HA     sing N N 99  
ASP C     O      doub N N 100 
ASP C     OXT    sing N N 101 
ASP CB    CG     sing N N 102 
ASP CB    HB2    sing N N 103 
ASP CB    HB3    sing N N 104 
ASP CG    OD1    doub N N 105 
ASP CG    OD2    sing N N 106 
ASP OD2   HD2    sing N N 107 
ASP OXT   HXT    sing N N 108 
C   OP3   P      sing N N 109 
C   OP3   HOP3   sing N N 110 
C   P     OP1    doub N N 111 
C   P     OP2    sing N N 112 
C   P     "O5'"  sing N N 113 
C   OP2   HOP2   sing N N 114 
C   "O5'" "C5'"  sing N N 115 
C   "C5'" "C4'"  sing N N 116 
C   "C5'" "H5'"  sing N N 117 
C   "C5'" "H5''" sing N N 118 
C   "C4'" "O4'"  sing N N 119 
C   "C4'" "C3'"  sing N N 120 
C   "C4'" "H4'"  sing N N 121 
C   "O4'" "C1'"  sing N N 122 
C   "C3'" "O3'"  sing N N 123 
C   "C3'" "C2'"  sing N N 124 
C   "C3'" "H3'"  sing N N 125 
C   "O3'" "HO3'" sing N N 126 
C   "C2'" "O2'"  sing N N 127 
C   "C2'" "C1'"  sing N N 128 
C   "C2'" "H2'"  sing N N 129 
C   "O2'" "HO2'" sing N N 130 
C   "C1'" N1     sing N N 131 
C   "C1'" "H1'"  sing N N 132 
C   N1    C2     sing N N 133 
C   N1    C6     sing N N 134 
C   C2    O2     doub N N 135 
C   C2    N3     sing N N 136 
C   N3    C4     doub N N 137 
C   C4    N4     sing N N 138 
C   C4    C5     sing N N 139 
C   N4    H41    sing N N 140 
C   N4    H42    sing N N 141 
C   C5    C6     doub N N 142 
C   C5    H5     sing N N 143 
C   C6    H6     sing N N 144 
CYS N     CA     sing N N 145 
CYS N     H      sing N N 146 
CYS N     H2     sing N N 147 
CYS CA    C      sing N N 148 
CYS CA    CB     sing N N 149 
CYS CA    HA     sing N N 150 
CYS C     O      doub N N 151 
CYS C     OXT    sing N N 152 
CYS CB    SG     sing N N 153 
CYS CB    HB2    sing N N 154 
CYS CB    HB3    sing N N 155 
CYS SG    HG     sing N N 156 
CYS OXT   HXT    sing N N 157 
G   OP3   P      sing N N 158 
G   OP3   HOP3   sing N N 159 
G   P     OP1    doub N N 160 
G   P     OP2    sing N N 161 
G   P     "O5'"  sing N N 162 
G   OP2   HOP2   sing N N 163 
G   "O5'" "C5'"  sing N N 164 
G   "C5'" "C4'"  sing N N 165 
G   "C5'" "H5'"  sing N N 166 
G   "C5'" "H5''" sing N N 167 
G   "C4'" "O4'"  sing N N 168 
G   "C4'" "C3'"  sing N N 169 
G   "C4'" "H4'"  sing N N 170 
G   "O4'" "C1'"  sing N N 171 
G   "C3'" "O3'"  sing N N 172 
G   "C3'" "C2'"  sing N N 173 
G   "C3'" "H3'"  sing N N 174 
G   "O3'" "HO3'" sing N N 175 
G   "C2'" "O2'"  sing N N 176 
G   "C2'" "C1'"  sing N N 177 
G   "C2'" "H2'"  sing N N 178 
G   "O2'" "HO2'" sing N N 179 
G   "C1'" N9     sing N N 180 
G   "C1'" "H1'"  sing N N 181 
G   N9    C8     sing Y N 182 
G   N9    C4     sing Y N 183 
G   C8    N7     doub Y N 184 
G   C8    H8     sing N N 185 
G   N7    C5     sing Y N 186 
G   C5    C6     sing N N 187 
G   C5    C4     doub Y N 188 
G   C6    O6     doub N N 189 
G   C6    N1     sing N N 190 
G   N1    C2     sing N N 191 
G   N1    H1     sing N N 192 
G   C2    N2     sing N N 193 
G   C2    N3     doub N N 194 
G   N2    H21    sing N N 195 
G   N2    H22    sing N N 196 
G   N3    C4     sing N N 197 
GLN N     CA     sing N N 198 
GLN N     H      sing N N 199 
GLN N     H2     sing N N 200 
GLN CA    C      sing N N 201 
GLN CA    CB     sing N N 202 
GLN CA    HA     sing N N 203 
GLN C     O      doub N N 204 
GLN C     OXT    sing N N 205 
GLN CB    CG     sing N N 206 
GLN CB    HB2    sing N N 207 
GLN CB    HB3    sing N N 208 
GLN CG    CD     sing N N 209 
GLN CG    HG2    sing N N 210 
GLN CG    HG3    sing N N 211 
GLN CD    OE1    doub N N 212 
GLN CD    NE2    sing N N 213 
GLN NE2   HE21   sing N N 214 
GLN NE2   HE22   sing N N 215 
GLN OXT   HXT    sing N N 216 
GLU N     CA     sing N N 217 
GLU N     H      sing N N 218 
GLU N     H2     sing N N 219 
GLU CA    C      sing N N 220 
GLU CA    CB     sing N N 221 
GLU CA    HA     sing N N 222 
GLU C     O      doub N N 223 
GLU C     OXT    sing N N 224 
GLU CB    CG     sing N N 225 
GLU CB    HB2    sing N N 226 
GLU CB    HB3    sing N N 227 
GLU CG    CD     sing N N 228 
GLU CG    HG2    sing N N 229 
GLU CG    HG3    sing N N 230 
GLU CD    OE1    doub N N 231 
GLU CD    OE2    sing N N 232 
GLU OE2   HE2    sing N N 233 
GLU OXT   HXT    sing N N 234 
GLY N     CA     sing N N 235 
GLY N     H      sing N N 236 
GLY N     H2     sing N N 237 
GLY CA    C      sing N N 238 
GLY CA    HA2    sing N N 239 
GLY CA    HA3    sing N N 240 
GLY C     O      doub N N 241 
GLY C     OXT    sing N N 242 
GLY OXT   HXT    sing N N 243 
HIS N     CA     sing N N 244 
HIS N     H      sing N N 245 
HIS N     H2     sing N N 246 
HIS CA    C      sing N N 247 
HIS CA    CB     sing N N 248 
HIS CA    HA     sing N N 249 
HIS C     O      doub N N 250 
HIS C     OXT    sing N N 251 
HIS CB    CG     sing N N 252 
HIS CB    HB2    sing N N 253 
HIS CB    HB3    sing N N 254 
HIS CG    ND1    sing Y N 255 
HIS CG    CD2    doub Y N 256 
HIS ND1   CE1    doub Y N 257 
HIS ND1   HD1    sing N N 258 
HIS CD2   NE2    sing Y N 259 
HIS CD2   HD2    sing N N 260 
HIS CE1   NE2    sing Y N 261 
HIS CE1   HE1    sing N N 262 
HIS NE2   HE2    sing N N 263 
HIS OXT   HXT    sing N N 264 
ILE N     CA     sing N N 265 
ILE N     H      sing N N 266 
ILE N     H2     sing N N 267 
ILE CA    C      sing N N 268 
ILE CA    CB     sing N N 269 
ILE CA    HA     sing N N 270 
ILE C     O      doub N N 271 
ILE C     OXT    sing N N 272 
ILE CB    CG1    sing N N 273 
ILE CB    CG2    sing N N 274 
ILE CB    HB     sing N N 275 
ILE CG1   CD1    sing N N 276 
ILE CG1   HG12   sing N N 277 
ILE CG1   HG13   sing N N 278 
ILE CG2   HG21   sing N N 279 
ILE CG2   HG22   sing N N 280 
ILE CG2   HG23   sing N N 281 
ILE CD1   HD11   sing N N 282 
ILE CD1   HD12   sing N N 283 
ILE CD1   HD13   sing N N 284 
ILE OXT   HXT    sing N N 285 
LEU N     CA     sing N N 286 
LEU N     H      sing N N 287 
LEU N     H2     sing N N 288 
LEU CA    C      sing N N 289 
LEU CA    CB     sing N N 290 
LEU CA    HA     sing N N 291 
LEU C     O      doub N N 292 
LEU C     OXT    sing N N 293 
LEU CB    CG     sing N N 294 
LEU CB    HB2    sing N N 295 
LEU CB    HB3    sing N N 296 
LEU CG    CD1    sing N N 297 
LEU CG    CD2    sing N N 298 
LEU CG    HG     sing N N 299 
LEU CD1   HD11   sing N N 300 
LEU CD1   HD12   sing N N 301 
LEU CD1   HD13   sing N N 302 
LEU CD2   HD21   sing N N 303 
LEU CD2   HD22   sing N N 304 
LEU CD2   HD23   sing N N 305 
LEU OXT   HXT    sing N N 306 
LYS N     CA     sing N N 307 
LYS N     H      sing N N 308 
LYS N     H2     sing N N 309 
LYS CA    C      sing N N 310 
LYS CA    CB     sing N N 311 
LYS CA    HA     sing N N 312 
LYS C     O      doub N N 313 
LYS C     OXT    sing N N 314 
LYS CB    CG     sing N N 315 
LYS CB    HB2    sing N N 316 
LYS CB    HB3    sing N N 317 
LYS CG    CD     sing N N 318 
LYS CG    HG2    sing N N 319 
LYS CG    HG3    sing N N 320 
LYS CD    CE     sing N N 321 
LYS CD    HD2    sing N N 322 
LYS CD    HD3    sing N N 323 
LYS CE    NZ     sing N N 324 
LYS CE    HE2    sing N N 325 
LYS CE    HE3    sing N N 326 
LYS NZ    HZ1    sing N N 327 
LYS NZ    HZ2    sing N N 328 
LYS NZ    HZ3    sing N N 329 
LYS OXT   HXT    sing N N 330 
MET N     CA     sing N N 331 
MET N     H      sing N N 332 
MET N     H2     sing N N 333 
MET CA    C      sing N N 334 
MET CA    CB     sing N N 335 
MET CA    HA     sing N N 336 
MET C     O      doub N N 337 
MET C     OXT    sing N N 338 
MET CB    CG     sing N N 339 
MET CB    HB2    sing N N 340 
MET CB    HB3    sing N N 341 
MET CG    SD     sing N N 342 
MET CG    HG2    sing N N 343 
MET CG    HG3    sing N N 344 
MET SD    CE     sing N N 345 
MET CE    HE1    sing N N 346 
MET CE    HE2    sing N N 347 
MET CE    HE3    sing N N 348 
MET OXT   HXT    sing N N 349 
PHE N     CA     sing N N 350 
PHE N     H      sing N N 351 
PHE N     H2     sing N N 352 
PHE CA    C      sing N N 353 
PHE CA    CB     sing N N 354 
PHE CA    HA     sing N N 355 
PHE C     O      doub N N 356 
PHE C     OXT    sing N N 357 
PHE CB    CG     sing N N 358 
PHE CB    HB2    sing N N 359 
PHE CB    HB3    sing N N 360 
PHE CG    CD1    doub Y N 361 
PHE CG    CD2    sing Y N 362 
PHE CD1   CE1    sing Y N 363 
PHE CD1   HD1    sing N N 364 
PHE CD2   CE2    doub Y N 365 
PHE CD2   HD2    sing N N 366 
PHE CE1   CZ     doub Y N 367 
PHE CE1   HE1    sing N N 368 
PHE CE2   CZ     sing Y N 369 
PHE CE2   HE2    sing N N 370 
PHE CZ    HZ     sing N N 371 
PHE OXT   HXT    sing N N 372 
PRO N     CA     sing N N 373 
PRO N     CD     sing N N 374 
PRO N     H      sing N N 375 
PRO CA    C      sing N N 376 
PRO CA    CB     sing N N 377 
PRO CA    HA     sing N N 378 
PRO C     O      doub N N 379 
PRO C     OXT    sing N N 380 
PRO CB    CG     sing N N 381 
PRO CB    HB2    sing N N 382 
PRO CB    HB3    sing N N 383 
PRO CG    CD     sing N N 384 
PRO CG    HG2    sing N N 385 
PRO CG    HG3    sing N N 386 
PRO CD    HD2    sing N N 387 
PRO CD    HD3    sing N N 388 
PRO OXT   HXT    sing N N 389 
SER N     CA     sing N N 390 
SER N     H      sing N N 391 
SER N     H2     sing N N 392 
SER CA    C      sing N N 393 
SER CA    CB     sing N N 394 
SER CA    HA     sing N N 395 
SER C     O      doub N N 396 
SER C     OXT    sing N N 397 
SER CB    OG     sing N N 398 
SER CB    HB2    sing N N 399 
SER CB    HB3    sing N N 400 
SER OG    HG     sing N N 401 
SER OXT   HXT    sing N N 402 
THR N     CA     sing N N 403 
THR N     H      sing N N 404 
THR N     H2     sing N N 405 
THR CA    C      sing N N 406 
THR CA    CB     sing N N 407 
THR CA    HA     sing N N 408 
THR C     O      doub N N 409 
THR C     OXT    sing N N 410 
THR CB    OG1    sing N N 411 
THR CB    CG2    sing N N 412 
THR CB    HB     sing N N 413 
THR OG1   HG1    sing N N 414 
THR CG2   HG21   sing N N 415 
THR CG2   HG22   sing N N 416 
THR CG2   HG23   sing N N 417 
THR OXT   HXT    sing N N 418 
TRP N     CA     sing N N 419 
TRP N     H      sing N N 420 
TRP N     H2     sing N N 421 
TRP CA    C      sing N N 422 
TRP CA    CB     sing N N 423 
TRP CA    HA     sing N N 424 
TRP C     O      doub N N 425 
TRP C     OXT    sing N N 426 
TRP CB    CG     sing N N 427 
TRP CB    HB2    sing N N 428 
TRP CB    HB3    sing N N 429 
TRP CG    CD1    doub Y N 430 
TRP CG    CD2    sing Y N 431 
TRP CD1   NE1    sing Y N 432 
TRP CD1   HD1    sing N N 433 
TRP CD2   CE2    doub Y N 434 
TRP CD2   CE3    sing Y N 435 
TRP NE1   CE2    sing Y N 436 
TRP NE1   HE1    sing N N 437 
TRP CE2   CZ2    sing Y N 438 
TRP CE3   CZ3    doub Y N 439 
TRP CE3   HE3    sing N N 440 
TRP CZ2   CH2    doub Y N 441 
TRP CZ2   HZ2    sing N N 442 
TRP CZ3   CH2    sing Y N 443 
TRP CZ3   HZ3    sing N N 444 
TRP CH2   HH2    sing N N 445 
TRP OXT   HXT    sing N N 446 
TYR N     CA     sing N N 447 
TYR N     H      sing N N 448 
TYR N     H2     sing N N 449 
TYR CA    C      sing N N 450 
TYR CA    CB     sing N N 451 
TYR CA    HA     sing N N 452 
TYR C     O      doub N N 453 
TYR C     OXT    sing N N 454 
TYR CB    CG     sing N N 455 
TYR CB    HB2    sing N N 456 
TYR CB    HB3    sing N N 457 
TYR CG    CD1    doub Y N 458 
TYR CG    CD2    sing Y N 459 
TYR CD1   CE1    sing Y N 460 
TYR CD1   HD1    sing N N 461 
TYR CD2   CE2    doub Y N 462 
TYR CD2   HD2    sing N N 463 
TYR CE1   CZ     doub Y N 464 
TYR CE1   HE1    sing N N 465 
TYR CE2   CZ     sing Y N 466 
TYR CE2   HE2    sing N N 467 
TYR CZ    OH     sing N N 468 
TYR OH    HH     sing N N 469 
TYR OXT   HXT    sing N N 470 
U   OP3   P      sing N N 471 
U   OP3   HOP3   sing N N 472 
U   P     OP1    doub N N 473 
U   P     OP2    sing N N 474 
U   P     "O5'"  sing N N 475 
U   OP2   HOP2   sing N N 476 
U   "O5'" "C5'"  sing N N 477 
U   "C5'" "C4'"  sing N N 478 
U   "C5'" "H5'"  sing N N 479 
U   "C5'" "H5''" sing N N 480 
U   "C4'" "O4'"  sing N N 481 
U   "C4'" "C3'"  sing N N 482 
U   "C4'" "H4'"  sing N N 483 
U   "O4'" "C1'"  sing N N 484 
U   "C3'" "O3'"  sing N N 485 
U   "C3'" "C2'"  sing N N 486 
U   "C3'" "H3'"  sing N N 487 
U   "O3'" "HO3'" sing N N 488 
U   "C2'" "O2'"  sing N N 489 
U   "C2'" "C1'"  sing N N 490 
U   "C2'" "H2'"  sing N N 491 
U   "O2'" "HO2'" sing N N 492 
U   "C1'" N1     sing N N 493 
U   "C1'" "H1'"  sing N N 494 
U   N1    C2     sing N N 495 
U   N1    C6     sing N N 496 
U   C2    O2     doub N N 497 
U   C2    N3     sing N N 498 
U   N3    C4     sing N N 499 
U   N3    H3     sing N N 500 
U   C4    O4     doub N N 501 
U   C4    C5     sing N N 502 
U   C5    C6     doub N N 503 
U   C5    H5     sing N N 504 
U   C6    H6     sing N N 505 
VAL N     CA     sing N N 506 
VAL N     H      sing N N 507 
VAL N     H2     sing N N 508 
VAL CA    C      sing N N 509 
VAL CA    CB     sing N N 510 
VAL CA    HA     sing N N 511 
VAL C     O      doub N N 512 
VAL C     OXT    sing N N 513 
VAL CB    CG1    sing N N 514 
VAL CB    CG2    sing N N 515 
VAL CB    HB     sing N N 516 
VAL CG1   HG11   sing N N 517 
VAL CG1   HG12   sing N N 518 
VAL CG1   HG13   sing N N 519 
VAL CG2   HG21   sing N N 520 
VAL CG2   HG22   sing N N 521 
VAL CG2   HG23   sing N N 522 
VAL OXT   HXT    sing N N 523 
# 
_em_ctf_correction.id        1 
_em_ctf_correction.details   'CTF correction of 3D-maps by Wiener filtration' 
_em_ctf_correction.type      . 
# 
_em_image_processing.id                   1 
_em_image_processing.image_recording_id   1 
_em_image_processing.details              ? 
# 
_em_image_recording.details                       ? 
_em_image_recording.id                            1 
_em_image_recording.avg_electron_dose_per_image   15 
_em_image_recording.film_or_detector_model        'KODAK SO-163 FILM' 
_em_image_recording.imaging_id                    1 
_em_image_recording.detector_mode                 ? 
_em_image_recording.average_exposure_time         ? 
_em_image_recording.num_diffraction_images        ? 
_em_image_recording.num_grids_imaged              ? 
_em_image_recording.num_real_images               ? 
# 
_em_specimen.experiment_id           1 
_em_specimen.id                      1 
_em_specimen.concentration           0.032 
_em_specimen.vitrification_applied   YES 
_em_specimen.staining_applied        NO 
_em_specimen.embedding_applied       NO 
_em_specimen.shadowing_applied       NO 
_em_specimen.details                 ? 
# 
loop_
_pdbx_coordinate_model.asym_id 
_pdbx_coordinate_model.type 
A 'P ATOMS ONLY'  
B 'P ATOMS ONLY'  
C 'P ATOMS ONLY'  
D 'P ATOMS ONLY'  
E 'P ATOMS ONLY'  
F 'P ATOMS ONLY'  
G 'P ATOMS ONLY'  
H 'P ATOMS ONLY'  
I 'P ATOMS ONLY'  
J 'CA ATOMS ONLY' 
K 'CA ATOMS ONLY' 
# 
loop_
_pdbx_initial_refinement_model.id 
_pdbx_initial_refinement_model.type 
_pdbx_initial_refinement_model.source_name 
_pdbx_initial_refinement_model.accession_code 
1 'experimental model' PDB 1K8H 
2 'experimental model' PDB 1B23 
3 'experimental model' PDB 1N32 
# 
_atom_sites.entry_id                    1ZC8 
_atom_sites.fract_transf_matrix[1][1]   1.000000 
_atom_sites.fract_transf_matrix[1][2]   0.000000 
_atom_sites.fract_transf_matrix[1][3]   0.000000 
_atom_sites.fract_transf_matrix[2][1]   0.000000 
_atom_sites.fract_transf_matrix[2][2]   1.000000 
_atom_sites.fract_transf_matrix[2][3]   0.000000 
_atom_sites.fract_transf_matrix[3][1]   0.000000 
_atom_sites.fract_transf_matrix[3][2]   0.000000 
_atom_sites.fract_transf_matrix[3][3]   1.000000 
_atom_sites.fract_transf_vector[1]      0.00000 
_atom_sites.fract_transf_vector[2]      0.00000 
_atom_sites.fract_transf_vector[3]      0.00000 
# 
loop_
_atom_type.symbol 
C 
P 
# 
loop_
_atom_site.group_PDB 
_atom_site.id 
_atom_site.type_symbol 
_atom_site.label_atom_id 
_atom_site.label_alt_id 
_atom_site.label_comp_id 
_atom_site.label_asym_id 
_atom_site.label_entity_id 
_atom_site.label_seq_id 
_atom_site.pdbx_PDB_ins_code 
_atom_site.Cartn_x 
_atom_site.Cartn_y 
_atom_site.Cartn_z 
_atom_site.occupancy 
_atom_site.B_iso_or_equiv 
_atom_site.pdbx_formal_charge 
_atom_site.auth_seq_id 
_atom_site.auth_comp_id 
_atom_site.auth_asym_id 
_atom_site.auth_atom_id 
_atom_site.pdbx_PDB_model_num 
ATOM 1   P P  . G   A 1  1   ? 6.238   -0.395  -2.675  1.00 0.00  ? 1    G   A P  1 
ATOM 2   P P  . G   A 1  2   ? 3.409   -5.376  -1.238  1.00 0.00  ? 2    G   A P  1 
ATOM 3   P P  . G   A 1  3   ? 3.470   -10.913 0.580   1.00 0.00  ? 3    G   A P  1 
ATOM 4   P P  . G   A 1  4   ? 6.175   -15.377 3.162   1.00 0.00  ? 4    G   A P  1 
ATOM 5   P P  . C   A 1  5   ? 10.341  -17.610 6.556   1.00 0.00  ? 5    C   A P  1 
ATOM 6   P P  . U   A 1  6   ? 14.550  -16.978 10.544  1.00 0.00  ? 6    U   A P  1 
ATOM 7   P P  . G   A 1  7   ? 17.029  -13.731 14.789  1.00 0.00  ? 7    G   A P  1 
ATOM 8   P P  . A   A 1  8   ? 19.920  -10.104 18.547  1.00 0.00  ? 8    A   A P  1 
ATOM 9   P P  . U   A 1  9   ? 23.312  -6.770  23.776  1.00 0.00  ? 9    U   A P  1 
ATOM 10  P P  . U   A 1  10  ? 27.238  -11.992 25.432  1.00 0.00  ? 10   U   A P  1 
ATOM 11  P P  . C   A 1  11  ? 26.258  -17.517 25.686  1.00 0.00  ? 11   C   A P  1 
ATOM 12  P P  . U   A 1  12  ? 21.144  -21.422 26.421  1.00 0.00  ? 12   U   A P  1 
ATOM 13  P P  . G   A 1  13  ? 13.218  -22.150 26.735  1.00 0.00  ? 13   G   A P  1 
ATOM 14  P P  . G   A 1  14  ? 11.850  -20.318 30.728  1.00 0.00  ? 14   G   A P  1 
ATOM 15  P P  . A   A 1  15  ? 14.513  -17.303 36.410  1.00 0.00  ? 15   A   A P  1 
ATOM 16  P P  . U   A 1  16  ? 12.098  -13.442 41.654  1.00 0.00  ? 16   U   A P  1 
ATOM 17  P P  . U   A 1  17  ? 13.313  -6.976  39.789  1.00 0.00  ? 17   U   A P  1 
ATOM 18  P P  . C   A 1  18  ? 16.551  -5.198  34.527  1.00 0.00  ? 18   C   A P  1 
ATOM 19  P P  . G   A 1  19  ? 17.399  -8.666  36.670  1.00 0.00  ? 19   G   A P  1 
ATOM 20  P P  . A   A 1  20  ? 22.051  -11.280 41.517  1.00 0.00  ? 20   A   A P  1 
ATOM 21  P P  . C   A 1  21  ? 28.021  -16.058 41.273  1.00 0.00  ? 21   C   A P  1 
ATOM 22  P P  . G   A 1  22  ? 34.435  -14.719 39.157  1.00 0.00  ? 22   G   A P  1 
ATOM 23  P P  . G   A 1  23  ? 38.330  -10.189 39.034  1.00 0.00  ? 23   G   A P  1 
ATOM 24  P P  . G   A 1  24  ? 40.397  -5.318  41.539  1.00 0.00  ? 24   G   A P  1 
ATOM 25  P P  . A   A 1  25  ? 41.047  -1.871  46.195  1.00 0.00  ? 25   A   A P  1 
ATOM 26  P P  . U   A 1  26  ? 40.885  -0.852  51.921  1.00 0.00  ? 26   U   A P  1 
ATOM 27  P P  . A   A 1  27  ? 31.568  -16.907 51.265  1.00 0.00  ? 327  A   A P  1 
ATOM 28  P P  . U   A 1  28  ? 27.537  -12.910 52.723  1.00 0.00  ? 328  U   A P  1 
ATOM 29  P P  . U   A 1  29  ? 25.033  -7.729  51.902  1.00 0.00  ? 329  U   A P  1 
ATOM 30  P P  . U   A 1  30  ? 23.971  -3.014  48.664  1.00 0.00  ? 330  U   A P  1 
ATOM 31  P P  . C   A 1  31  ? 24.032  -0.204  43.609  1.00 0.00  ? 331  C   A P  1 
ATOM 32  P P  . G   A 1  32  ? 24.430  0.549   38.253  1.00 0.00  ? 332  G   A P  1 
ATOM 33  P P  . G   A 1  33  ? 23.058  -1.733  34.791  1.00 0.00  ? 333  G   A P  1 
ATOM 34  P P  . A   A 1  34  ? 20.341  -2.463  29.014  1.00 0.00  ? 334  A   A P  1 
ATOM 35  P P  . C   A 1  35  ? 15.147  -5.965  25.627  1.00 0.00  ? 335  C   A P  1 
ATOM 36  P P  . G   A 1  36  ? 15.141  -8.726  19.487  1.00 0.00  ? 336  G   A P  1 
ATOM 37  P P  . C   A 1  37  ? 14.684  -3.532  20.923  1.00 0.00  ? 337  C   A P  1 
ATOM 38  P P  . G   A 1  38  ? 10.274  -0.100  22.493  1.00 0.00  ? 338  G   A P  1 
ATOM 39  P P  . G   A 1  39  ? 4.702   0.628   24.196  1.00 0.00  ? 339  G   A P  1 
ATOM 40  P P  . G   A 1  40  ? -0.920  -1.920  25.868  1.00 0.00  ? 340  G   A P  1 
ATOM 41  P P  . U   A 1  41  ? -4.375  -7.284  26.836  1.00 0.00  ? 341  U   A P  1 
ATOM 42  P P  . U   A 1  42  ? -5.056  -12.232 29.117  1.00 0.00  ? 342  U   A P  1 
ATOM 43  P P  . C   A 1  43  ? -3.172  -14.392 33.886  1.00 0.00  ? 343  C   A P  1 
ATOM 44  P P  . A   A 1  44  ? 0.958   -10.509 34.263  1.00 0.00  ? 344  A   A P  1 
ATOM 45  P P  . A   A 1  45  ? 6.589   -9.431  31.796  1.00 0.00  ? 345  A   A P  1 
ATOM 46  P P  . C   A 1  46  ? 11.757  -10.508 28.006  1.00 0.00  ? 346  C   A P  1 
ATOM 47  P P  . U   A 1  47  ? 9.172   -11.655 22.709  1.00 0.00  ? 347  U   A P  1 
ATOM 48  P P  . C   A 1  48  ? 8.197   -17.492 19.267  1.00 0.00  ? 348  C   A P  1 
ATOM 49  P P  . C   A 1  49  ? 3.186   -16.655 17.090  1.00 0.00  ? 349  C   A P  1 
ATOM 50  P P  . C   A 1  50  ? 0.213   -13.416 13.956  1.00 0.00  ? 350  C   A P  1 
ATOM 51  P P  . G   A 1  51  ? -0.070  -8.757  10.558  1.00 0.00  ? 351  G   A P  1 
ATOM 52  P P  . C   A 1  52  ? 2.356   -4.323  7.753   1.00 0.00  ? 352  C   A P  1 
ATOM 53  P P  . C   A 1  53  ? 7.250   -0.150  6.435   1.00 0.00  ? 353  C   A P  1 
ATOM 54  P P  . A   A 1  54  ? 12.379  1.096   5.756   1.00 0.00  ? 354  A   A P  1 
ATOM 55  P P  . G   A 1  55  ? 17.380  -0.570  3.746   1.00 0.00  ? 355  G   A P  1 
ATOM 56  P P  . C   A 1  56  ? 20.842  -4.161  0.831   1.00 0.00  ? 356  C   A P  1 
ATOM 57  P P  . U   A 1  57  ? 21.687  -8.569  -2.824  1.00 0.00  ? 357  U   A P  1 
ATOM 58  P P  . C   A 1  58  ? 19.724  -12.169 -6.992  1.00 0.00  ? 358  C   A P  1 
ATOM 59  P P  . C   A 1  59  ? 15.843  -13.632 -11.122 1.00 0.00  ? 359  C   A P  1 
ATOM 60  P P  . U   B 2  1   ? 49.723  -15.700 22.888  1.00 0.00  ? 1    U   B P  1 
ATOM 61  P P  . U   B 2  2   ? 44.303  -14.846 21.470  1.00 0.00  ? 2    U   B P  1 
ATOM 62  P P  . G   B 2  3   ? 38.550  -12.862 23.368  1.00 0.00  ? 3    G   B P  1 
ATOM 63  P P  . C   B 2  4   ? 41.749  -8.495  27.632  1.00 0.00  ? 4    C   B P  1 
ATOM 64  P P  . G   B 2  5   ? 38.688  -5.015  32.332  1.00 0.00  ? 5    G   B P  1 
ATOM 65  P P  . A   B 2  6   ? 39.225  2.088   34.914  1.00 0.00  ? 6    A   B P  1 
ATOM 66  P P  . A   B 2  7   ? 42.704  1.007   37.733  1.00 0.00  ? 7    A   B P  1 
ATOM 67  P P  . A   B 2  8   ? 41.971  2.992   31.346  1.00 0.00  ? 8    A   B P  1 
ATOM 68  P P  . C   B 2  9   ? 44.977  5.434   27.651  1.00 0.00  ? 9    C   B P  1 
ATOM 69  P P  . A   B 2  10  ? 46.053  -5.087  16.504  1.00 0.00  ? 10   A   B P  1 
ATOM 70  P P  . U   B 2  11  ? 44.394  -10.033 19.133  1.00 0.00  ? 11   U   B P  1 
ATOM 71  P P  . G   B 2  12  ? 48.536  -10.859 21.864  1.00 0.00  ? 12   G   B P  1 
ATOM 72  P P  . U   B 2  13  ? 50.983  -13.038 26.002  1.00 0.00  ? 13   U   B P  1 
ATOM 73  P P  . A   B 2  14  ? 45.277  -15.662 29.107  1.00 0.00  ? 14   A   B P  1 
ATOM 74  P P  . G   B 2  15  ? 44.491  -14.072 35.060  1.00 0.00  ? 15   G   B P  1 
ATOM 75  P P  . G   B 2  16  ? 42.496  -14.902 39.399  1.00 0.00  ? 16   G   B P  1 
ATOM 76  P P  . C   C 3  1   ? 24.371  9.799   50.987  1.00 0.00  ? 1    C   C P  1 
ATOM 77  P P  . C   C 3  2   ? 25.239  13.234  54.431  1.00 0.00  ? 2    C   C P  1 
ATOM 78  P P  . C   C 3  3   ? 19.630  13.297  55.233  1.00 0.00  ? 3    C   C P  1 
ATOM 79  P P  . A   C 3  4   ? 13.866  11.421  55.770  1.00 0.00  ? 4    A   C P  1 
ATOM 80  P P  . A   C 3  5   ? 13.164  19.131  56.147  1.00 0.00  ? 5    A   C P  1 
ATOM 81  P P  . G   C 3  6   ? 14.358  18.816  61.154  1.00 0.00  ? 6    G   C P  1 
ATOM 82  P P  . G   C 3  7   ? 10.421  17.296  64.936  1.00 0.00  ? 7    G   C P  1 
ATOM 83  P P  . U   C 3  8   ? 8.798   16.051  70.222  1.00 0.00  ? 8    U   C P  1 
ATOM 84  P P  . G   C 3  9   ? 9.607   16.099  75.830  1.00 0.00  ? 9    G   C P  1 
ATOM 85  P P  . C   C 3  10  ? 11.698  16.886  80.654  1.00 0.00  ? 10   C   C P  1 
ATOM 86  P P  . A   C 3  11  ? 10.854  19.336  85.694  1.00 0.00  ? 11   A   C P  1 
ATOM 87  P P  . U   C 3  12  ? 9.300   23.743  88.903  1.00 0.00  ? 12   U   C P  1 
ATOM 88  P P  . G   C 3  13  ? 6.708   28.735  89.604  1.00 0.00  ? 13   G   C P  1 
ATOM 89  P P  . C   C 3  14  ? 3.081   32.751  87.927  1.00 0.00  ? 14   C   C P  1 
ATOM 90  P P  . G   C 3  15  ? 4.356   23.547  72.488  1.00 0.00  ? 15   G   C P  1 
ATOM 91  P P  . C   C 3  16  ? 7.188   28.374  71.596  1.00 0.00  ? 16   C   C P  1 
ATOM 92  P P  . A   C 3  17  ? 11.011  32.271  73.121  1.00 0.00  ? 17   A   C P  1 
ATOM 93  P P  . U   C 3  18  ? 15.431  33.972  76.233  1.00 0.00  ? 18   U   C P  1 
ATOM 94  P P  . G   C 3  19  ? 19.868  32.913  79.596  1.00 0.00  ? 19   G   C P  1 
ATOM 95  P P  . U   C 3  20  ? 23.378  28.507  82.665  1.00 0.00  ? 20   U   C P  1 
ATOM 96  P P  . A   C 3  21  ? 26.757  28.013  79.440  1.00 0.00  ? 21   A   C P  1 
ATOM 97  P P  . G   C 3  22  ? 26.676  22.493  75.616  1.00 0.00  ? 22   G   C P  1 
ATOM 98  P P  . U   C 3  23  ? 26.324  20.308  70.585  1.00 0.00  ? 23   U   C P  1 
ATOM 99  P P  . A   C 3  24  ? 26.644  14.976  72.477  1.00 0.00  ? 24   A   C P  1 
ATOM 100 P P  . C   C 3  25  ? 24.784  9.624   72.654  1.00 0.00  ? 25   C   C P  1 
ATOM 101 P P  . C   C 3  26  ? 21.735  5.331   70.560  1.00 0.00  ? 26   C   C P  1 
ATOM 102 P P  . G   C 3  27  ? 19.364  2.576   67.067  1.00 0.00  ? 27   G   C P  1 
ATOM 103 P P  . A   C 3  28  ? 17.833  -0.526  63.303  1.00 0.00  ? 28   A   C P  1 
ATOM 104 P P  . G   C 3  29  ? 23.415  -2.318  63.393  1.00 0.00  ? 29   G   C P  1 
ATOM 105 P P  . G   C 3  30  ? 20.816  -3.739  58.561  1.00 0.00  ? 30   G   C P  1 
ATOM 106 P P  . A   C 3  31  ? 19.402  -4.400  54.115  1.00 0.00  ? 31   A   C P  1 
ATOM 107 P P  . C   D 4  1   ? 26.698  57.369  74.048  1.00 0.00  ? 1    C   G P  1 
ATOM 108 P P  . G   D 4  2   ? 28.455  53.497  70.300  1.00 0.00  ? 2    G   G P  1 
ATOM 109 P P  . A   D 4  3   ? 27.741  50.436  65.585  1.00 0.00  ? 3    A   G P  1 
ATOM 110 P P  . G   D 4  4   ? 25.170  49.421  60.638  1.00 0.00  ? 4    G   G P  1 
ATOM 111 P P  . G   D 4  5   ? 21.942  51.037  56.269  1.00 0.00  ? 5    G   G P  1 
ATOM 112 P P  . G   D 4  6   ? 19.287  55.956  51.670  1.00 0.00  ? 6    G   G P  1 
ATOM 113 P P  . G   D 4  7   ? 22.222  59.385  45.943  1.00 0.00  ? 7    G   G P  1 
ATOM 114 P P  . C   D 4  8   ? 24.245  54.751  48.500  1.00 0.00  ? 8    C   G P  1 
ATOM 115 P P  . G   D 4  9   ? 27.398  52.218  52.470  1.00 0.00  ? 9    G   G P  1 
ATOM 116 P P  . G   D 4  10  ? 30.295  52.296  57.340  1.00 0.00  ? 10   G   G P  1 
ATOM 117 P P  . U   D 4  11  ? 31.631  54.662  62.314  1.00 0.00  ? 11   U   G P  1 
ATOM 118 P P  . U   D 4  12  ? 30.595  58.271  66.559  1.00 0.00  ? 12   U   G P  1 
ATOM 119 P P  . G   D 4  13  ? 27.915  63.819  69.307  1.00 0.00  ? 13   G   G P  1 
ATOM 120 P P  . G   D 4  14  ? 23.293  63.722  69.489  1.00 0.00  ? 14   G   G P  1 
ATOM 121 P P  . C   D 4  15  ? 18.060  64.428  67.681  1.00 0.00  ? 15   C   G P  1 
ATOM 122 P P  . C   D 4  16  ? 13.401  61.208  67.507  1.00 0.00  ? 16   C   G P  1 
ATOM 123 P P  . U   D 4  17  ? 10.799  56.179  67.747  1.00 0.00  ? 17   U   G P  1 
ATOM 124 P P  . C   D 4  18  ? 10.701  50.674  69.085  1.00 0.00  ? 18   C   G P  1 
ATOM 125 P P  . G   D 4  19  ? 12.748  46.175  71.861  1.00 0.00  ? 19   G   G P  1 
ATOM 126 P P  . U   D 4  20  ? 15.782  42.680  73.107  1.00 0.00  ? 20   U   G P  1 
ATOM 127 P P  . A   D 4  21  ? 11.705  44.299  66.855  1.00 0.00  ? 21   A   G P  1 
ATOM 128 P P  . A   D 4  22  ? 12.924  50.917  62.914  1.00 0.00  ? 22   A   G P  1 
ATOM 129 P P  . A   D 4  23  ? 13.132  56.022  58.193  1.00 0.00  ? 23   A   G P  1 
ATOM 130 P P  . A   D 4  24  ? 15.432  58.948  54.633  1.00 0.00  ? 24   A   G P  1 
ATOM 131 P P  . A   D 4  25  ? 19.092  64.934  54.394  1.00 0.00  ? 25   A   G P  1 
ATOM 132 P P  . G   D 4  26  ? 23.303  68.716  54.705  1.00 0.00  ? 26   G   G P  1 
ATOM 133 P P  . C   D 4  27  ? 28.808  70.062  54.719  1.00 0.00  ? 27   C   G P  1 
ATOM 134 P P  . C   D 4  28  ? 34.244  68.842  53.684  1.00 0.00  ? 28   C   G P  1 
ATOM 135 P P  . G   D 4  29  ? 38.272  65.741  51.179  1.00 0.00  ? 29   G   G P  1 
ATOM 136 P P  . C   D 4  30  ? 39.995  62.036  47.253  1.00 0.00  ? 30   C   G P  1 
ATOM 137 P P  . C   E 5  1   ? 88.982  61.712  41.997  1.00 0.00  ? 1    C   F P  1 
ATOM 138 P P  . U   E 5  2   ? 92.526  62.365  37.623  1.00 0.00  ? 2    U   F P  1 
ATOM 139 P P  . U   E 5  3   ? 97.099  60.849  34.638  1.00 0.00  ? 3    U   F P  1 
ATOM 140 P P  . U   E 5  4   ? 101.154 57.136  33.264  1.00 0.00  ? 4    U   F P  1 
ATOM 141 P P  . A   E 5  5   ? 103.309 51.893  33.211  1.00 0.00  ? 5    A   F P  1 
ATOM 142 P P  . G   E 5  6   ? 102.225 44.845  34.250  1.00 0.00  ? 6    G   F P  1 
ATOM 143 P P  . C   E 5  7   ? 98.454  40.617  34.084  1.00 0.00  ? 7    C   F P  1 
ATOM 144 P P  . A   E 5  8   ? 93.517  38.399  32.407  1.00 0.00  ? 8    A   F P  1 
ATOM 145 P P  . G   E 5  9   ? 88.955  38.352  29.044  1.00 0.00  ? 9    G   F P  1 
ATOM 146 P P  . C   E 5  10  ? 86.069  40.214  24.268  1.00 0.00  ? 10   C   F P  1 
ATOM 147 P P  . U   E 5  11  ? 86.226  43.261  20.042  1.00 0.00  ? 11   U   F P  1 
ATOM 148 P P  . U   E 5  12  ? 85.811  39.417  19.312  1.00 0.00  ? 12   U   F P  1 
ATOM 149 P P  . A   E 5  13  ? 88.439  35.721  21.370  1.00 0.00  ? 13   A   F P  1 
ATOM 150 P P  . A   E 5  14  ? 93.063  34.603  23.951  1.00 0.00  ? 14   A   F P  1 
ATOM 151 P P  . U   E 5  15  ? 98.095  36.630  25.410  1.00 0.00  ? 15   U   F P  1 
ATOM 152 P P  . A   E 5  16  ? 101.495 41.256  25.060  1.00 0.00  ? 16   A   F P  1 
ATOM 153 P P  . A   E 5  17  ? 101.947 46.799  24.143  1.00 0.00  ? 17   A   F P  1 
ATOM 154 P P  . C   E 5  18  ? 99.389  51.834  24.001  1.00 0.00  ? 18   C   F P  1 
ATOM 155 P P  . C   E 5  19  ? 94.879  54.986  25.442  1.00 0.00  ? 19   C   F P  1 
ATOM 156 P P  . U   E 5  20  ? 90.222  55.701  28.593  1.00 0.00  ? 20   U   F P  1 
ATOM 157 P P  . G   E 5  21  ? 87.050  54.537  33.144  1.00 0.00  ? 21   G   F P  1 
ATOM 158 P P  . C   E 5  22  ? 86.394  52.409  38.355  1.00 0.00  ? 22   C   F P  1 
ATOM 159 P P  . U   E 5  23  ? 86.764  48.346  43.158  1.00 0.00  ? 23   U   F P  1 
ATOM 160 P P  . U   E 5  24  ? 90.545  49.515  45.706  1.00 0.00  ? 24   U   F P  1 
ATOM 161 P P  . A   E 5  25  ? 95.449  49.480  48.544  1.00 0.00  ? 25   A   F P  1 
ATOM 162 P P  . G   E 5  26  ? 100.516 51.697  49.779  1.00 0.00  ? 26   G   F P  1 
ATOM 163 P P  . A   E 5  27  ? 104.231 55.979  49.741  1.00 0.00  ? 27   A   F P  1 
ATOM 164 P P  . G   E 5  28  ? 105.509 61.469  49.171  1.00 0.00  ? 28   G   F P  1 
ATOM 165 P P  . C   E 5  29  ? 104.040 66.939  48.975  1.00 0.00  ? 29   C   F P  1 
ATOM 166 P P  . C   F 6  1   ? 95.348  54.370  51.836  1.00 0.00  ? 1    C   H P  1 
ATOM 167 P P  . C   F 6  2   ? 97.973  58.065  55.239  1.00 0.00  ? 2    C   H P  1 
ATOM 168 P P  . U   F 6  3   ? 97.983  61.734  59.558  1.00 0.00  ? 3    U   H P  1 
ATOM 169 P P  . C   F 6  4   ? 95.656  63.949  64.227  1.00 0.00  ? 4    C   H P  1 
ATOM 170 P P  . U   F 6  5   ? 92.015  63.745  68.564  1.00 0.00  ? 5    U   H P  1 
ATOM 171 P P  . C   F 6  6   ? 88.500  60.922  72.001  1.00 0.00  ? 6    C   H P  1 
ATOM 172 P P  . U   F 6  7   ? 86.513  56.112  74.245  1.00 0.00  ? 7    U   H P  1 
ATOM 173 P P  . C   F 6  8   ? 87.482  49.571  75.879  1.00 0.00  ? 8    C   H P  1 
ATOM 174 P P  . C   F 6  9   ? 91.356  45.701  77.340  1.00 0.00  ? 9    C   H P  1 
ATOM 175 P P  . C   F 6  10  ? 96.606  44.237  78.893  1.00 0.00  ? 10   C   H P  1 
ATOM 176 P P  . U   F 6  11  ? 101.749 45.506  80.907  1.00 0.00  ? 11   U   H P  1 
ATOM 177 P P  . A   F 6  12  ? 107.175 50.649  83.852  1.00 0.00  ? 12   A   H P  1 
ATOM 178 P P  . G   F 6  13  ? 107.441 59.581  82.993  1.00 0.00  ? 13   G   H P  1 
ATOM 179 P P  . C   F 6  14  ? 105.008 55.890  88.753  1.00 0.00  ? 14   C   H P  1 
ATOM 180 P P  . C   F 6  15  ? 101.912 58.541  92.690  1.00 0.00  ? 15   C   H P  1 
ATOM 181 P P  . U   F 6  16  ? 97.601  58.713  96.365  1.00 0.00  ? 16   U   H P  1 
ATOM 182 P P  . C   F 6  17  ? 94.015  58.089  99.371  1.00 0.00  ? 17   C   H P  1 
ATOM 183 P P  . C   F 6  18  ? 96.015  57.210  103.514 1.00 0.00  ? 18   C   H P  1 
ATOM 184 P P  . G   F 6  19  ? 93.674  58.736  105.909 1.00 0.00  ? 19   G   H P  1 
ATOM 185 P P  . C   F 6  20  ? 98.433  52.485  104.403 1.00 0.00  ? 20   C   H P  1 
ATOM 186 P P  . U   F 6  21  ? 101.826 50.266  100.444 1.00 0.00  ? 21   U   H P  1 
ATOM 187 P P  . C   F 6  22  ? 102.761 46.848  96.021  1.00 0.00  ? 22   C   H P  1 
ATOM 188 P P  . U   F 6  23  ? 100.937 43.653  91.711  1.00 0.00  ? 23   U   H P  1 
ATOM 189 P P  . U   F 6  24  ? 96.922  42.029  88.056  1.00 0.00  ? 24   U   H P  1 
ATOM 190 P P  . A   F 6  25  ? 92.523  44.301  86.811  1.00 0.00  ? 25   A   H P  1 
ATOM 191 P P  . G   F 6  26  ? 88.947  48.434  85.310  1.00 0.00  ? 26   G   H P  1 
ATOM 192 P P  . G   F 6  27  ? 87.878  53.729  83.598  1.00 0.00  ? 27   G   H P  1 
ATOM 193 P P  . A   F 6  28  ? 89.106  60.314  83.044  1.00 0.00  ? 28   A   H P  1 
ATOM 194 P P  . C   F 6  29  ? 92.422  60.825  81.736  1.00 0.00  ? 29   C   H P  1 
ATOM 195 P P  . G   F 6  30  ? 96.085  62.178  77.077  1.00 0.00  ? 30   G   H P  1 
ATOM 196 P P  . G   F 6  31  ? 99.984  60.978  73.144  1.00 0.00  ? 31   G   H P  1 
ATOM 197 P P  . G   F 6  32  ? 102.217 57.563  69.212  1.00 0.00  ? 32   G   H P  1 
ATOM 198 P P  . G   F 6  33  ? 101.889 53.153  65.666  1.00 0.00  ? 33   G   H P  1 
ATOM 199 P P  . A   F 6  34  ? 99.936  47.123  63.615  1.00 0.00  ? 34   A   H P  1 
ATOM 200 P P  . U   F 6  35  ? 101.328 38.545  63.115  1.00 0.00  ? 35   U   H P  1 
ATOM 201 P P  . C   F 6  36  ? 101.205 36.713  59.596  1.00 0.00  ? 36   C   H P  1 
ATOM 202 P P  . A   F 6  37  ? 101.612 44.917  57.874  1.00 0.00  ? 37   A   H P  1 
ATOM 203 P P  . A   F 6  38  ? 95.723  49.119  60.426  1.00 0.00  ? 38   A   H P  1 
ATOM 204 P P  . G   F 6  39  ? 90.260  48.525  59.041  1.00 0.00  ? 39   G   H P  1 
ATOM 205 P P  . A   F 6  40  ? 85.012  50.579  58.450  1.00 0.00  ? 40   A   H P  1 
ATOM 206 P P  . G   F 6  41  ? 81.360  54.893  58.036  1.00 0.00  ? 41   G   H P  1 
ATOM 207 P P  . A   F 6  42  ? 80.181  60.362  57.125  1.00 0.00  ? 42   A   H P  1 
ATOM 208 P P  . G   F 6  43  ? 81.565  65.511  55.205  1.00 0.00  ? 43   G   H P  1 
ATOM 209 P P  . G   F 6  44  ? 84.789  68.970  52.080  1.00 0.00  ? 44   G   H P  1 
ATOM 210 P P  . U   F 6  45  ? 87.691  71.216  49.119  1.00 0.00  ? 45   U   H P  1 
ATOM 211 P P  . C   F 6  46  ? 93.072  75.364  52.121  1.00 0.00  ? 46   C   H P  1 
ATOM 212 P P  . A   F 6  47  ? 92.295  75.134  57.544  1.00 0.00  ? 47   A   H P  1 
ATOM 213 P P  . A   F 6  48  ? 90.299  72.483  62.847  1.00 0.00  ? 48   A   H P  1 
ATOM 214 P P  . A   F 6  49  ? 87.583  68.037  68.373  1.00 0.00  ? 49   A   H P  1 
ATOM 215 P P  . C   F 6  50  ? 85.308  67.392  73.628  1.00 0.00  ? 50   C   H P  1 
ATOM 216 P P  . C   F 6  51  ? 81.072  65.948  74.133  1.00 0.00  ? 51   C   H P  1 
ATOM 217 P P  . C   F 6  52  ? 81.935  63.470  80.653  1.00 0.00  ? 52   C   H P  1 
ATOM 218 P P  . A   F 6  53  ? 82.890  58.324  86.758  1.00 0.00  ? 53   A   H P  1 
ATOM 219 P P  . A   F 6  54  ? 86.059  55.162  93.163  1.00 0.00  ? 54   A   H P  1 
ATOM 220 P P  . A   F 6  55  ? 86.545  50.937  99.792  1.00 0.00  ? 55   A   H P  1 
ATOM 221 P P  . A   F 6  56  ? 85.374  45.453  100.613 1.00 0.00  ? 56   A   H P  1 
ATOM 222 P P  . G   F 6  57  ? 86.972  40.081  101.455 1.00 0.00  ? 57   G   H P  1 
ATOM 223 P P  . A   F 6  58  ? 90.839  36.193  102.880 1.00 0.00  ? 58   A   H P  1 
ATOM 224 P P  . G   F 6  59  ? 95.757  34.685  105.259 1.00 0.00  ? 59   G   H P  1 
ATOM 225 P P  . A   G 7  1   ? 84.126  30.480  132.222 1.00 0.00  ? 1    A   I P  1 
ATOM 226 P P  . U   G 7  2   ? 81.043  33.363  127.646 1.00 0.00  ? 2    U   I P  1 
ATOM 227 P P  . C   G 7  3   ? 75.117  38.774  129.347 1.00 0.00  ? 3    C   I P  1 
ATOM 228 P P  . G   G 7  4   ? 72.686  36.122  125.158 1.00 0.00  ? 4    G   I P  1 
ATOM 229 P P  . C   G 7  5   ? 69.659  39.564  121.826 1.00 0.00  ? 5    C   I P  1 
ATOM 230 P P  . G   G 7  6   ? 66.655  40.592  117.129 1.00 0.00  ? 6    G   I P  1 
ATOM 231 P P  . U   G 7  7   ? 63.734  38.850  112.595 1.00 0.00  ? 7    U   I P  1 
ATOM 232 P P  . G   G 7  8   ? 60.871  35.518  109.808 1.00 0.00  ? 8    G   I P  1 
ATOM 233 P P  . G   G 7  9   ? 56.478  29.651  109.945 1.00 0.00  ? 9    G   I P  1 
ATOM 234 P P  . A   G 7  10  ? 55.860  27.169  112.323 1.00 0.00  ? 10   A   I P  1 
ATOM 235 P P  . A   G 7  11  ? 50.637  23.451  114.177 1.00 0.00  ? 11   A   I P  1 
ATOM 236 P P  . G   G 7  12  ? 47.961  22.947  119.148 1.00 0.00  ? 12   G   I P  1 
ATOM 237 P P  . C   G 7  13  ? 45.220  25.164  123.584 1.00 0.00  ? 13   C   I P  1 
ATOM 238 P P  . C   G 7  14  ? 42.392  29.382  126.102 1.00 0.00  ? 14   C   I P  1 
ATOM 239 P P  . C   G 7  15  ? 39.571  34.604  125.869 1.00 0.00  ? 15   C   I P  1 
ATOM 240 P P  . U   G 7  16  ? 33.738  30.545  123.634 1.00 0.00  ? 16   U   I P  1 
ATOM 241 P P  . G   G 7  17  ? 32.933  25.816  124.331 1.00 0.00  ? 17   G   I P  1 
ATOM 242 P P  . C   G 7  18  ? 35.818  23.064  120.307 1.00 0.00  ? 18   C   I P  1 
ATOM 243 P P  . C   G 7  19  ? 38.662  22.941  115.405 1.00 0.00  ? 19   C   I P  1 
ATOM 244 P P  . U   G 7  20  ? 41.447  25.505  111.189 1.00 0.00  ? 20   U   I P  1 
ATOM 245 P P  . G   G 7  21  ? 44.186  29.958  109.001 1.00 0.00  ? 21   G   I P  1 
ATOM 246 P P  . G   G 7  22  ? 46.900  34.905  109.544 1.00 0.00  ? 22   G   I P  1 
ATOM 247 P P  . G   G 7  23  ? 49.322  38.580  112.244 1.00 0.00  ? 23   G   I P  1 
ATOM 248 P P  . G   G 7  24  ? 52.216  40.318  116.796 1.00 0.00  ? 24   G   I P  1 
ATOM 249 P P  . U   G 7  25  ? 55.166  39.290  121.524 1.00 0.00  ? 25   U   I P  1 
ATOM 250 P P  . U   G 7  26  ? 58.128  35.840  124.903 1.00 0.00  ? 26   U   I P  1 
ATOM 251 P P  . G   G 7  27  ? 60.848  30.449  125.966 1.00 0.00  ? 27   G   I P  1 
ATOM 252 P P  . A   G 7  28  ? 61.912  25.748  121.168 1.00 0.00  ? 28   A   I P  1 
ATOM 253 P P  . A   G 7  29  ? 65.879  23.646  119.291 1.00 0.00  ? 29   A   I P  1 
ATOM 254 P P  . G   G 7  30  ? 71.784  23.299  116.843 1.00 0.00  ? 30   G   I P  1 
ATOM 255 P P  . C   G 7  31  ? 74.385  25.098  112.139 1.00 0.00  ? 31   C   I P  1 
ATOM 256 P P  . G   G 7  32  ? 76.977  29.115  109.097 1.00 0.00  ? 32   G   I P  1 
ATOM 257 P P  . U   G 7  33  ? 79.631  34.101  108.655 1.00 0.00  ? 33   U   I P  1 
ATOM 258 P P  . U   G 7  34  ? 81.189  39.195  108.618 1.00 0.00  ? 34   U   I P  1 
ATOM 259 P P  . A   G 7  35  ? 78.374  36.815  104.717 1.00 0.00  ? 35   A   I P  1 
ATOM 260 P P  . A   G 7  36  ? 72.411  37.054  100.942 1.00 0.00  ? 36   A   I P  1 
ATOM 261 P P  . A   G 7  37  ? 67.757  41.087  104.265 1.00 0.00  ? 37   A   I P  1 
ATOM 262 P P  . A   G 7  38  ? 65.256  42.005  109.077 1.00 0.00  ? 38   A   I P  1 
ATOM 263 P P  . C   G 7  39  ? 62.723  45.740  114.707 1.00 0.00  ? 39   C   I P  1 
ATOM 264 P P  . U   G 7  40  ? 58.260  43.509  118.330 1.00 0.00  ? 40   U   I P  1 
ATOM 265 P P  . U   G 7  41  ? 53.750  44.127  121.960 1.00 0.00  ? 41   U   I P  1 
ATOM 266 P P  . A   G 7  42  ? 46.618  43.362  122.260 1.00 0.00  ? 42   A   I P  1 
ATOM 267 P P  . A   G 7  43  ? 43.338  36.316  123.967 1.00 0.00  ? 43   A   I P  1 
ATOM 268 P P  . U   G 7  44  ? 39.364  34.075  125.890 1.00 0.00  ? 44   U   I P  1 
ATOM 269 P P  . C   G 7  45  ? 36.493  38.096  123.117 1.00 0.00  ? 45   C   I P  1 
ATOM 270 P P  . A   G 7  46  ? 33.673  39.985  118.577 1.00 0.00  ? 46   A   I P  1 
ATOM 271 P P  . G   G 7  47  ? 30.910  39.118  113.708 1.00 0.00  ? 47   G   I P  1 
ATOM 272 P P  . G   G 7  48  ? 28.184  35.756  110.047 1.00 0.00  ? 48   G   I P  1 
ATOM 273 P P  . C   G 7  49  ? 25.473  30.950  108.753 1.00 0.00  ? 49   C   I P  1 
ATOM 274 P P  . G   H 8  1   ? 23.764  22.053  101.948 1.00 0.00  ? 1    G   J P  1 
ATOM 275 P P  . U   H 8  2   ? 18.320  23.625  102.012 1.00 0.00  ? 2    U   J P  1 
ATOM 276 P P  . U   H 8  3   ? 14.232  27.408  103.056 1.00 0.00  ? 3    U   J P  1 
ATOM 277 P P  . U   H 8  4   ? 12.473  32.697  104.086 1.00 0.00  ? 4    U   J P  1 
ATOM 278 P P  . G   H 8  5   ? 13.278  38.306  104.106 1.00 0.00  ? 5    G   J P  1 
ATOM 279 P P  . U   H 8  6   ? 14.983  43.326  101.279 1.00 0.00  ? 6    U   J P  1 
ATOM 280 P P  . U   H 8  7   ? 18.499  46.166  97.858  1.00 0.00  ? 7    U   J P  1 
ATOM 281 P P  . A   H 8  8   ? 21.447  46.674  93.045  1.00 0.00  ? 8    A   J P  1 
ATOM 282 P P  . G   H 8  9   ? 22.561  45.176  87.695  1.00 0.00  ? 9    G   J P  1 
ATOM 283 P P  . U   H 8  10  ? 21.154  42.627  82.833  1.00 0.00  ? 10   U   J P  1 
ATOM 284 P P  . G   H 8  11  ? 17.458  40.410  79.321  1.00 0.00  ? 11   G   J P  1 
ATOM 285 P P  . G   H 8  12  ? 12.269  39.206  77.845  1.00 0.00  ? 12   G   J P  1 
ATOM 286 P P  . C   H 8  13  ? 6.832   40.763  77.472  1.00 0.00  ? 13   C   J P  1 
ATOM 287 P P  . G   H 8  14  ? 2.704   44.616  77.938  1.00 0.00  ? 14   G   J P  1 
ATOM 288 P P  . U   H 8  15  ? -1.139  48.075  78.043  1.00 0.00  ? 15   U   J P  1 
ATOM 289 P P  . G   H 8  16  ? -4.503  47.114  74.204  1.00 0.00  ? 16   G   J P  1 
ATOM 290 P P  . U   H 8  17  ? -0.080  45.773  70.923  1.00 0.00  ? 17   U   J P  1 
ATOM 291 P P  . C   H 8  18  ? 5.161   46.718  68.984  1.00 0.00  ? 18   C   J P  1 
ATOM 292 P P  . C   H 8  19  ? 10.464  49.918  69.118  1.00 0.00  ? 19   C   J P  1 
ATOM 293 P P  . G   H 8  20  ? 14.242  49.148  71.469  1.00 0.00  ? 20   G   J P  1 
ATOM 294 P P  . U   H 8  21  ? 17.374  51.804  75.376  1.00 0.00  ? 21   U   J P  1 
ATOM 295 P P  . C   H 8  22  ? 18.646  53.031  80.760  1.00 0.00  ? 22   C   J P  1 
ATOM 296 P P  . C   H 8  23  ? 15.604  53.262  87.076  1.00 0.00  ? 23   C   J P  1 
ATOM 297 P P  . G   H 8  24  ? 11.882  51.552  90.991  1.00 0.00  ? 24   G   J P  1 
ATOM 298 P P  . C   H 8  25  ? 8.626   47.574  93.381  1.00 0.00  ? 25   C   J P  1 
ATOM 299 P P  . A   H 8  26  ? 6.467   41.550  93.640  1.00 0.00  ? 26   A   J P  1 
ATOM 300 P P  . G   H 8  27  ? 8.694   35.228  93.542  1.00 0.00  ? 27   G   J P  1 
ATOM 301 P P  . C   H 8  28  ? 12.401  31.079  92.464  1.00 0.00  ? 28   C   J P  1 
ATOM 302 P P  . U   H 8  29  ? 17.691  29.074  92.144  1.00 0.00  ? 29   U   J P  1 
ATOM 303 P P  . G   H 8  30  ? 23.220  29.368  93.357  1.00 0.00  ? 30   G   J P  1 
ATOM 304 P P  . G   H 8  31  ? 27.562  31.385  96.390  1.00 0.00  ? 31   G   J P  1 
ATOM 305 P P  . C   H 8  32  ? 30.369  33.068  101.851 1.00 0.00  ? 32   C   J P  1 
ATOM 306 P P  . A   H 8  33  ? 30.077  34.982  107.177 1.00 0.00  ? 33   A   J P  1 
ATOM 307 P P  . A   H 8  34  ? 27.620  35.179  112.280 1.00 0.00  ? 34   A   J P  1 
ATOM 308 P P  . G   H 8  35  ? 24.103  33.098  116.206 1.00 0.00  ? 35   G   J P  1 
ATOM 309 P P  . C   H 8  36  ? 20.968  28.907  118.377 1.00 0.00  ? 36   C   J P  1 
ATOM 310 P P  . G   H 8  37  ? 18.722  24.986  119.739 1.00 0.00  ? 37   G   J P  1 
ATOM 311 P P  . A   H 8  38  ? 11.241  22.067  114.769 1.00 0.00  ? 38   A   J P  1 
ATOM 312 P P  . A   H 8  39  ? 6.196   26.091  109.310 1.00 0.00  ? 39   A   J P  1 
ATOM 313 P P  . U   H 8  40  ? 5.319   31.759  106.669 1.00 0.00  ? 40   U   J P  1 
ATOM 314 P P  . G   H 8  41  ? 5.081   32.056  102.188 1.00 0.00  ? 41   G   J P  1 
ATOM 315 P P  . U   H 8  42  ? 0.988   31.789  100.772 1.00 0.00  ? 42   U   J P  1 
ATOM 316 P P  . A   H 8  43  ? -1.424  35.994  95.396  1.00 0.00  ? 43   A   J P  1 
ATOM 317 P P  . A   H 8  44  ? 0.560   38.203  91.540  1.00 0.00  ? 44   A   J P  1 
ATOM 318 P P  . A   H 8  45  ? 2.572   40.408  85.962  1.00 0.00  ? 45   A   J P  1 
ATOM 319 P P  . G   H 8  46  ? 2.292   45.911  83.326  1.00 0.00  ? 46   G   J P  1 
ATOM 320 P P  . A   H 8  47  ? 1.655   51.479  84.179  1.00 0.00  ? 47   A   J P  1 
ATOM 321 P P  . C   H 8  48  ? 2.396   56.880  82.630  1.00 0.00  ? 48   C   J P  1 
ATOM 322 P P  . U   H 8  49  ? 5.572   62.007  79.719  1.00 0.00  ? 49   U   J P  1 
ATOM 323 P P  . G   H 8  50  ? 2.108   62.742  76.640  1.00 0.00  ? 50   G   J P  1 
ATOM 324 P P  . A   H 8  51  ? 1.898   63.683  71.055  1.00 0.00  ? 51   A   J P  1 
ATOM 325 P P  . C   H 8  52  ? 0.052   62.416  65.849  1.00 0.00  ? 52   C   J P  1 
ATOM 326 P P  . G   I 9  1   ? 73.499  -24.836 34.034  1.00 0.00  ? 1406 G   Z P  1 
ATOM 327 P P  . C   I 9  2   ? 73.011  -21.970 29.529  1.00 0.00  ? 1407 C   Z P  1 
ATOM 328 P P  . C   I 9  3   ? 72.024  -22.910 23.855  1.00 0.00  ? 1408 C   Z P  1 
ATOM 329 P P  . C   I 9  4   ? 70.206  -26.677 19.386  1.00 0.00  ? 1409 C   Z P  1 
ATOM 330 P P  . G   I 9  5   ? 67.862  -31.406 16.776  1.00 0.00  ? 1410 G   Z P  1 
ATOM 331 P P  . U   I 9  6   ? 63.493  -35.427 17.387  1.00 0.00  ? 1411 U   Z P  1 
ATOM 332 P P  . C   I 9  7   ? 58.875  -38.635 17.943  1.00 0.00  ? 1412 C   Z P  1 
ATOM 333 P P  . A   I 9  8   ? 53.438  -38.190 20.117  1.00 0.00  ? 1413 A   Z P  1 
ATOM 334 P P  . C   I 9  9   ? 49.372  -34.362 21.481  1.00 0.00  ? 1414 C   Z P  1 
ATOM 335 P P  . G   I 9  10  ? 46.784  -30.193 20.286  1.00 0.00  ? 1415 G   Z P  1 
ATOM 336 P P  . C   I 9  11  ? 45.615  -25.728 16.724  1.00 0.00  ? 1416 C   Z P  1 
ATOM 337 P P  . C   I 9  12  ? 46.839  -22.370 11.420  1.00 0.00  ? 1417 C   Z P  1 
ATOM 338 P P  . A   I 9  13  ? 48.699  -22.051 6.183   1.00 0.00  ? 1418 A   Z P  1 
ATOM 339 P P  . U   I 9  14  ? 50.424  -24.731 0.589   1.00 0.00  ? 1419 U   Z P  1 
ATOM 340 P P  . G   I 9  15  ? 52.804  -29.603 -2.128  1.00 0.00  ? 1420 G   Z P  1 
ATOM 341 P P  . G   I 9  16  ? 53.468  -33.973 -4.321  1.00 0.00  ? 1421 G   Z P  1 
ATOM 342 P P  . G   I 9  17  ? 51.452  -39.636 -6.189  1.00 0.00  ? 1422 G   Z P  1 
ATOM 343 P P  . A   I 9  18  ? 46.096  -42.089 -6.840  1.00 0.00  ? 1423 A   Z P  1 
ATOM 344 P P  . G   I 9  19  ? 41.787  -44.566 -8.454  1.00 0.00  ? 1424 G   Z P  1 
ATOM 345 P P  . C   I 9  20  ? 36.516  -42.690 -10.502 1.00 0.00  ? 1425 C   Z P  1 
ATOM 346 P P  . G   I 9  21  ? 33.490  -37.738 -13.042 1.00 0.00  ? 1426 G   Z P  1 
ATOM 347 P P  . G   I 9  22  ? 32.218  -33.001 -15.402 1.00 0.00  ? 1427 G   Z P  1 
ATOM 348 P P  . G   I 9  23  ? 34.574  -28.517 -18.796 1.00 0.00  ? 1428 G   Z P  1 
ATOM 349 P P  . C   I 9  24  ? 38.644  -27.275 -23.708 1.00 0.00  ? 1429 C   Z P  1 
ATOM 350 P P  . U   I 9  25  ? 42.737  -27.391 -27.708 1.00 0.00  ? 1430 U   Z P  1 
ATOM 351 P P  . C   I 9  26  ? 46.225  -30.085 -31.398 1.00 0.00  ? 1431 C   Z P  1 
ATOM 352 P P  . U   I 9  27  ? 47.845  -34.116 -34.957 1.00 0.00  ? 1432 U   Z P  1 
ATOM 353 P P  . A   I 9  28  ? 46.254  -39.348 -37.908 1.00 0.00  ? 1433 A   Z P  1 
ATOM 354 P P  . C   I 9  29  ? 42.562  -42.138 -40.455 1.00 0.00  ? 1434 C   Z P  1 
ATOM 355 P P  . C   I 9  30  ? 37.088  -42.791 -42.388 1.00 0.00  ? 1435 C   Z P  1 
ATOM 356 P P  . C   I 9  31  ? 31.545  -39.975 -43.249 1.00 0.00  ? 1436 C   Z P  1 
ATOM 357 P P  . G   I 9  32  ? 27.744  -36.169 -43.548 1.00 0.00  ? 1437 G   Z P  1 
ATOM 358 P P  . A   I 9  33  ? 27.823  -29.984 -44.540 1.00 0.00  ? 1438 A   Z P  1 
ATOM 359 P P  . A   I 9  34  ? 25.291  -25.256 -46.151 1.00 0.00  ? 1439 A   Z P  1 
ATOM 360 P P  . G   I 9  35  ? 26.620  -20.445 -48.985 1.00 0.00  ? 1440 G   Z P  1 
ATOM 361 P P  . U   I 9  36  ? 30.742  -18.644 -52.896 1.00 0.00  ? 1441 U   Z P  1 
ATOM 362 P P  . C   I 9  37  ? 34.642  -18.745 -57.356 1.00 0.00  ? 1442 C   Z P  1 
ATOM 363 P P  . G   I 9  38  ? 36.944  -22.609 -60.995 1.00 0.00  ? 1443 G   Z P  1 
ATOM 364 P P  . C   I 9  39  ? 36.397  -27.423 -64.376 1.00 0.00  ? 1444 C   Z P  1 
ATOM 365 P P  . C   I 9  40  ? 32.074  -30.856 -67.111 1.00 0.00  ? 1445 C   Z P  1 
ATOM 366 P P  . G   I 9  41  ? 26.832  -32.086 -69.038 1.00 0.00  ? 1446 G   Z P  1 
ATOM 367 P P  . G   I 9  42  ? 22.472  -30.140 -70.309 1.00 0.00  ? 1447 G   Z P  1 
ATOM 368 P P  . G   I 9  43  ? 17.351  -31.978 -71.690 1.00 0.00  ? 1448 G   Z P  1 
ATOM 369 P P  . A   I 9  44  ? 15.502  -36.399 -70.676 1.00 0.00  ? 1449 A   Z P  1 
ATOM 370 P P  . G   I 9  45  ? 13.341  -29.986 -69.168 1.00 0.00  ? 1450 G   Z P  1 
ATOM 371 P P  . C   I 9  46  ? 11.583  -24.453 -68.530 1.00 0.00  ? 1451 C   Z P  1 
ATOM 372 P P  . C   I 9  47  ? 12.406  -18.873 -70.300 1.00 0.00  ? 1452 C   Z P  1 
ATOM 373 P P  . U   I 9  48  ? 14.428  -15.898 -73.931 1.00 0.00  ? 1453 U   Z P  1 
ATOM 374 P P  . A   I 9  49  ? 17.337  -15.342 -79.439 1.00 0.00  ? 1454 A   Z P  1 
ATOM 375 P P  . C   I 9  50  ? 22.452  -17.602 -83.020 1.00 0.00  ? 1455 C   Z P  1 
ATOM 376 P P  . G   I 9  51  ? 26.303  -22.998 -81.909 1.00 0.00  ? 1456 G   Z P  1 
ATOM 377 P P  . G   I 9  52  ? 28.963  -23.149 -75.981 1.00 0.00  ? 1457 G   Z P  1 
ATOM 378 P P  . G   I 9  53  ? 28.362  -20.687 -69.657 1.00 0.00  ? 1458 G   Z P  1 
ATOM 379 P P  . C   I 9  54  ? 26.606  -18.700 -64.731 1.00 0.00  ? 1459 C   Z P  1 
ATOM 380 P P  . A   I 9  55  ? 23.565  -19.333 -59.881 1.00 0.00  ? 1460 A   Z P  1 
ATOM 381 P P  . G   I 9  56  ? 19.910  -22.417 -56.333 1.00 0.00  ? 1461 G   Z P  1 
ATOM 382 P P  . G   I 9  57  ? 20.613  -28.251 -54.673 1.00 0.00  ? 1462 G   Z P  1 
ATOM 383 P P  . C   I 9  58  ? 23.237  -33.170 -53.792 1.00 0.00  ? 1463 C   Z P  1 
ATOM 384 P P  . G   I 9  59  ? 28.241  -35.673 -52.177 1.00 0.00  ? 1464 G   Z P  1 
ATOM 385 P P  . C   I 9  60  ? 34.196  -35.509 -50.865 1.00 0.00  ? 1465 C   Z P  1 
ATOM 386 P P  . C   I 9  61  ? 38.821  -33.812 -48.373 1.00 0.00  ? 1466 C   Z P  1 
ATOM 387 P P  . G   I 9  62  ? 40.869  -30.075 -44.776 1.00 0.00  ? 1467 G   Z P  1 
ATOM 388 P P  . A   I 9  63  ? 38.383  -27.138 -40.009 1.00 0.00  ? 1468 A   Z P  1 
ATOM 389 P P  . G   I 9  64  ? 37.286  -25.095 -34.852 1.00 0.00  ? 1469 G   Z P  1 
ATOM 390 P P  . G   I 9  65  ? 33.420  -28.561 -30.990 1.00 0.00  ? 1470 G   Z P  1 
ATOM 391 P P  . G   I 9  66  ? 31.170  -33.193 -28.829 1.00 0.00  ? 1471 G   Z P  1 
ATOM 392 P P  . U   I 9  67  ? 31.021  -38.896 -27.283 1.00 0.00  ? 1472 U   Z P  1 
ATOM 393 P P  . A   I 9  68  ? 33.834  -43.729 -25.930 1.00 0.00  ? 1473 A   Z P  1 
ATOM 394 P P  . G   I 9  69  ? 38.622  -45.604 -24.116 1.00 0.00  ? 1474 G   Z P  1 
ATOM 395 P P  . G   I 9  70  ? 44.580  -45.177 -22.644 1.00 0.00  ? 1475 G   Z P  1 
ATOM 396 P P  . G   I 9  71  ? 48.343  -42.067 -19.822 1.00 0.00  ? 1476 G   Z P  1 
ATOM 397 P P  . C   I 9  72  ? 51.454  -37.596 -17.508 1.00 0.00  ? 1477 C   Z P  1 
ATOM 398 P P  . C   I 9  73  ? 50.710  -31.114 -15.561 1.00 0.00  ? 1478 C   Z P  1 
ATOM 399 P P  . C   I 9  74  ? 48.851  -27.869 -12.687 1.00 0.00  ? 1479 C   Z P  1 
ATOM 400 P P  . G   I 9  75  ? 45.054  -25.758 -8.045  1.00 0.00  ? 1480 G   Z P  1 
ATOM 401 P P  . U   I 9  76  ? 40.899  -26.285 -4.118  1.00 0.00  ? 1481 U   Z P  1 
ATOM 402 P P  . G   I 9  77  ? 39.220  -29.730 0.178   1.00 0.00  ? 1482 G   Z P  1 
ATOM 403 P P  . A   I 9  78  ? 40.034  -35.432 2.969   1.00 0.00  ? 1483 A   Z P  1 
ATOM 404 P P  . C   I 9  79  ? 40.851  -39.123 6.725   1.00 0.00  ? 1484 C   Z P  1 
ATOM 405 P P  . U   I 9  80  ? 45.586  -41.978 8.541   1.00 0.00  ? 1485 U   Z P  1 
ATOM 406 P P  . G   I 9  81  ? 52.099  -41.648 8.334   1.00 0.00  ? 1486 G   Z P  1 
ATOM 407 P P  . G   I 9  82  ? 57.267  -40.044 9.432   1.00 0.00  ? 1487 G   Z P  1 
ATOM 408 P P  . G   I 9  83  ? 60.805  -34.029 10.845  1.00 0.00  ? 1488 G   Z P  1 
ATOM 409 P P  . G   I 9  84  ? 62.581  -28.983 11.211  1.00 0.00  ? 1489 G   Z P  1 
ATOM 410 P P  . C   I 9  85  ? 63.144  -24.050 13.532  1.00 0.00  ? 1490 C   Z P  1 
ATOM 411 P P  . G   I 9  86  ? 61.706  -20.853 18.176  1.00 0.00  ? 1491 G   Z P  1 
ATOM 412 P P  . A   I 9  87  ? 59.236  -19.249 22.870  1.00 0.00  ? 1492 A   Z P  1 
ATOM 413 P P  . A   I 9  88  ? 60.525  -21.763 28.605  1.00 0.00  ? 1493 A   Z P  1 
ATOM 414 P P  . G   I 9  89  ? 58.589  -25.447 30.353  1.00 0.00  ? 1494 G   Z P  1 
ATOM 415 P P  . U   I 9  90  ? 59.613  -30.490 33.353  1.00 0.00  ? 1495 U   Z P  1 
ATOM 416 P P  . C   I 9  91  ? 61.439  -35.929 33.681  1.00 0.00  ? 1496 C   Z P  1 
ATOM 417 C CA . GLY J 10 1   ? 38.992  -26.351 27.030  1.00 0.00  ? 1    GLY K CA 1 
ATOM 418 C CA . LYS J 10 2   ? 42.017  -28.166 28.436  1.00 0.00  ? 2    LYS K CA 1 
ATOM 419 C CA . SER J 10 3   ? 40.755  -30.247 31.357  1.00 0.00  ? 3    SER K CA 1 
ATOM 420 C CA . ASP J 10 4   ? 37.557  -32.303 31.480  1.00 0.00  ? 4    ASP K CA 1 
ATOM 421 C CA . LYS J 10 5   ? 36.472  -34.603 28.650  1.00 0.00  ? 5    LYS K CA 1 
ATOM 422 C CA . ILE J 10 6   ? 33.029  -33.315 27.674  1.00 0.00  ? 6    ILE K CA 1 
ATOM 423 C CA . ILE J 10 7   ? 32.238  -32.667 24.011  1.00 0.00  ? 7    ILE K CA 1 
ATOM 424 C CA . PRO J 10 8   ? 29.668  -29.984 23.016  1.00 0.00  ? 8    PRO K CA 1 
ATOM 425 C CA . ILE J 10 9   ? 27.169  -30.567 20.222  1.00 0.00  ? 9    ILE K CA 1 
ATOM 426 C CA . ALA J 10 10  ? 24.230  -28.879 18.538  1.00 0.00  ? 10   ALA K CA 1 
ATOM 427 C CA . GLU J 10 11  ? 23.487  -25.154 18.810  1.00 0.00  ? 11   GLU K CA 1 
ATOM 428 C CA . ASN J 10 12  ? 20.749  -22.577 18.242  1.00 0.00  ? 12   ASN K CA 1 
ATOM 429 C CA . LYS J 10 13  ? 19.509  -19.068 19.055  1.00 0.00  ? 13   LYS K CA 1 
ATOM 430 C CA . GLU J 10 14  ? 17.394  -17.866 16.123  1.00 0.00  ? 14   GLU K CA 1 
ATOM 431 C CA . ALA J 10 15  ? 14.255  -19.413 17.631  1.00 0.00  ? 15   ALA K CA 1 
ATOM 432 C CA . LYS J 10 16  ? 14.659  -17.420 20.855  1.00 0.00  ? 16   LYS K CA 1 
ATOM 433 C CA . ALA J 10 17  ? 14.789  -14.146 18.918  1.00 0.00  ? 17   ALA K CA 1 
ATOM 434 C CA . LYS J 10 18  ? 11.984  -14.644 16.378  1.00 0.00  ? 18   LYS K CA 1 
ATOM 435 C CA . TYR J 10 19  ? 10.145  -16.759 18.964  1.00 0.00  ? 19   TYR K CA 1 
ATOM 436 C CA . ASP J 10 20  ? 9.605   -15.960 22.639  1.00 0.00  ? 20   ASP K CA 1 
ATOM 437 C CA . ILE J 10 21  ? 10.700  -18.810 24.904  1.00 0.00  ? 21   ILE K CA 1 
ATOM 438 C CA . LEU J 10 22  ? 8.116   -19.952 27.459  1.00 0.00  ? 22   LEU K CA 1 
ATOM 439 C CA . GLU J 10 23  ? 9.020   -23.319 28.986  1.00 0.00  ? 23   GLU K CA 1 
ATOM 440 C CA . THR J 10 24  ? 11.878  -25.784 28.517  1.00 0.00  ? 24   THR K CA 1 
ATOM 441 C CA . TYR J 10 25  ? 12.049  -29.567 28.856  1.00 0.00  ? 25   TYR K CA 1 
ATOM 442 C CA . GLU J 10 26  ? 14.864  -32.098 29.252  1.00 0.00  ? 26   GLU K CA 1 
ATOM 443 C CA . ALA J 10 27  ? 15.570  -35.143 27.101  1.00 0.00  ? 27   ALA K CA 1 
ATOM 444 C CA . GLY J 10 28  ? 18.345  -37.726 27.050  1.00 0.00  ? 28   GLY K CA 1 
ATOM 445 C CA . ILE J 10 29  ? 19.787  -39.366 23.945  1.00 0.00  ? 29   ILE K CA 1 
ATOM 446 C CA . VAL J 10 30  ? 21.657  -42.662 24.233  1.00 0.00  ? 30   VAL K CA 1 
ATOM 447 C CA . LEU J 10 31  ? 23.137  -44.670 21.365  1.00 0.00  ? 31   LEU K CA 1 
ATOM 448 C CA . LYS J 10 32  ? 25.883  -47.211 20.653  1.00 0.00  ? 32   LYS K CA 1 
ATOM 449 C CA . GLY J 10 33  ? 29.559  -46.426 21.177  1.00 0.00  ? 33   GLY K CA 1 
ATOM 450 C CA . SER J 10 34  ? 31.034  -46.336 17.674  1.00 0.00  ? 34   SER K CA 1 
ATOM 451 C CA . GLU J 10 35  ? 28.450  -43.737 16.640  1.00 0.00  ? 35   GLU K CA 1 
ATOM 452 C CA . VAL J 10 36  ? 29.387  -41.424 19.515  1.00 0.00  ? 36   VAL K CA 1 
ATOM 453 C CA . LYS J 10 37  ? 33.035  -41.344 18.418  1.00 0.00  ? 37   LYS K CA 1 
ATOM 454 C CA . SER J 10 38  ? 32.223  -40.458 14.792  1.00 0.00  ? 38   SER K CA 1 
ATOM 455 C CA . LEU J 10 39  ? 30.345  -37.308 15.823  1.00 0.00  ? 39   LEU K CA 1 
ATOM 456 C CA . ARG J 10 40  ? 32.605  -36.436 18.771  1.00 0.00  ? 40   ARG K CA 1 
ATOM 457 C CA . GLU J 10 41  ? 35.758  -36.387 16.632  1.00 0.00  ? 41   GLU K CA 1 
ATOM 458 C CA . LYS J 10 42  ? 34.069  -34.649 13.689  1.00 0.00  ? 42   LYS K CA 1 
ATOM 459 C CA . GLY J 10 43  ? 32.083  -31.855 15.319  1.00 0.00  ? 43   GLY K CA 1 
ATOM 460 C CA . THR J 10 44  ? 29.275  -31.103 12.878  1.00 0.00  ? 44   THR K CA 1 
ATOM 461 C CA . VAL J 10 45  ? 25.483  -31.422 12.935  1.00 0.00  ? 45   VAL K CA 1 
ATOM 462 C CA . SER J 10 46  ? 22.260  -29.767 11.753  1.00 0.00  ? 46   SER K CA 1 
ATOM 463 C CA . PHE J 10 47  ? 22.036  -25.968 11.772  1.00 0.00  ? 47   PHE K CA 1 
ATOM 464 C CA . LYS J 10 48  ? 18.611  -24.594 10.842  1.00 0.00  ? 48   LYS K CA 1 
ATOM 465 C CA . ASP J 10 49  ? 16.853  -27.695 9.510   1.00 0.00  ? 49   ASP K CA 1 
ATOM 466 C CA . SER J 10 50  ? 16.463  -29.774 12.680  1.00 0.00  ? 50   SER K CA 1 
ATOM 467 C CA . PHE J 10 51  ? 13.198  -29.740 14.636  1.00 0.00  ? 51   PHE K CA 1 
ATOM 468 C CA . VAL J 10 52  ? 11.891  -31.486 17.753  1.00 0.00  ? 52   VAL K CA 1 
ATOM 469 C CA . ARG J 10 53  ? 8.434   -32.984 18.267  1.00 0.00  ? 53   ARG K CA 1 
ATOM 470 C CA . ILE J 10 54  ? 6.912   -34.596 21.359  1.00 0.00  ? 54   ILE K CA 1 
ATOM 471 C CA . GLU J 10 55  ? 5.070   -37.885 20.842  1.00 0.00  ? 55   GLU K CA 1 
ATOM 472 C CA . ASN J 10 56  ? 3.980   -40.988 22.760  1.00 0.00  ? 56   ASN K CA 1 
ATOM 473 C CA . GLY J 10 57  ? 5.369   -40.116 26.198  1.00 0.00  ? 57   GLY K CA 1 
ATOM 474 C CA . GLU J 10 58  ? 8.833   -38.645 25.623  1.00 0.00  ? 58   GLU K CA 1 
ATOM 475 C CA . ALA J 10 59  ? 10.624  -36.015 23.546  1.00 0.00  ? 59   ALA K CA 1 
ATOM 476 C CA . TRP J 10 60  ? 11.642  -36.949 20.001  1.00 0.00  ? 60   TRP K CA 1 
ATOM 477 C CA . LEU J 10 61  ? 14.495  -35.510 17.939  1.00 0.00  ? 61   LEU K CA 1 
ATOM 478 C CA . TYR J 10 62  ? 14.307  -35.113 14.164  1.00 0.00  ? 62   TYR K CA 1 
ATOM 479 C CA . ASN J 10 63  ? 17.196  -33.782 12.076  1.00 0.00  ? 63   ASN K CA 1 
ATOM 480 C CA . LEU J 10 64  ? 17.043  -32.905 8.380   1.00 0.00  ? 64   LEU K CA 1 
ATOM 481 C CA . TYR J 10 65  ? 20.541  -31.433 8.091   1.00 0.00  ? 65   TYR K CA 1 
ATOM 482 C CA . ILE J 10 66  ? 22.980  -34.178 9.103   1.00 0.00  ? 66   ILE K CA 1 
ATOM 483 C CA . ALA J 10 67  ? 26.478  -32.808 8.497   1.00 0.00  ? 67   ALA K CA 1 
ATOM 484 C CA . PRO J 10 68  ? 28.493  -35.911 9.567   1.00 0.00  ? 68   PRO K CA 1 
ATOM 485 C CA . TYR J 10 69  ? 29.512  -38.466 6.938   1.00 0.00  ? 69   TYR K CA 1 
ATOM 486 C CA . LYS J 10 70  ? 29.091  -42.150 7.790   1.00 0.00  ? 70   LYS K CA 1 
ATOM 487 C CA . HIS J 10 71  ? 27.788  -43.477 4.471   1.00 0.00  ? 71   HIS K CA 1 
ATOM 488 C CA . ALA J 10 72  ? 30.286  -44.736 1.891   1.00 0.00  ? 72   ALA K CA 1 
ATOM 489 C CA . THR J 10 73  ? 28.097  -47.358 0.217   1.00 0.00  ? 73   THR K CA 1 
ATOM 490 C CA . ILE J 10 74  ? 25.135  -46.634 -2.056  1.00 0.00  ? 74   ILE K CA 1 
ATOM 491 C CA . GLU J 10 75  ? 22.685  -48.421 0.241   1.00 0.00  ? 75   GLU K CA 1 
ATOM 492 C CA . ASN J 10 76  ? 21.204  -46.006 2.782   1.00 0.00  ? 76   ASN K CA 1 
ATOM 493 C CA . HIS J 10 77  ? 18.004  -44.147 3.657   1.00 0.00  ? 77   HIS K CA 1 
ATOM 494 C CA . ASP J 10 78  ? 17.042  -40.467 3.578   1.00 0.00  ? 78   ASP K CA 1 
ATOM 495 C CA . PRO J 10 79  ? 19.082  -38.111 5.824   1.00 0.00  ? 79   PRO K CA 1 
ATOM 496 C CA . LEU J 10 80  ? 16.850  -37.983 8.903   1.00 0.00  ? 80   LEU K CA 1 
ATOM 497 C CA . ARG J 10 81  ? 18.416  -40.026 11.705  1.00 0.00  ? 81   ARG K CA 1 
ATOM 498 C CA . LYS J 10 82  ? 15.487  -40.460 14.097  1.00 0.00  ? 82   LYS K CA 1 
ATOM 499 C CA . ARG J 10 83  ? 16.572  -40.584 17.742  1.00 0.00  ? 83   ARG K CA 1 
ATOM 500 C CA . LYS J 10 84  ? 14.468  -41.229 20.844  1.00 0.00  ? 84   LYS K CA 1 
ATOM 501 C CA . LEU J 10 85  ? 15.226  -39.238 23.995  1.00 0.00  ? 85   LEU K CA 1 
ATOM 502 C CA . LEU J 10 86  ? 13.766  -40.214 27.376  1.00 0.00  ? 86   LEU K CA 1 
ATOM 503 C CA . LEU J 10 87  ? 11.444  -37.901 29.312  1.00 0.00  ? 87   LEU K CA 1 
ATOM 504 C CA . HIS J 10 88  ? 8.714   -37.909 31.984  1.00 0.00  ? 88   HIS K CA 1 
ATOM 505 C CA . LYS J 10 89  ? 5.082   -39.063 32.067  1.00 0.00  ? 89   LYS K CA 1 
ATOM 506 C CA . ARG J 10 90  ? 2.946   -36.216 33.408  1.00 0.00  ? 90   ARG K CA 1 
ATOM 507 C CA . GLU J 10 91  ? 5.057   -33.411 31.927  1.00 0.00  ? 91   GLU K CA 1 
ATOM 508 C CA . ILE J 10 92  ? 5.235   -34.930 28.431  1.00 0.00  ? 92   ILE K CA 1 
ATOM 509 C CA . MET J 10 93  ? 1.443   -35.229 28.260  1.00 0.00  ? 93   MET K CA 1 
ATOM 510 C CA . ARG J 10 94  ? 0.847   -31.720 29.619  1.00 0.00  ? 94   ARG K CA 1 
ATOM 511 C CA . LEU J 10 95  ? 3.291   -29.986 27.260  1.00 0.00  ? 95   LEU K CA 1 
ATOM 512 C CA . TYR J 10 96  ? 1.867   -31.831 24.242  1.00 0.00  ? 96   TYR K CA 1 
ATOM 513 C CA . GLY J 10 97  ? -1.631  -30.497 24.889  1.00 0.00  ? 97   GLY K CA 1 
ATOM 514 C CA . LYS J 10 98  ? -1.096  -26.858 25.880  1.00 0.00  ? 98   LYS K CA 1 
ATOM 515 C CA . VAL J 10 99  ? 1.994   -26.179 23.754  1.00 0.00  ? 99   VAL K CA 1 
ATOM 516 C CA . GLN J 10 100 ? 0.524   -27.851 20.657  1.00 0.00  ? 100  GLN K CA 1 
ATOM 517 C CA . GLU J 10 101 ? -3.187  -26.946 20.703  1.00 0.00  ? 101  GLU K CA 1 
ATOM 518 C CA . LYS J 10 102 ? -2.879  -23.480 22.266  1.00 0.00  ? 102  LYS K CA 1 
ATOM 519 C CA . GLY J 10 103 ? -0.455  -22.415 19.564  1.00 0.00  ? 103  GLY K CA 1 
ATOM 520 C CA . TYR J 10 104 ? 3.154   -23.212 20.398  1.00 0.00  ? 104  TYR K CA 1 
ATOM 521 C CA . THR J 10 105 ? 6.066   -25.062 18.800  1.00 0.00  ? 105  THR K CA 1 
ATOM 522 C CA . ILE J 10 106 ? 9.068   -27.120 19.919  1.00 0.00  ? 106  ILE K CA 1 
ATOM 523 C CA . ILE J 10 107 ? 12.620  -26.744 18.661  1.00 0.00  ? 107  ILE K CA 1 
ATOM 524 C CA . PRO J 10 108 ? 16.093  -28.117 19.554  1.00 0.00  ? 108  PRO K CA 1 
ATOM 525 C CA . LEU J 10 109 ? 18.868  -26.112 21.204  1.00 0.00  ? 109  LEU K CA 1 
ATOM 526 C CA . LYS J 10 110 ? 22.158  -27.582 22.469  1.00 0.00  ? 110  LYS K CA 1 
ATOM 527 C CA . LEU J 10 111 ? 22.857  -31.255 23.060  1.00 0.00  ? 111  LEU K CA 1 
ATOM 528 C CA . TYR J 10 112 ? 26.269  -32.456 24.215  1.00 0.00  ? 112  TYR K CA 1 
ATOM 529 C CA . TRP J 10 113 ? 27.555  -35.724 25.667  1.00 0.00  ? 113  TRP K CA 1 
ATOM 530 C CA . LYS J 10 114 ? 29.522  -35.815 28.893  1.00 0.00  ? 114  LYS K CA 1 
ATOM 531 C CA . ASN J 10 115 ? 31.034  -38.889 30.512  1.00 0.00  ? 115  ASN K CA 1 
ATOM 532 C CA . ASN J 10 116 ? 29.783  -40.965 27.571  1.00 0.00  ? 116  ASN K CA 1 
ATOM 533 C CA . LYS J 10 117 ? 26.256  -39.907 26.487  1.00 0.00  ? 117  LYS K CA 1 
ATOM 534 C CA . VAL J 10 118 ? 24.270  -36.953 25.135  1.00 0.00  ? 118  VAL K CA 1 
ATOM 535 C CA . LYS J 10 119 ? 21.682  -34.766 26.800  1.00 0.00  ? 119  LYS K CA 1 
ATOM 536 C CA . VAL J 10 120 ? 19.552  -32.483 24.611  1.00 0.00  ? 120  VAL K CA 1 
ATOM 537 C CA . LEU J 10 121 ? 17.892  -29.297 25.838  1.00 0.00  ? 121  LEU K CA 1 
ATOM 538 C CA . ILE J 10 122 ? 14.577  -28.330 24.241  1.00 0.00  ? 122  ILE K CA 1 
ATOM 539 C CA . ALA J 10 123 ? 12.751  -25.002 24.422  1.00 0.00  ? 123  ALA K CA 1 
ATOM 540 C CA . LEU J 10 124 ? 9.229   -23.891 23.523  1.00 0.00  ? 124  LEU K CA 1 
ATOM 541 C CA . ALA J 10 125 ? 8.751   -20.715 21.488  1.00 0.00  ? 125  ALA K CA 1 
ATOM 542 C CA . LYS J 10 126 ? 5.807   -18.953 19.850  1.00 0.00  ? 126  LYS K CA 1 
ATOM 543 C CA . GLY J 10 127 ? 5.525   -17.336 16.434  1.00 0.00  ? 127  GLY K CA 1 
ATOM 544 C CA . LYS J 10 128 ? 6.557   -13.891 17.655  1.00 0.00  ? 128  LYS K CA 1 
ATOM 545 C CA . LYS J 10 129 ? 4.436   -11.796 20.019  1.00 0.00  ? 129  LYS K CA 1 
ATOM 546 C CA . LEU J 10 130 ? 4.264   -8.690  22.212  1.00 0.00  ? 130  LEU K CA 1 
ATOM 547 C CA . ALA K 11 1   ? 7.283   22.089  -34.850 0.50 99.05 ? 1    ALA Y CA 1 
ATOM 548 C CA . LYS K 11 2   ? 0.759   10.507  -31.264 0.54 83.72 ? 2    LYS Y CA 1 
ATOM 549 C CA . GLY K 11 3   ? -0.039  14.244  -31.755 0.95 63.87 ? 3    GLY Y CA 1 
ATOM 550 C CA . GLU K 11 4   ? 0.650   17.541  -29.970 1.00 52.18 ? 4    GLU Y CA 1 
ATOM 551 C CA . PHE K 11 5   ? -1.246  18.820  -27.033 1.00 41.60 ? 5    PHE Y CA 1 
ATOM 552 C CA . ILE K 11 6   ? -3.107  22.056  -27.465 1.00 32.28 ? 6    ILE Y CA 1 
ATOM 553 C CA . ARG K 11 7   ? -4.600  24.114  -24.676 0.87 43.27 ? 7    ARG Y CA 1 
ATOM 554 C CA . THR K 11 8   ? -8.117  25.264  -25.498 1.00 29.54 ? 8    THR Y CA 1 
ATOM 555 C CA . LYS K 11 9   ? -10.002 24.664  -22.208 0.67 40.71 ? 9    LYS Y CA 1 
ATOM 556 C CA . PRO K 11 10  ? -9.116  24.609  -18.569 0.77 36.33 ? 10   PRO Y CA 1 
ATOM 557 C CA . HIS K 11 11  ? -7.542  21.408  -17.195 0.98 39.32 ? 11   HIS Y CA 1 
ATOM 558 C CA . VAL K 11 12  ? -8.716  19.545  -14.163 1.00 35.92 ? 12   VAL Y CA 1 
ATOM 559 C CA . ASN K 11 13  ? -7.674  16.240  -12.567 0.91 34.94 ? 13   ASN Y CA 1 
ATOM 560 C CA . VAL K 11 14  ? -10.324 13.813  -11.290 0.99 20.89 ? 14   VAL Y CA 1 
ATOM 561 C CA . GLY K 11 15  ? -10.892 10.206  -10.704 0.98 28.82 ? 15   GLY Y CA 1 
ATOM 562 C CA . THR K 11 16  ? -12.641 7.320   -9.078  0.87 39.28 ? 16   THR Y CA 1 
ATOM 563 C CA . ILE K 11 17  ? -12.818 6.076   -5.541  1.00 27.21 ? 17   ILE Y CA 1 
ATOM 564 C CA . GLY K 11 18  ? -15.174 3.959   -3.549  0.99 29.51 ? 18   GLY Y CA 1 
ATOM 565 C CA . HIS K 11 19  ? -15.519 0.561   -1.941  0.98 25.82 ? 19   HIS Y CA 1 
ATOM 566 C CA . VAL K 11 20  ? -14.381 -2.458  -3.905  1.00 37.34 ? 20   VAL Y CA 1 
ATOM 567 C CA . ASP K 11 21  ? -16.608 -3.328  -6.871  0.91 43.47 ? 21   ASP Y CA 1 
ATOM 568 C CA . HIS K 11 22  ? -18.970 -0.479  -6.365  0.98 37.01 ? 22   HIS Y CA 1 
ATOM 569 C CA . GLY K 11 23  ? -18.413 0.165   -10.082 1.00 41.95 ? 23   GLY Y CA 1 
ATOM 570 C CA . LYS K 11 24  ? -15.552 2.626   -10.288 0.89 43.76 ? 24   LYS Y CA 1 
ATOM 571 C CA . THR K 11 25  ? -14.108 1.324   -13.539 1.00 42.37 ? 25   THR Y CA 1 
ATOM 572 C CA . THR K 11 26  ? -17.395 0.698   -15.354 1.00 44.99 ? 26   THR Y CA 1 
ATOM 573 C CA . LEU K 11 27  ? -18.372 4.268   -14.649 0.87 37.73 ? 27   LEU Y CA 1 
ATOM 574 C CA . THR K 11 28  ? -14.976 5.345   -15.832 1.00 37.10 ? 28   THR Y CA 1 
ATOM 575 C CA . ALA K 11 29  ? -15.445 3.752   -19.239 1.00 49.10 ? 29   ALA Y CA 1 
ATOM 576 C CA . ALA K 11 30  ? -18.995 4.995   -19.337 1.00 38.63 ? 30   ALA Y CA 1 
ATOM 577 C CA . LEU K 11 31  ? -17.727 8.524   -18.878 1.00 39.30 ? 31   LEU Y CA 1 
ATOM 578 C CA . THR K 11 32  ? -15.361 8.129   -21.816 0.85 45.10 ? 32   THR Y CA 1 
ATOM 579 C CA . TYR K 11 33  ? -18.058 6.894   -24.115 0.89 39.94 ? 33   TYR Y CA 1 
ATOM 580 C CA . VAL K 11 34  ? -20.543 9.637   -23.406 1.00 28.41 ? 34   VAL Y CA 1 
ATOM 581 C CA . ALA K 11 35  ? -18.140 12.479  -23.585 1.00 48.15 ? 35   ALA Y CA 1 
ATOM 582 C CA . ALA K 11 36  ? -16.731 11.063  -26.782 1.00 53.29 ? 36   ALA Y CA 1 
ATOM 583 C CA . ALA K 11 37  ? -20.162 11.381  -28.372 0.98 61.20 ? 37   ALA Y CA 1 
ATOM 584 C CA . GLU K 11 38  ? -20.500 15.111  -28.027 1.00 53.08 ? 38   GLU Y CA 1 
ATOM 585 C CA . ASN K 11 39  ? -16.731 15.703  -28.207 0.94 66.74 ? 39   ASN Y CA 1 
ATOM 586 C CA . PRO K 11 40  ? -15.055 13.991  -31.080 0.62 81.02 ? 40   PRO Y CA 1 
ATOM 587 C CA . ASN K 11 41  ? -11.482 13.437  -30.061 0.50 72.76 ? 41   ASN Y CA 1 
ATOM 588 C CA . VAL K 11 42  ? -12.269 11.861  -26.740 1.00 68.13 ? 42   VAL Y CA 1 
ATOM 589 C CA . GLU K 11 43  ? -10.866 8.411   -27.292 1.00 58.93 ? 43   GLU Y CA 1 
ATOM 590 C CA . VAL K 11 44  ? -13.217 5.975   -25.635 0.89 46.19 ? 44   VAL Y CA 1 
ATOM 591 C CA . LYS K 11 45  ? -12.193 3.117   -23.355 1.00 39.39 ? 45   LYS Y CA 1 
ATOM 592 C CA . ASP K 11 46  ? -13.814 -0.037  -22.442 1.00 49.13 ? 46   ASP Y CA 1 
ATOM 593 C CA . TYR K 11 47  ? -13.423 -1.943  -19.307 1.00 44.16 ? 47   TYR Y CA 1 
ATOM 594 C CA . GLY K 11 48  ? -10.878 -4.247  -20.833 0.87 41.21 ? 48   GLY Y CA 1 
ATOM 595 C CA . ASP K 11 49  ? -9.327  -1.096  -22.056 0.99 60.34 ? 49   ASP Y CA 1 
ATOM 596 C CA . ILE K 11 50  ? -8.916  -0.158  -18.395 1.00 45.58 ? 50   ILE Y CA 1 
ATOM 597 C CA . ASP K 11 51  ? -8.753  -3.192  -16.139 1.00 44.52 ? 51   ASP Y CA 1 
ATOM 598 C CA . LYS K 11 52  ? -6.385  -4.791  -18.663 1.00 46.41 ? 52   LYS Y CA 1 
ATOM 599 C CA . ALA K 11 53  ? -3.478  -6.505  -17.028 1.00 57.61 ? 53   ALA Y CA 1 
ATOM 600 C CA . PRO K 11 54  ? -4.470  -10.173 -16.744 1.00 58.50 ? 54   PRO Y CA 1 
ATOM 601 C CA . GLU K 11 55  ? -4.968  -10.648 -12.995 0.97 62.87 ? 55   GLU Y CA 1 
ATOM 602 C CA . GLU K 11 56  ? -7.174  -7.622  -13.280 1.00 60.22 ? 56   GLU Y CA 1 
ATOM 603 C CA . ARG K 11 57  ? -8.891  -9.353  -16.191 0.98 50.59 ? 57   ARG Y CA 1 
ATOM 604 C CA . ALA K 11 58  ? -8.801  -12.615 -14.337 0.95 51.60 ? 58   ALA Y CA 1 
ATOM 605 C CA . ARG K 11 59  ? -9.743  -11.851 -10.684 1.00 50.63 ? 59   ARG Y CA 1 
ATOM 606 C CA . GLY K 11 60  ? -12.029 -9.231  -12.045 0.82 45.99 ? 60   GLY Y CA 1 
ATOM 607 C CA . ILE K 11 61  ? -10.672 -6.307  -9.975  1.00 49.25 ? 61   ILE Y CA 1 
ATOM 608 C CA . THR K 11 62  ? -8.723  -3.155  -10.471 1.00 42.51 ? 62   THR Y CA 1 
ATOM 609 C CA . ILE K 11 63  ? -5.140  -3.459  -9.105  0.88 41.38 ? 63   ILE Y CA 1 
ATOM 610 C CA . ASN K 11 64  ? -3.137  -0.801  -10.833 1.00 51.20 ? 64   ASN Y CA 1 
ATOM 611 C CA . THR K 11 65  ? -4.572  2.691   -11.182 0.90 43.23 ? 65   THR Y CA 1 
ATOM 612 C CA . ALA K 11 66  ? -5.303  3.912   -14.679 0.92 37.80 ? 66   ALA Y CA 1 
ATOM 613 C CA . HIS K 11 67  ? -5.088  7.325   -16.351 1.00 41.41 ? 67   HIS Y CA 1 
ATOM 614 C CA . VAL K 11 68  ? -7.726  8.154   -18.900 1.00 44.48 ? 68   VAL Y CA 1 
ATOM 615 C CA . GLU K 11 69  ? -8.412  11.373  -20.749 0.79 45.57 ? 69   GLU Y CA 1 
ATOM 616 C CA . TYR K 11 70  ? -11.719 12.946  -21.575 0.96 40.10 ? 70   TYR Y CA 1 
ATOM 617 C CA . GLU K 11 71  ? -13.475 16.270  -21.938 0.99 41.44 ? 71   GLU Y CA 1 
ATOM 618 C CA . THR K 11 72  ? -16.705 18.191  -22.002 0.98 33.66 ? 72   THR Y CA 1 
ATOM 619 C CA . ALA K 11 73  ? -17.408 21.492  -23.637 0.96 44.57 ? 73   ALA Y CA 1 
ATOM 620 C CA . LYS K 11 74  ? -16.210 23.357  -20.518 1.00 54.12 ? 74   LYS Y CA 1 
ATOM 621 C CA . ARG K 11 75  ? -13.035 21.503  -19.648 0.98 51.81 ? 75   ARG Y CA 1 
ATOM 622 C CA . HIS K 11 76  ? -10.423 18.884  -20.270 0.99 37.93 ? 76   HIS Y CA 1 
ATOM 623 C CA . TYR K 11 77  ? -9.819  16.096  -17.822 1.00 48.99 ? 77   TYR Y CA 1 
ATOM 624 C CA . SER K 11 78  ? -7.217  13.507  -16.737 0.86 42.83 ? 78   SER Y CA 1 
ATOM 625 C CA . HIS K 11 79  ? -9.172  10.856  -14.737 1.00 38.55 ? 79   HIS Y CA 1 
ATOM 626 C CA . VAL K 11 80  ? -7.475  8.368   -12.354 0.69 39.18 ? 80   VAL Y CA 1 
ATOM 627 C CA . ASP K 11 81  ? -9.425  5.204   -11.750 1.00 35.31 ? 81   ASP Y CA 1 
ATOM 628 C CA . CYS K 11 82  ? -8.464  3.656   -8.518  0.98 31.50 ? 82   CYS Y CA 1 
ATOM 629 C CA . PRO K 11 83  ? -8.690  0.224   -6.991  0.96 29.77 ? 83   PRO Y CA 1 
ATOM 630 C CA . GLY K 11 84  ? -11.118 -0.248  -3.997  0.71 44.52 ? 84   GLY Y CA 1 
ATOM 631 C CA . HIS K 11 85  ? -9.696  -3.457  -2.679  1.00 44.99 ? 85   HIS Y CA 1 
ATOM 632 C CA . ALA K 11 86  ? -8.069  -2.710  0.696   0.96 41.15 ? 86   ALA Y CA 1 
ATOM 633 C CA . ASP K 11 87  ? -5.035  -4.738  -0.312  0.98 38.79 ? 87   ASP Y CA 1 
ATOM 634 C CA . TYR K 11 88  ? -4.338  -2.038  -2.772  1.00 59.70 ? 88   TYR Y CA 1 
ATOM 635 C CA . ILE K 11 89  ? -4.830  1.246   -0.917  0.81 36.92 ? 89   ILE Y CA 1 
ATOM 636 C CA . LYS K 11 90  ? -1.311  2.485   -1.651  1.00 32.68 ? 90   LYS Y CA 1 
ATOM 637 C CA . ASN K 11 91  ? -2.106  2.655   -5.406  0.99 40.08 ? 91   ASN Y CA 1 
ATOM 638 C CA . MET K 11 92  ? -5.356  4.348   -4.657  1.00 33.48 ? 92   MET Y CA 1 
ATOM 639 C CA . ILE K 11 93  ? -3.592  6.783   -2.333  0.96 39.49 ? 93   ILE Y CA 1 
ATOM 640 C CA . THR K 11 94  ? -1.186  7.501   -5.124  0.98 35.03 ? 94   THR Y CA 1 
ATOM 641 C CA . GLY K 11 95  ? -3.978  8.281   -7.566  0.99 41.15 ? 95   GLY Y CA 1 
ATOM 642 C CA . ALA K 11 96  ? -6.033  10.243  -5.159  1.00 41.13 ? 96   ALA Y CA 1 
ATOM 643 C CA . ALA K 11 97  ? -2.952  12.159  -4.547  1.00 33.47 ? 97   ALA Y CA 1 
ATOM 644 C CA . GLN K 11 98  ? -3.340  13.687  -8.027  0.94 42.15 ? 98   GLN Y CA 1 
ATOM 645 C CA . MET K 11 99  ? -7.018  14.531  -7.983  1.00 30.99 ? 99   MET Y CA 1 
ATOM 646 C CA . ASP K 11 100 ? -8.404  18.044  -7.715  0.98 31.97 ? 100  ASP Y CA 1 
ATOM 647 C CA . GLY K 11 101 ? -11.733 16.476  -7.042  1.00 27.36 ? 101  GLY Y CA 1 
ATOM 648 C CA . ALA K 11 102 ? -12.776 12.884  -6.536  1.00 32.25 ? 102  ALA Y CA 1 
ATOM 649 C CA . ILE K 11 103 ? -15.819 11.043  -7.686  1.00 35.23 ? 103  ILE Y CA 1 
ATOM 650 C CA . LEU K 11 104 ? -16.898 8.844   -4.837  0.93 35.17 ? 104  LEU Y CA 1 
ATOM 651 C CA . VAL K 11 105 ? -18.845 5.887   -6.120  0.98 37.86 ? 105  VAL Y CA 1 
ATOM 652 C CA . VAL K 11 106 ? -21.229 4.134   -3.856  0.98 36.07 ? 106  VAL Y CA 1 
ATOM 653 C CA . SER K 11 107 ? -23.241 1.181   -4.936  0.97 43.08 ? 107  SER Y CA 1 
ATOM 654 C CA . ALA K 11 108 ? -26.846 1.843   -4.069  0.88 42.39 ? 108  ALA Y CA 1 
ATOM 655 C CA . ALA K 11 109 ? -27.322 -1.802  -3.564  0.99 47.10 ? 109  ALA Y CA 1 
ATOM 656 C CA . ASP K 11 110 ? -24.609 -2.048  -0.938  1.00 48.26 ? 110  ASP Y CA 1 
ATOM 657 C CA . GLY K 11 111 ? -24.662 1.341   0.760   0.95 41.16 ? 111  GLY Y CA 1 
ATOM 658 C CA . PRO K 11 112 ? -21.535 2.758   2.275   1.00 31.53 ? 112  PRO Y CA 1 
ATOM 659 C CA . MET K 11 113 ? -18.903 0.083   2.993   1.00 29.57 ? 113  MET Y CA 1 
ATOM 660 C CA . PRO K 11 114 ? -15.431 0.301   4.472   0.97 33.03 ? 114  PRO Y CA 1 
ATOM 661 C CA . GLN K 11 115 ? -13.222 1.667   1.824   1.00 28.41 ? 115  GLN Y CA 1 
ATOM 662 C CA . THR K 11 116 ? -16.073 4.101   1.262   1.00 30.99 ? 116  THR Y CA 1 
ATOM 663 C CA . ARG K 11 117 ? -15.022 5.511   4.560   1.00 35.35 ? 117  ARG Y CA 1 
ATOM 664 C CA . GLU K 11 118 ? -11.337 4.968   4.042   0.98 29.82 ? 118  GLU Y CA 1 
ATOM 665 C CA . HIS K 11 119 ? -11.168 6.439   0.647   1.00 33.03 ? 119  HIS Y CA 1 
ATOM 666 C CA . ILE K 11 120 ? -12.904 9.505   1.782   0.99 24.02 ? 120  ILE Y CA 1 
ATOM 667 C CA . LEU K 11 121 ? -10.436 10.028  4.596   1.00 29.83 ? 121  LEU Y CA 1 
ATOM 668 C CA . LEU K 11 122 ? -7.507  9.067   2.594   1.00 29.61 ? 122  LEU Y CA 1 
ATOM 669 C CA . ALA K 11 123 ? -8.452  11.419  -0.242  0.87 37.90 ? 123  ALA Y CA 1 
ATOM 670 C CA . ARG K 11 124 ? -8.418  14.155  2.245   1.00 31.36 ? 124  ARG Y CA 1 
ATOM 671 C CA . GLN K 11 125 ? -5.094  13.419  3.769   0.91 41.60 ? 125  GLN Y CA 1 
ATOM 672 C CA . VAL K 11 126 ? -3.849  13.522  0.254   0.99 46.00 ? 126  VAL Y CA 1 
ATOM 673 C CA . GLY K 11 127 ? -5.228  16.872  -0.747  1.00 40.79 ? 127  GLY Y CA 1 
ATOM 674 C CA . VAL K 11 128 ? -8.585  16.148  -2.434  1.00 31.93 ? 128  VAL Y CA 1 
ATOM 675 C CA . PRO K 11 129 ? -10.736 19.162  -1.858  0.77 31.96 ? 129  PRO Y CA 1 
ATOM 676 C CA . TYR K 11 130 ? -13.993 18.219  -3.446  1.00 31.02 ? 130  TYR Y CA 1 
ATOM 677 C CA . ILE K 11 131 ? -15.917 15.077  -3.861  0.96 32.87 ? 131  ILE Y CA 1 
ATOM 678 C CA . VAL K 11 132 ? -18.891 14.498  -6.039  1.00 44.66 ? 132  VAL Y CA 1 
ATOM 679 C CA . VAL K 11 133 ? -20.736 11.326  -5.249  1.00 39.49 ? 133  VAL Y CA 1 
ATOM 680 C CA . PHE K 11 134 ? -22.190 8.895   -7.681  1.00 40.98 ? 134  PHE Y CA 1 
ATOM 681 C CA . MET K 11 135 ? -24.635 6.452   -6.265  1.00 43.42 ? 135  MET Y CA 1 
ATOM 682 C CA . ASN K 11 136 ? -24.225 3.566   -8.624  1.00 51.27 ? 136  ASN Y CA 1 
ATOM 683 C CA . LYS K 11 137 ? -26.078 0.298   -9.271  1.00 38.33 ? 137  LYS Y CA 1 
ATOM 684 C CA . VAL K 11 138 ? -29.396 2.067   -9.013  0.96 51.34 ? 138  VAL Y CA 1 
ATOM 685 C CA . ASP K 11 139 ? -30.823 -0.201  -11.689 1.00 54.41 ? 139  ASP Y CA 1 
ATOM 686 C CA . MET K 11 140 ? -30.616 -2.807  -9.015  1.00 41.62 ? 140  MET Y CA 1 
ATOM 687 C CA . VAL K 11 141 ? -32.814 -0.984  -6.582  0.91 52.71 ? 141  VAL Y CA 1 
ATOM 688 C CA . ASP K 11 142 ? -36.162 0.728   -6.363  0.85 63.43 ? 142  ASP Y CA 1 
ATOM 689 C CA . ASP K 11 143 ? -37.165 1.321   -2.746  1.00 54.23 ? 143  ASP Y CA 1 
ATOM 690 C CA . PRO K 11 144 ? -36.633 4.995   -2.727  1.00 51.37 ? 144  PRO Y CA 1 
ATOM 691 C CA . GLU K 11 145 ? -36.195 4.984   1.010   1.00 52.09 ? 145  GLU Y CA 1 
ATOM 692 C CA . LEU K 11 146 ? -33.262 2.694   0.710   1.00 44.53 ? 146  LEU Y CA 1 
ATOM 693 C CA . LEU K 11 147 ? -31.835 5.053   -1.887  0.97 49.72 ? 147  LEU Y CA 1 
ATOM 694 C CA . ASP K 11 148 ? -32.551 8.073   0.215   0.96 51.06 ? 148  ASP Y CA 1 
ATOM 695 C CA . LEU K 11 149 ? -30.901 6.347   3.124   1.00 49.90 ? 149  LEU Y CA 1 
ATOM 696 C CA . VAL K 11 150 ? -27.718 5.501   1.415   1.00 36.71 ? 150  VAL Y CA 1 
ATOM 697 C CA . GLU K 11 151 ? -27.493 9.143   0.485   0.95 38.70 ? 151  GLU Y CA 1 
ATOM 698 C CA . MET K 11 152 ? -27.737 10.332  4.117   0.99 51.55 ? 152  MET Y CA 1 
ATOM 699 C CA . GLU K 11 153 ? -25.156 7.917   5.238   0.92 45.91 ? 153  GLU Y CA 1 
ATOM 700 C CA . VAL K 11 154 ? -22.899 8.938   2.493   1.00 37.91 ? 154  VAL Y CA 1 
ATOM 701 C CA . ARG K 11 155 ? -23.300 12.566  3.303   0.95 39.87 ? 155  ARG Y CA 1 
ATOM 702 C CA . ASP K 11 156 ? -22.877 11.977  6.967   1.00 54.31 ? 156  ASP Y CA 1 
ATOM 703 C CA . LEU K 11 157 ? -19.750 10.039  6.421   1.00 38.21 ? 157  LEU Y CA 1 
ATOM 704 C CA . LEU K 11 158 ? -18.496 12.964  4.378   0.97 39.50 ? 158  LEU Y CA 1 
ATOM 705 C CA . ASN K 11 159 ? -19.302 15.306  7.160   0.96 39.29 ? 159  ASN Y CA 1 
ATOM 706 C CA . GLN K 11 160 ? -17.234 13.159  9.473   0.81 35.92 ? 160  GLN Y CA 1 
ATOM 707 C CA . TYR K 11 161 ? -14.046 13.770  7.525   1.00 28.90 ? 161  TYR Y CA 1 
ATOM 708 C CA . GLU K 11 162 ? -15.404 17.166  7.059   1.00 40.04 ? 162  GLU Y CA 1 
ATOM 709 C CA . PHE K 11 163 ? -16.357 17.458  3.445   1.00 34.90 ? 163  PHE Y CA 1 
ATOM 710 C CA . PRO K 11 164 ? -19.517 19.629  3.131   0.98 32.60 ? 164  PRO Y CA 1 
ATOM 711 C CA . GLY K 11 165 ? -21.629 16.529  2.912   0.90 36.74 ? 165  GLY Y CA 1 
ATOM 712 C CA . ASP K 11 166 ? -24.594 18.746  3.106   0.80 43.60 ? 166  ASP Y CA 1 
ATOM 713 C CA . GLU K 11 167 ? -23.778 20.439  -0.209  0.94 53.56 ? 167  GLU Y CA 1 
ATOM 714 C CA . VAL K 11 168 ? -21.968 17.619  -1.958  1.00 44.66 ? 168  VAL Y CA 1 
ATOM 715 C CA . PRO K 11 169 ? -23.660 16.725  -5.269  1.00 38.11 ? 169  PRO Y CA 1 
ATOM 716 C CA . VAL K 11 170 ? -25.189 13.279  -5.227  0.99 39.94 ? 170  VAL Y CA 1 
ATOM 717 C CA . ILE K 11 171 ? -25.900 11.652  -8.575  1.00 37.51 ? 171  ILE Y CA 1 
ATOM 718 C CA . ARG K 11 172 ? -27.830 8.377   -8.678  0.99 39.19 ? 172  ARG Y CA 1 
ATOM 719 C CA . GLY K 11 173 ? -27.469 5.878   -11.565 1.00 58.63 ? 173  GLY Y CA 1 
ATOM 720 C CA . SER K 11 174 ? -26.328 2.749   -13.369 1.00 56.03 ? 174  SER Y CA 1 
ATOM 721 C CA . ALA K 11 175 ? -22.997 2.952   -15.094 1.00 48.72 ? 175  ALA Y CA 1 
ATOM 722 C CA . LEU K 11 176 ? -23.371 -0.493  -16.441 1.00 55.98 ? 176  LEU Y CA 1 
ATOM 723 C CA . LEU K 11 177 ? -26.488 0.581   -18.223 1.00 46.05 ? 177  LEU Y CA 1 
ATOM 724 C CA . ALA K 11 178 ? -24.951 3.703   -19.635 1.00 51.22 ? 178  ALA Y CA 1 
ATOM 725 C CA . LEU K 11 179 ? -21.980 1.867   -20.949 1.00 45.61 ? 179  LEU Y CA 1 
ATOM 726 C CA . GLU K 11 180 ? -24.120 -0.899  -22.348 0.91 60.09 ? 180  GLU Y CA 1 
ATOM 727 C CA . GLU K 11 181 ? -26.147 1.699   -24.091 1.00 58.41 ? 181  GLU Y CA 1 
ATOM 728 C CA . MET K 11 182 ? -23.129 3.371   -25.633 0.91 58.59 ? 182  MET Y CA 1 
ATOM 729 C CA . HIS K 11 183 ? -22.183 -0.037  -26.761 1.00 67.33 ? 183  HIS Y CA 1 
ATOM 730 C CA . LYS K 11 184 ? -25.467 -0.433  -28.739 1.00 64.10 ? 184  LYS Y CA 1 
ATOM 731 C CA . ASN K 11 185 ? -24.739 3.067   -29.836 1.00 64.30 ? 185  ASN Y CA 1 
ATOM 732 C CA . PRO K 11 186 ? -21.879 5.260   -29.471 1.00 57.94 ? 186  PRO Y CA 1 
ATOM 733 C CA . LYS K 11 187 ? -23.566 8.250   -30.835 1.00 53.26 ? 187  LYS Y CA 1 
ATOM 734 C CA . THR K 11 188 ? -26.155 8.708   -28.173 1.00 42.64 ? 188  THR Y CA 1 
ATOM 735 C CA . LYS K 11 189 ? -26.381 12.292  -27.021 1.00 50.15 ? 189  LYS Y CA 1 
ATOM 736 C CA . ARG K 11 190 ? -27.967 14.015  -24.090 0.83 66.56 ? 190  ARG Y CA 1 
ATOM 737 C CA . GLY K 11 191 ? -31.717 13.536  -23.893 0.58 66.37 ? 191  GLY Y CA 1 
ATOM 738 C CA . GLU K 11 192 ? -31.584 10.435  -26.028 0.81 70.50 ? 192  GLU Y CA 1 
ATOM 739 C CA . ASN K 11 193 ? -31.112 8.223   -23.119 1.00 73.42 ? 193  ASN Y CA 1 
ATOM 740 C CA . GLU K 11 194 ? -32.167 7.944   -19.558 0.90 67.83 ? 194  GLU Y CA 1 
ATOM 741 C CA . TRP K 11 195 ? -29.097 6.113   -18.178 1.00 53.90 ? 195  TRP Y CA 1 
ATOM 742 C CA . VAL K 11 196 ? -26.784 8.010   -20.407 0.91 48.89 ? 196  VAL Y CA 1 
ATOM 743 C CA . ASP K 11 197 ? -28.293 11.262  -19.212 0.77 47.10 ? 197  ASP Y CA 1 
ATOM 744 C CA . LYS K 11 198 ? -27.345 10.524  -15.586 1.00 48.83 ? 198  LYS Y CA 1 
ATOM 745 C CA . ILE K 11 199 ? -23.700 10.519  -16.735 1.00 43.87 ? 199  ILE Y CA 1 
ATOM 746 C CA . TRP K 11 200 ? -24.348 13.938  -18.168 1.00 42.98 ? 200  TRP Y CA 1 
ATOM 747 C CA . GLU K 11 201 ? -25.513 14.781  -14.693 0.93 44.24 ? 201  GLU Y CA 1 
ATOM 748 C CA . LEU K 11 202 ? -22.249 13.485  -13.318 1.00 39.05 ? 202  LEU Y CA 1 
ATOM 749 C CA . LEU K 11 203 ? -20.346 15.241  -15.982 1.00 44.64 ? 203  LEU Y CA 1 
ATOM 750 C CA . ASP K 11 204 ? -22.155 18.370  -15.128 0.74 46.30 ? 204  ASP Y CA 1 
ATOM 751 C CA . ALA K 11 205 ? -21.559 18.071  -11.423 0.92 44.40 ? 205  ALA Y CA 1 
ATOM 752 C CA . ILE K 11 206 ? -17.939 17.674  -12.129 0.98 41.55 ? 206  ILE Y CA 1 
ATOM 753 C CA . ASP K 11 207 ? -17.924 20.656  -14.481 0.85 51.93 ? 207  ASP Y CA 1 
ATOM 754 C CA . GLU K 11 208 ? -19.865 22.803  -12.050 0.94 49.75 ? 208  GLU Y CA 1 
ATOM 755 C CA . TYR K 11 209 ? -19.053 21.750  -8.405  1.00 34.15 ? 209  TYR Y CA 1 
ATOM 756 C CA . ILE K 11 210 ? -15.369 21.002  -8.652  0.85 36.88 ? 210  ILE Y CA 1 
ATOM 757 C CA . PRO K 11 211 ? -13.916 24.413  -9.167  0.92 45.06 ? 211  PRO Y CA 1 
ATOM 758 C CA . THR K 11 212 ? -10.994 24.622  -11.446 1.00 49.64 ? 212  THR Y CA 1 
ATOM 759 C CA . PRO K 11 213 ? -8.143  25.410  -9.107  0.98 48.50 ? 213  PRO Y CA 1 
ATOM 760 C CA . VAL K 11 214 ? -5.850  28.337  -8.971  0.88 64.21 ? 214  VAL Y CA 1 
ATOM 761 C CA . ARG K 11 215 ? -2.413  27.331  -10.177 0.97 75.77 ? 215  ARG Y CA 1 
ATOM 762 C CA . ASP K 11 216 ? 0.781   28.874  -8.806  1.00 81.32 ? 216  ASP Y CA 1 
ATOM 763 C CA . VAL K 11 217 ? 2.691   28.785  -12.062 0.97 65.69 ? 217  VAL Y CA 1 
ATOM 764 C CA . ASP K 11 218 ? 5.041   31.262  -10.593 0.97 67.43 ? 218  ASP Y CA 1 
ATOM 765 C CA . LYS K 11 219 ? 6.394   29.387  -7.626  1.00 62.67 ? 219  LYS Y CA 1 
ATOM 766 C CA . PRO K 11 220 ? 9.327   27.070  -8.234  0.74 48.97 ? 220  PRO Y CA 1 
ATOM 767 C CA . PHE K 11 221 ? 8.646   23.897  -10.157 0.89 50.80 ? 221  PHE Y CA 1 
ATOM 768 C CA . LEU K 11 222 ? 7.516   20.979  -8.072  1.00 42.13 ? 222  LEU Y CA 1 
ATOM 769 C CA . MET K 11 223 ? 6.182   17.700  -9.339  1.00 38.41 ? 223  MET Y CA 1 
ATOM 770 C CA . PRO K 11 224 ? 5.703   14.610  -7.337  1.00 22.66 ? 224  PRO Y CA 1 
ATOM 771 C CA . VAL K 11 225 ? 6.554   11.338  -9.048  0.95 33.20 ? 225  VAL Y CA 1 
ATOM 772 C CA . GLU K 11 226 ? 3.559   8.999   -9.447  1.00 32.30 ? 226  GLU Y CA 1 
ATOM 773 C CA . ASP K 11 227 ? 5.117   6.636   -11.737 1.00 23.94 ? 227  ASP Y CA 1 
ATOM 774 C CA . VAL K 11 228 ? 8.055   5.795   -13.787 0.83 27.49 ? 228  VAL Y CA 1 
ATOM 775 C CA . PHE K 11 229 ? 8.632   4.322   -17.258 0.98 36.80 ? 229  PHE Y CA 1 
ATOM 776 C CA . THR K 11 230 ? 11.258  3.178   -19.597 1.00 47.02 ? 230  THR Y CA 1 
ATOM 777 C CA . ILE K 11 231 ? 10.284  4.299   -23.027 0.80 46.19 ? 231  ILE Y CA 1 
ATOM 778 C CA . THR K 11 232 ? 11.371  2.948   -26.429 0.92 63.98 ? 232  THR Y CA 1 
ATOM 779 C CA . GLY K 11 233 ? 14.273  4.867   -27.975 1.00 51.93 ? 233  GLY Y CA 1 
ATOM 780 C CA . ARG K 11 234 ? 13.707  7.856   -25.672 0.95 57.10 ? 234  ARG Y CA 1 
ATOM 781 C CA . GLY K 11 235 ? 14.431  6.733   -22.108 1.00 45.78 ? 235  GLY Y CA 1 
ATOM 782 C CA . THR K 11 236 ? 13.369  7.311   -18.518 1.00 41.04 ? 236  THR Y CA 1 
ATOM 783 C CA . VAL K 11 237 ? 10.039  8.984   -18.057 1.00 47.32 ? 237  VAL Y CA 1 
ATOM 784 C CA . ALA K 11 238 ? 8.570   10.311  -14.846 1.00 43.86 ? 238  ALA Y CA 1 
ATOM 785 C CA . THR K 11 239 ? 4.877   10.887  -14.646 1.00 43.80 ? 239  THR Y CA 1 
ATOM 786 C CA . GLY K 11 240 ? 2.989   13.097  -12.227 0.99 39.55 ? 240  GLY Y CA 1 
ATOM 787 C CA . ARG K 11 241 ? 0.766   16.100  -11.512 0.99 27.75 ? 241  ARG Y CA 1 
ATOM 788 C CA . ILE K 11 242 ? 2.638   19.440  -11.466 1.00 35.96 ? 242  ILE Y CA 1 
ATOM 789 C CA . GLU K 11 243 ? 2.358   20.858  -8.057  0.95 34.30 ? 243  GLU Y CA 1 
ATOM 790 C CA . ARG K 11 244 ? 3.268   24.440  -8.889  1.00 40.60 ? 244  ARG Y CA 1 
ATOM 791 C CA . GLY K 11 245 ? 5.359   26.402  -11.418 0.85 46.42 ? 245  GLY Y CA 1 
ATOM 792 C CA . LYS K 11 246 ? 6.459   24.836  -14.731 0.74 49.99 ? 246  LYS Y CA 1 
ATOM 793 C CA . VAL K 11 247 ? 8.596   22.963  -17.272 0.99 51.35 ? 247  VAL Y CA 1 
ATOM 794 C CA . LYS K 11 248 ? 9.710   22.738  -20.738 1.00 58.00 ? 248  LYS Y CA 1 
ATOM 795 C CA . VAL K 11 249 ? 12.273  20.644  -22.388 0.77 45.90 ? 249  VAL Y CA 1 
ATOM 796 C CA . GLY K 11 250 ? 15.686  21.918  -21.745 0.96 35.43 ? 250  GLY Y CA 1 
ATOM 797 C CA . ASP K 11 251 ? 14.963  22.900  -18.103 0.99 34.35 ? 251  ASP Y CA 1 
ATOM 798 C CA . GLU K 11 252 ? 17.224  21.012  -15.700 0.97 50.30 ? 252  GLU Y CA 1 
ATOM 799 C CA . VAL K 11 253 ? 15.552  19.572  -12.630 0.89 49.78 ? 253  VAL Y CA 1 
ATOM 800 C CA . GLU K 11 254 ? 16.124  17.963  -9.297  0.96 51.60 ? 254  GLU Y CA 1 
ATOM 801 C CA . ILE K 11 255 ? 15.038  14.462  -8.277  1.00 31.18 ? 255  ILE Y CA 1 
ATOM 802 C CA . VAL K 11 256 ? 14.579  14.925  -4.524  1.00 38.39 ? 256  VAL Y CA 1 
ATOM 803 C CA . GLY K 11 257 ? 13.995  12.440  -1.671  0.63 45.85 ? 257  GLY Y CA 1 
ATOM 804 C CA . LEU K 11 258 ? 13.976  8.694   -0.828  0.88 38.75 ? 258  LEU Y CA 1 
ATOM 805 C CA . ALA K 11 259 ? 17.686  8.574   -1.301  0.64 43.60 ? 259  ALA Y CA 1 
ATOM 806 C CA . PRO K 11 260 ? 21.042  9.671   0.090   0.66 53.55 ? 260  PRO Y CA 1 
ATOM 807 C CA . GLU K 11 261 ? 21.671  12.386  -2.272  0.60 71.07 ? 261  GLU Y CA 1 
ATOM 808 C CA . THR K 11 262 ? 19.366  14.212  -4.562  0.53 53.42 ? 262  THR Y CA 1 
ATOM 809 C CA . ARG K 11 263 ? 20.252  14.171  -8.295  0.68 54.40 ? 263  ARG Y CA 1 
ATOM 810 C CA . LYS K 11 264 ? 20.045  16.488  -11.361 0.80 55.67 ? 264  LYS Y CA 1 
ATOM 811 C CA . THR K 11 265 ? 18.723  16.063  -14.904 0.92 55.11 ? 265  THR Y CA 1 
ATOM 812 C CA . VAL K 11 266 ? 17.424  18.105  -17.755 0.87 58.35 ? 266  VAL Y CA 1 
ATOM 813 C CA . VAL K 11 267 ? 13.940  17.386  -18.913 0.92 49.66 ? 267  VAL Y CA 1 
ATOM 814 C CA . THR K 11 268 ? 14.086  16.235  -22.537 0.86 47.95 ? 268  THR Y CA 1 
ATOM 815 C CA . GLY K 11 269 ? 10.352  15.441  -23.087 1.00 42.30 ? 269  GLY Y CA 1 
ATOM 816 C CA . VAL K 11 270 ? 6.975   16.738  -21.880 1.00 39.39 ? 270  VAL Y CA 1 
ATOM 817 C CA . GLU K 11 271 ? 3.786   14.989  -22.757 0.96 40.13 ? 271  GLU Y CA 1 
ATOM 818 C CA . MET K 11 272 ? 0.193   14.801  -21.537 0.99 46.49 ? 272  MET Y CA 1 
ATOM 819 C CA . HIS K 11 273 ? -1.726  11.769  -22.590 1.00 48.81 ? 273  HIS Y CA 1 
ATOM 820 C CA . ARG K 11 274 ? 0.910   10.720  -25.046 1.00 48.66 ? 274  ARG Y CA 1 
ATOM 821 C CA . LYS K 11 275 ? 0.827   14.185  -26.761 1.00 40.40 ? 275  LYS Y CA 1 
ATOM 822 C CA . THR K 11 276 ? 3.601   16.751  -26.889 1.00 45.12 ? 276  THR Y CA 1 
ATOM 823 C CA . LEU K 11 277 ? 3.383   19.822  -24.766 1.00 41.64 ? 277  LEU Y CA 1 
ATOM 824 C CA . GLN K 11 278 ? 5.650   22.805  -25.270 1.00 58.60 ? 278  GLN Y CA 1 
ATOM 825 C CA . GLU K 11 279 ? 5.663   23.484  -21.602 0.68 48.56 ? 279  GLU Y CA 1 
ATOM 826 C CA . GLY K 11 280 ? 3.622   21.837  -18.945 0.92 45.78 ? 280  GLY Y CA 1 
ATOM 827 C CA . ILE K 11 281 ? 2.301   23.994  -16.194 1.00 40.73 ? 281  ILE Y CA 1 
ATOM 828 C CA . ALA K 11 282 ? 0.962   23.494  -12.639 1.00 36.16 ? 282  ALA Y CA 1 
ATOM 829 C CA . GLY K 11 283 ? -2.046  21.123  -12.905 1.00 30.66 ? 283  GLY Y CA 1 
ATOM 830 C CA . ASP K 11 284 ? -0.778  19.151  -15.853 1.00 34.38 ? 284  ASP Y CA 1 
ATOM 831 C CA . ASN K 11 285 ? -0.681  15.483  -15.409 0.99 41.11 ? 285  ASN Y CA 1 
ATOM 832 C CA . VAL K 11 286 ? 2.473   15.066  -17.369 1.00 31.44 ? 286  VAL Y CA 1 
ATOM 833 C CA . GLY K 11 287 ? 5.262   12.655  -18.257 1.00 33.21 ? 287  GLY Y CA 1 
ATOM 834 C CA . LEU K 11 288 ? 8.917   13.836  -18.385 1.00 46.40 ? 288  LEU Y CA 1 
ATOM 835 C CA . LEU K 11 289 ? 11.846  12.387  -20.239 1.00 40.28 ? 289  LEU Y CA 1 
ATOM 836 C CA . LEU K 11 290 ? 14.971  12.851  -18.169 1.00 38.05 ? 290  LEU Y CA 1 
ATOM 837 C CA . ARG K 11 291 ? 18.470  13.044  -19.433 0.93 49.88 ? 291  ARG Y CA 1 
ATOM 838 C CA . GLY K 11 292 ? 20.214  9.824   -18.452 0.56 52.80 ? 292  GLY Y CA 1 
ATOM 839 C CA . VAL K 11 293 ? 18.480  8.641   -15.341 0.96 45.05 ? 293  VAL Y CA 1 
ATOM 840 C CA . SER K 11 294 ? 17.791  4.908   -15.129 1.00 52.70 ? 294  SER Y CA 1 
ATOM 841 C CA . ARG K 11 295 ? 14.585  3.440   -13.721 1.00 64.50 ? 295  ARG Y CA 1 
ATOM 842 C CA . GLU K 11 296 ? 16.659  2.832   -10.650 0.99 56.83 ? 296  GLU Y CA 1 
ATOM 843 C CA . GLU K 11 297 ? 17.362  6.523   -10.240 1.00 44.73 ? 297  GLU Y CA 1 
ATOM 844 C CA . VAL K 11 298 ? 13.803  7.620   -10.334 1.00 39.88 ? 298  VAL Y CA 1 
ATOM 845 C CA . GLU K 11 299 ? 10.818  6.371   -8.606  1.00 34.99 ? 299  GLU Y CA 1 
ATOM 846 C CA . ARG K 11 300 ? 7.436   7.018   -7.318  0.99 31.02 ? 300  ARG Y CA 1 
ATOM 847 C CA . GLY K 11 301 ? 7.516   8.988   -4.092  0.92 46.14 ? 301  GLY Y CA 1 
ATOM 848 C CA . GLN K 11 302 ? 10.465  11.175  -5.025  1.00 45.41 ? 302  GLN Y CA 1 
ATOM 849 C CA . VAL K 11 303 ? 9.994   14.690  -6.305  0.99 53.27 ? 303  VAL Y CA 1 
ATOM 850 C CA . LEU K 11 304 ? 10.939  16.858  -9.206  1.00 47.59 ? 304  LEU Y CA 1 
ATOM 851 C CA . ALA K 11 305 ? 11.773  20.343  -8.288  0.97 48.91 ? 305  ALA Y CA 1 
ATOM 852 C CA . LYS K 11 306 ? 13.664  23.447  -9.180  0.62 48.11 ? 306  LYS Y CA 1 
ATOM 853 C CA . PRO K 11 307 ? 17.301  22.602  -8.355  0.90 41.69 ? 307  PRO Y CA 1 
ATOM 854 C CA . GLY K 11 308 ? 18.076  23.728  -4.853  0.72 43.87 ? 308  GLY Y CA 1 
ATOM 855 C CA . SER K 11 309 ? 14.418  24.795  -4.457  0.92 40.05 ? 309  SER Y CA 1 
ATOM 856 C CA . ILE K 11 310 ? 14.005  21.912  -1.973  1.00 47.62 ? 310  ILE Y CA 1 
ATOM 857 C CA . THR K 11 311 ? 14.923  20.145  1.220   0.89 49.98 ? 311  THR Y CA 1 
ATOM 858 C CA . PRO K 11 312 ? 14.192  16.483  1.912   1.00 54.76 ? 312  PRO Y CA 1 
ATOM 859 C CA . HIS K 11 313 ? 13.598  15.693  5.572   1.00 58.14 ? 313  HIS Y CA 1 
ATOM 860 C CA . THR K 11 314 ? 13.569  13.065  8.269   1.00 42.80 ? 314  THR Y CA 1 
ATOM 861 C CA . LYS K 11 315 ? 12.222  14.305  11.552  1.00 50.36 ? 315  LYS Y CA 1 
ATOM 862 C CA . PHE K 11 316 ? 9.351   16.469  12.408  1.00 40.50 ? 316  PHE Y CA 1 
ATOM 863 C CA . GLU K 11 317 ? 6.801   17.246  14.998  1.00 52.75 ? 317  GLU Y CA 1 
ATOM 864 C CA . ALA K 11 318 ? 3.242   16.420  13.904  1.00 47.45 ? 318  ALA Y CA 1 
ATOM 865 C CA . SER K 11 319 ? -0.272  16.860  15.199  0.87 42.87 ? 319  SER Y CA 1 
ATOM 866 C CA . VAL K 11 320 ? -2.122  13.635  14.697  1.00 34.92 ? 320  VAL Y CA 1 
ATOM 867 C CA . TYR K 11 321 ? -5.470  11.994  15.193  1.00 36.23 ? 321  TYR Y CA 1 
ATOM 868 C CA . ILE K 11 322 ? -5.538  8.261   15.736  1.00 40.00 ? 322  ILE Y CA 1 
ATOM 869 C CA . LEU K 11 323 ? -8.571  6.487   14.399  1.00 39.04 ? 323  LEU Y CA 1 
ATOM 870 C CA . LYS K 11 324 ? -11.049 4.517   16.419  1.00 38.26 ? 324  LYS Y CA 1 
ATOM 871 C CA . LYS K 11 325 ? -11.234 0.757   15.955  0.97 55.29 ? 325  LYS Y CA 1 
ATOM 872 C CA . GLU K 11 326 ? -14.691 1.714   14.911  0.99 64.64 ? 326  GLU Y CA 1 
ATOM 873 C CA . GLU K 11 327 ? -13.422 4.027   12.175  1.00 37.99 ? 327  GLU Y CA 1 
ATOM 874 C CA . GLY K 11 328 ? -11.387 1.132   10.787  0.96 17.27 ? 328  GLY Y CA 1 
ATOM 875 C CA . GLY K 11 329 ? -8.441  1.829   13.102  0.97 24.28 ? 329  GLY Y CA 1 
ATOM 876 C CA . ARG K 11 330 ? -6.284  0.151   15.762  0.97 32.57 ? 330  ARG Y CA 1 
ATOM 877 C CA . HIS K 11 331 ? -7.906  -1.219  18.902  0.86 39.89 ? 331  HIS Y CA 1 
ATOM 878 C CA . THR K 11 332 ? -4.858  -1.038  21.197  1.00 31.51 ? 332  THR Y CA 1 
ATOM 879 C CA . GLY K 11 333 ? -2.748  1.981   22.185  1.00 30.09 ? 333  GLY Y CA 1 
ATOM 880 C CA . PHE K 11 334 ? 0.888   2.249   21.029  0.87 34.32 ? 334  PHE Y CA 1 
ATOM 881 C CA . PHE K 11 335 ? 4.047   3.784   22.454  1.00 33.05 ? 335  PHE Y CA 1 
ATOM 882 C CA . THR K 11 336 ? 7.332   5.095   21.439  0.90 26.07 ? 336  THR Y CA 1 
ATOM 883 C CA . GLY K 11 337 ? 9.201   2.767   19.106  0.89 33.82 ? 337  GLY Y CA 1 
ATOM 884 C CA . TYR K 11 338 ? 6.059   2.067   16.998  0.98 24.02 ? 338  TYR Y CA 1 
ATOM 885 C CA . ARG K 11 339 ? 6.929   2.198   13.458  0.99 27.99 ? 339  ARG Y CA 1 
ATOM 886 C CA . PRO K 11 340 ? 4.107   2.444   10.946  1.00 24.91 ? 340  PRO Y CA 1 
ATOM 887 C CA . GLN K 11 341 ? 4.079   4.006   7.462   0.93 32.83 ? 341  GLN Y CA 1 
ATOM 888 C CA . PHE K 11 342 ? 3.685   7.657   6.470   0.98 32.27 ? 342  PHE Y CA 1 
ATOM 889 C CA . TYR K 11 343 ? 1.964   8.825   3.329   1.00 36.76 ? 343  TYR Y CA 1 
ATOM 890 C CA . PHE K 11 344 ? 2.617   12.291  2.028   0.88 39.16 ? 344  PHE Y CA 1 
ATOM 891 C CA . ARG K 11 345 ? 1.281   12.808  -1.458  0.88 34.75 ? 345  ARG Y CA 1 
ATOM 892 C CA . THR K 11 346 ? 2.603   9.884   -3.636  1.00 32.86 ? 346  THR Y CA 1 
ATOM 893 C CA . THR K 11 347 ? 5.115   9.115   -0.919  1.00 41.63 ? 347  THR Y CA 1 
ATOM 894 C CA . ASP K 11 348 ? 4.885   6.433   1.614   0.95 39.89 ? 348  ASP Y CA 1 
ATOM 895 C CA . VAL K 11 349 ? 7.787   5.900   4.112   0.80 43.16 ? 349  VAL Y CA 1 
ATOM 896 C CA . THR K 11 350 ? 8.240   4.039   7.354   0.85 41.91 ? 350  THR Y CA 1 
ATOM 897 C CA . GLY K 11 351 ? 8.885   6.080   10.493  1.00 32.24 ? 351  GLY Y CA 1 
ATOM 898 C CA . VAL K 11 352 ? 9.522   5.525   14.208  1.00 25.63 ? 352  VAL Y CA 1 
ATOM 899 C CA . VAL K 11 353 ? 7.057   7.420   16.397  1.00 27.47 ? 353  VAL Y CA 1 
ATOM 900 C CA . ARG K 11 354 ? 8.399   9.119   19.564  0.96 33.86 ? 354  ARG Y CA 1 
ATOM 901 C CA . LEU K 11 355 ? 5.836   10.156  22.177  1.00 30.18 ? 355  LEU Y CA 1 
ATOM 902 C CA . PRO K 11 356 ? 6.552   13.575  23.781  0.82 38.36 ? 356  PRO Y CA 1 
ATOM 903 C CA . GLN K 11 357 ? 7.102   13.608  27.615  1.00 63.78 ? 357  GLN Y CA 1 
ATOM 904 C CA . GLY K 11 358 ? 3.944   13.255  29.573  0.98 54.94 ? 358  GLY Y CA 1 
ATOM 905 C CA . VAL K 11 359 ? 2.567   10.799  27.001  0.80 45.99 ? 359  VAL Y CA 1 
ATOM 906 C CA . GLU K 11 360 ? 3.359   7.050   27.251  1.00 54.91 ? 360  GLU Y CA 1 
ATOM 907 C CA . MET K 11 361 ? 0.876   5.281   25.059  1.00 43.07 ? 361  MET Y CA 1 
ATOM 908 C CA . VAL K 11 362 ? -1.507  6.713   22.459  1.00 41.74 ? 362  VAL Y CA 1 
ATOM 909 C CA . MET K 11 363 ? -4.941  5.239   22.277  1.00 24.47 ? 363  MET Y CA 1 
ATOM 910 C CA . PRO K 11 364 ? -7.363  4.736   19.458  0.86 30.56 ? 364  PRO Y CA 1 
ATOM 911 C CA . GLY K 11 365 ? -9.280  7.951   19.028  0.92 30.06 ? 365  GLY Y CA 1 
ATOM 912 C CA . ASP K 11 366 ? -6.848  10.291  20.628  0.92 37.29 ? 366  ASP Y CA 1 
ATOM 913 C CA . ASN K 11 367 ? -5.380  13.384  19.131  0.63 37.32 ? 367  ASN Y CA 1 
ATOM 914 C CA . VAL K 11 368 ? -1.731  13.256  20.118  1.00 37.47 ? 368  VAL Y CA 1 
ATOM 915 C CA . THR K 11 369 ? 1.174   15.205  18.713  1.00 39.69 ? 369  THR Y CA 1 
ATOM 916 C CA . PHE K 11 370 ? 4.559   13.645  18.414  1.00 38.23 ? 370  PHE Y CA 1 
ATOM 917 C CA . THR K 11 371 ? 7.704   13.277  16.578  1.00 42.95 ? 371  THR Y CA 1 
ATOM 918 C CA . VAL K 11 372 ? 8.474   10.942  13.789  1.00 30.90 ? 372  VAL Y CA 1 
ATOM 919 C CA . GLU K 11 373 ? 11.792  10.108  12.350  1.00 35.79 ? 373  GLU Y CA 1 
ATOM 920 C CA . LEU K 11 374 ? 11.450  8.748   8.820   0.98 32.57 ? 374  LEU Y CA 1 
ATOM 921 C CA . ILE K 11 375 ? 13.594  5.953   7.610   1.00 28.85 ? 375  ILE Y CA 1 
ATOM 922 C CA . LYS K 11 376 ? 14.306  7.841   4.386   0.90 43.37 ? 376  LYS Y CA 1 
ATOM 923 C CA . PRO K 11 377 ? 14.443  11.497  3.596   0.97 38.48 ? 377  PRO Y CA 1 
ATOM 924 C CA . VAL K 11 378 ? 11.550  13.184  1.886   0.91 46.98 ? 378  VAL Y CA 1 
ATOM 925 C CA . ALA K 11 379 ? 10.104  16.373  0.646   1.00 45.93 ? 379  ALA Y CA 1 
ATOM 926 C CA . LEU K 11 380 ? 8.349   17.825  3.636   1.00 48.33 ? 380  LEU Y CA 1 
ATOM 927 C CA . GLU K 11 381 ? 6.880   21.182  4.488   1.00 45.08 ? 381  GLU Y CA 1 
ATOM 928 C CA . GLU K 11 382 ? 5.043   22.326  7.608   0.90 45.28 ? 382  GLU Y CA 1 
ATOM 929 C CA . GLY K 11 383 ? 1.297   22.183  7.278   0.82 37.74 ? 383  GLY Y CA 1 
ATOM 930 C CA . LEU K 11 384 ? 1.785   19.194  4.960   0.94 27.76 ? 384  LEU Y CA 1 
ATOM 931 C CA . ARG K 11 385 ? -0.900  16.567  5.601   0.98 34.95 ? 385  ARG Y CA 1 
ATOM 932 C CA . PHE K 11 386 ? -0.452  12.856  5.742   0.99 40.65 ? 386  PHE Y CA 1 
ATOM 933 C CA . ALA K 11 387 ? -1.846  9.492   6.515   0.98 30.07 ? 387  ALA Y CA 1 
ATOM 934 C CA . ILE K 11 388 ? -0.511  6.801   8.802   1.00 34.36 ? 388  ILE Y CA 1 
ATOM 935 C CA . ARG K 11 389 ? -1.317  3.279   7.841   0.99 31.36 ? 389  ARG Y CA 1 
ATOM 936 C CA . GLU K 11 390 ? 0.062   0.156   9.360   0.88 29.11 ? 390  GLU Y CA 1 
ATOM 937 C CA . GLY K 11 391 ? -0.684  -3.505  9.188   0.81 30.50 ? 391  GLY Y CA 1 
ATOM 938 C CA . GLY K 11 392 ? -3.108  -3.129  6.365   0.81 24.71 ? 392  GLY Y CA 1 
ATOM 939 C CA . ARG K 11 393 ? -4.976  -0.325  7.764   1.00 23.94 ? 393  ARG Y CA 1 
ATOM 940 C CA . THR K 11 394 ? -5.203  3.339   8.125   1.00 33.11 ? 394  THR Y CA 1 
ATOM 941 C CA . VAL K 11 395 ? -4.374  4.225   11.739  1.00 38.40 ? 395  VAL Y CA 1 
ATOM 942 C CA . GLY K 11 396 ? -4.093  7.976   11.767  1.00 43.87 ? 396  GLY Y CA 1 
ATOM 943 C CA . ALA K 11 397 ? -4.315  11.233  9.940   0.99 36.53 ? 397  ALA Y CA 1 
ATOM 944 C CA . GLY K 11 398 ? -2.005  14.128  10.849  0.90 39.52 ? 398  GLY Y CA 1 
ATOM 945 C CA . VAL K 11 399 ? -0.196  17.210  9.562   0.89 34.23 ? 399  VAL Y CA 1 
ATOM 946 C CA . VAL K 11 400 ? 3.349   18.338  9.741   1.00 36.66 ? 400  VAL Y CA 1 
ATOM 947 C CA . THR K 11 401 ? 3.846   20.653  12.484  1.00 44.65 ? 401  THR Y CA 1 
ATOM 948 C CA . LYS K 11 402 ? 7.466   21.606  12.420  1.00 37.59 ? 402  LYS Y CA 1 
ATOM 949 C CA . ILE K 11 403 ? 10.526  20.149  10.794  0.95 45.15 ? 403  ILE Y CA 1 
ATOM 950 C CA . LEU K 11 404 ? 13.123  18.608  13.027  1.00 49.83 ? 404  LEU Y CA 1 
ATOM 951 C CA . GLU K 11 405 ? 15.713  17.438  10.431  1.00 58.01 ? 405  GLU Y CA 1 
# 
